data_6EJS
# 
_entry.id   6EJS 
# 
_audit_conform.dict_name       mmcif_pdbx.dic 
_audit_conform.dict_version    5.399 
_audit_conform.dict_location   http://mmcif.pdb.org/dictionaries/ascii/mmcif_pdbx.dic 
# 
loop_
_database_2.database_id 
_database_2.database_code 
_database_2.pdbx_database_accession 
_database_2.pdbx_DOI 
PDB   6EJS         pdb_00006ejs 10.2210/pdb6ejs/pdb 
WWPDB D_1200006497 ?            ?                   
# 
loop_
_pdbx_audit_revision_history.ordinal 
_pdbx_audit_revision_history.data_content_type 
_pdbx_audit_revision_history.major_revision 
_pdbx_audit_revision_history.minor_revision 
_pdbx_audit_revision_history.revision_date 
1 'Structure model' 1 0 2019-04-10 
2 'Structure model' 1 1 2024-11-20 
# 
_pdbx_audit_revision_details.ordinal             1 
_pdbx_audit_revision_details.revision_ordinal    1 
_pdbx_audit_revision_details.data_content_type   'Structure model' 
_pdbx_audit_revision_details.provider            repository 
_pdbx_audit_revision_details.type                'Initial release' 
_pdbx_audit_revision_details.description         ? 
_pdbx_audit_revision_details.details             ? 
# 
loop_
_pdbx_audit_revision_group.ordinal 
_pdbx_audit_revision_group.revision_ordinal 
_pdbx_audit_revision_group.data_content_type 
_pdbx_audit_revision_group.group 
1 2 'Structure model' 'Data collection'     
2 2 'Structure model' 'Database references' 
3 2 'Structure model' 'Structure summary'   
# 
loop_
_pdbx_audit_revision_category.ordinal 
_pdbx_audit_revision_category.revision_ordinal 
_pdbx_audit_revision_category.data_content_type 
_pdbx_audit_revision_category.category 
1 2 'Structure model' chem_comp_atom            
2 2 'Structure model' chem_comp_bond            
3 2 'Structure model' database_2                
4 2 'Structure model' pdbx_entry_details        
5 2 'Structure model' pdbx_modification_feature 
# 
loop_
_pdbx_audit_revision_item.ordinal 
_pdbx_audit_revision_item.revision_ordinal 
_pdbx_audit_revision_item.data_content_type 
_pdbx_audit_revision_item.item 
1 2 'Structure model' '_database_2.pdbx_DOI'                
2 2 'Structure model' '_database_2.pdbx_database_accession' 
# 
_pdbx_database_status.status_code                     REL 
_pdbx_database_status.status_code_sf                  REL 
_pdbx_database_status.status_code_mr                  ? 
_pdbx_database_status.entry_id                        6EJS 
_pdbx_database_status.recvd_initial_deposition_date   2017-09-23 
_pdbx_database_status.SG_entry                        N 
_pdbx_database_status.deposit_site                    PDBE 
_pdbx_database_status.process_site                    PDBE 
_pdbx_database_status.status_code_cs                  ? 
_pdbx_database_status.methods_development_category    ? 
_pdbx_database_status.pdb_format_compatible           Y 
_pdbx_database_status.status_code_nmr_data            ? 
# 
loop_
_pdbx_database_related.db_name 
_pdbx_database_related.details 
_pdbx_database_related.db_id 
_pdbx_database_related.content_type 
PDB 'different condition' 6EJT unspecified 
PDB 'different condition' 6EJU unspecified 
PDB 'different condition' 6EJV unspecified 
# 
loop_
_audit_author.name 
_audit_author.pdbx_ordinal 
_audit_author.identifier_ORCID 
'Stransky, J.'      1 0000-0001-5139-2567 
'Dohnalek, J.'      2 ?                   
'Oestergaard, L.A.' 3 ?                   
# 
_citation.abstract                  ? 
_citation.abstract_id_CAS           ? 
_citation.book_id_ISBN              ? 
_citation.book_publisher            ? 
_citation.book_publisher_city       ? 
_citation.book_title                ? 
_citation.coordinate_linkage        ? 
_citation.country                   ? 
_citation.database_id_Medline       ? 
_citation.details                   ? 
_citation.id                        primary 
_citation.journal_abbrev            'To Be Published' 
_citation.journal_id_ASTM           ? 
_citation.journal_id_CSD            0353 
_citation.journal_id_ISSN           ? 
_citation.journal_full              ? 
_citation.journal_issue             ? 
_citation.journal_volume            ? 
_citation.language                  ? 
_citation.page_first                ? 
_citation.page_last                 ? 
_citation.title                     'Structure of novel nuclease NucB from Bacillus licheniformis' 
_citation.year                      ? 
_citation.database_id_CSD           ? 
_citation.pdbx_database_id_DOI      ? 
_citation.pdbx_database_id_PubMed   ? 
_citation.unpublished_flag          ? 
# 
loop_
_citation_author.citation_id 
_citation_author.name 
_citation_author.ordinal 
_citation_author.identifier_ORCID 
primary 'Stransky, J.'      1 ? 
primary 'Dohnalek, J.'      2 ? 
primary 'Oestergaard, L.H.' 3 ? 
# 
loop_
_entity.id 
_entity.type 
_entity.src_method 
_entity.pdbx_description 
_entity.formula_weight 
_entity.pdbx_number_of_molecules 
_entity.pdbx_ec 
_entity.pdbx_mutation 
_entity.pdbx_fragment 
_entity.details 
1 polymer     man Nuclease      12001.333 1   ? ? ? 'putative EC 3.1.21.1' 
2 non-polymer syn 'SULFATE ION' 96.063    3   ? ? ? ?                      
3 water       nat water         18.015    139 ? ? ? ?                      
# 
_entity_poly.entity_id                      1 
_entity_poly.type                           'polypeptide(L)' 
_entity_poly.nstd_linkage                   no 
_entity_poly.nstd_monomer                   no 
_entity_poly.pdbx_seq_one_letter_code       
;AARYDDILYFPASRYPETGAHISDAIKAGHSDVCTIERSGADKRRQESLKGIPTKPGFDRDEWPMAMCEEGGKGASVRYV
SSSDNRGAGSWVGNRLSGFADGTRILFIVQ
;
_entity_poly.pdbx_seq_one_letter_code_can   
;AARYDDILYFPASRYPETGAHISDAIKAGHSDVCTIERSGADKRRQESLKGIPTKPGFDRDEWPMAMCEEGGKGASVRYV
SSSDNRGAGSWVGNRLSGFADGTRILFIVQ
;
_entity_poly.pdbx_strand_id                 A 
_entity_poly.pdbx_target_identifier         ? 
# 
loop_
_pdbx_entity_nonpoly.entity_id 
_pdbx_entity_nonpoly.name 
_pdbx_entity_nonpoly.comp_id 
2 'SULFATE ION' SO4 
3 water         HOH 
# 
loop_
_entity_poly_seq.entity_id 
_entity_poly_seq.num 
_entity_poly_seq.mon_id 
_entity_poly_seq.hetero 
1 1   ALA n 
1 2   ALA n 
1 3   ARG n 
1 4   TYR n 
1 5   ASP n 
1 6   ASP n 
1 7   ILE n 
1 8   LEU n 
1 9   TYR n 
1 10  PHE n 
1 11  PRO n 
1 12  ALA n 
1 13  SER n 
1 14  ARG n 
1 15  TYR n 
1 16  PRO n 
1 17  GLU n 
1 18  THR n 
1 19  GLY n 
1 20  ALA n 
1 21  HIS n 
1 22  ILE n 
1 23  SER n 
1 24  ASP n 
1 25  ALA n 
1 26  ILE n 
1 27  LYS n 
1 28  ALA n 
1 29  GLY n 
1 30  HIS n 
1 31  SER n 
1 32  ASP n 
1 33  VAL n 
1 34  CYS n 
1 35  THR n 
1 36  ILE n 
1 37  GLU n 
1 38  ARG n 
1 39  SER n 
1 40  GLY n 
1 41  ALA n 
1 42  ASP n 
1 43  LYS n 
1 44  ARG n 
1 45  ARG n 
1 46  GLN n 
1 47  GLU n 
1 48  SER n 
1 49  LEU n 
1 50  LYS n 
1 51  GLY n 
1 52  ILE n 
1 53  PRO n 
1 54  THR n 
1 55  LYS n 
1 56  PRO n 
1 57  GLY n 
1 58  PHE n 
1 59  ASP n 
1 60  ARG n 
1 61  ASP n 
1 62  GLU n 
1 63  TRP n 
1 64  PRO n 
1 65  MET n 
1 66  ALA n 
1 67  MET n 
1 68  CYS n 
1 69  GLU n 
1 70  GLU n 
1 71  GLY n 
1 72  GLY n 
1 73  LYS n 
1 74  GLY n 
1 75  ALA n 
1 76  SER n 
1 77  VAL n 
1 78  ARG n 
1 79  TYR n 
1 80  VAL n 
1 81  SER n 
1 82  SER n 
1 83  SER n 
1 84  ASP n 
1 85  ASN n 
1 86  ARG n 
1 87  GLY n 
1 88  ALA n 
1 89  GLY n 
1 90  SER n 
1 91  TRP n 
1 92  VAL n 
1 93  GLY n 
1 94  ASN n 
1 95  ARG n 
1 96  LEU n 
1 97  SER n 
1 98  GLY n 
1 99  PHE n 
1 100 ALA n 
1 101 ASP n 
1 102 GLY n 
1 103 THR n 
1 104 ARG n 
1 105 ILE n 
1 106 LEU n 
1 107 PHE n 
1 108 ILE n 
1 109 VAL n 
1 110 GLN n 
# 
_entity_src_gen.entity_id                          1 
_entity_src_gen.pdbx_src_id                        1 
_entity_src_gen.pdbx_alt_source_flag               sample 
_entity_src_gen.pdbx_seq_type                      'Biological sequence' 
_entity_src_gen.pdbx_beg_seq_num                   1 
_entity_src_gen.pdbx_end_seq_num                   110 
_entity_src_gen.gene_src_common_name               ? 
_entity_src_gen.gene_src_genus                     ? 
_entity_src_gen.pdbx_gene_src_gene                 'nucB, BL00126' 
_entity_src_gen.gene_src_species                   ? 
_entity_src_gen.gene_src_strain                    ? 
_entity_src_gen.gene_src_tissue                    ? 
_entity_src_gen.gene_src_tissue_fraction           ? 
_entity_src_gen.gene_src_details                   ? 
_entity_src_gen.pdbx_gene_src_fragment             ? 
_entity_src_gen.pdbx_gene_src_scientific_name      'Bacillus licheniformis' 
_entity_src_gen.pdbx_gene_src_ncbi_taxonomy_id     1402 
_entity_src_gen.pdbx_gene_src_variant              ? 
_entity_src_gen.pdbx_gene_src_cell_line            ? 
_entity_src_gen.pdbx_gene_src_atcc                 ? 
_entity_src_gen.pdbx_gene_src_organ                ? 
_entity_src_gen.pdbx_gene_src_organelle            ? 
_entity_src_gen.pdbx_gene_src_cell                 ? 
_entity_src_gen.pdbx_gene_src_cellular_location    ? 
_entity_src_gen.host_org_common_name               ? 
_entity_src_gen.pdbx_host_org_scientific_name      'Bacillus subtilis' 
_entity_src_gen.pdbx_host_org_ncbi_taxonomy_id     1423 
_entity_src_gen.host_org_genus                     ? 
_entity_src_gen.pdbx_host_org_gene                 ? 
_entity_src_gen.pdbx_host_org_organ                ? 
_entity_src_gen.host_org_species                   ? 
_entity_src_gen.pdbx_host_org_tissue               ? 
_entity_src_gen.pdbx_host_org_tissue_fraction      ? 
_entity_src_gen.pdbx_host_org_strain               ? 
_entity_src_gen.pdbx_host_org_variant              ? 
_entity_src_gen.pdbx_host_org_cell_line            ? 
_entity_src_gen.pdbx_host_org_atcc                 ? 
_entity_src_gen.pdbx_host_org_culture_collection   ? 
_entity_src_gen.pdbx_host_org_cell                 ? 
_entity_src_gen.pdbx_host_org_organelle            ? 
_entity_src_gen.pdbx_host_org_cellular_location    ? 
_entity_src_gen.pdbx_host_org_vector_type          ? 
_entity_src_gen.pdbx_host_org_vector               ? 
_entity_src_gen.host_org_details                   ? 
_entity_src_gen.expression_system_id               ? 
_entity_src_gen.plasmid_name                       ? 
_entity_src_gen.plasmid_details                    ? 
_entity_src_gen.pdbx_description                   ? 
# 
loop_
_chem_comp.id 
_chem_comp.type 
_chem_comp.mon_nstd_flag 
_chem_comp.name 
_chem_comp.pdbx_synonyms 
_chem_comp.formula 
_chem_comp.formula_weight 
ALA 'L-peptide linking' y ALANINE         ? 'C3 H7 N O2'     89.093  
ARG 'L-peptide linking' y ARGININE        ? 'C6 H15 N4 O2 1' 175.209 
ASN 'L-peptide linking' y ASPARAGINE      ? 'C4 H8 N2 O3'    132.118 
ASP 'L-peptide linking' y 'ASPARTIC ACID' ? 'C4 H7 N O4'     133.103 
CYS 'L-peptide linking' y CYSTEINE        ? 'C3 H7 N O2 S'   121.158 
GLN 'L-peptide linking' y GLUTAMINE       ? 'C5 H10 N2 O3'   146.144 
GLU 'L-peptide linking' y 'GLUTAMIC ACID' ? 'C5 H9 N O4'     147.129 
GLY 'peptide linking'   y GLYCINE         ? 'C2 H5 N O2'     75.067  
HIS 'L-peptide linking' y HISTIDINE       ? 'C6 H10 N3 O2 1' 156.162 
HOH non-polymer         . WATER           ? 'H2 O'           18.015  
ILE 'L-peptide linking' y ISOLEUCINE      ? 'C6 H13 N O2'    131.173 
LEU 'L-peptide linking' y LEUCINE         ? 'C6 H13 N O2'    131.173 
LYS 'L-peptide linking' y LYSINE          ? 'C6 H15 N2 O2 1' 147.195 
MET 'L-peptide linking' y METHIONINE      ? 'C5 H11 N O2 S'  149.211 
PHE 'L-peptide linking' y PHENYLALANINE   ? 'C9 H11 N O2'    165.189 
PRO 'L-peptide linking' y PROLINE         ? 'C5 H9 N O2'     115.130 
SER 'L-peptide linking' y SERINE          ? 'C3 H7 N O3'     105.093 
SO4 non-polymer         . 'SULFATE ION'   ? 'O4 S -2'        96.063  
THR 'L-peptide linking' y THREONINE       ? 'C4 H9 N O3'     119.119 
TRP 'L-peptide linking' y TRYPTOPHAN      ? 'C11 H12 N2 O2'  204.225 
TYR 'L-peptide linking' y TYROSINE        ? 'C9 H11 N O3'    181.189 
VAL 'L-peptide linking' y VALINE          ? 'C5 H11 N O2'    117.146 
# 
loop_
_pdbx_poly_seq_scheme.asym_id 
_pdbx_poly_seq_scheme.entity_id 
_pdbx_poly_seq_scheme.seq_id 
_pdbx_poly_seq_scheme.mon_id 
_pdbx_poly_seq_scheme.ndb_seq_num 
_pdbx_poly_seq_scheme.pdb_seq_num 
_pdbx_poly_seq_scheme.auth_seq_num 
_pdbx_poly_seq_scheme.pdb_mon_id 
_pdbx_poly_seq_scheme.auth_mon_id 
_pdbx_poly_seq_scheme.pdb_strand_id 
_pdbx_poly_seq_scheme.pdb_ins_code 
_pdbx_poly_seq_scheme.hetero 
A 1 1   ALA 1   33  ?   ?   ?   A . n 
A 1 2   ALA 2   34  34  ALA ALA A . n 
A 1 3   ARG 3   35  35  ARG ARG A . n 
A 1 4   TYR 4   36  36  TYR TYR A . n 
A 1 5   ASP 5   37  37  ASP ASP A . n 
A 1 6   ASP 6   38  38  ASP ASP A . n 
A 1 7   ILE 7   39  39  ILE ILE A . n 
A 1 8   LEU 8   40  40  LEU LEU A . n 
A 1 9   TYR 9   41  41  TYR TYR A . n 
A 1 10  PHE 10  42  42  PHE PHE A . n 
A 1 11  PRO 11  43  43  PRO PRO A . n 
A 1 12  ALA 12  44  44  ALA ALA A . n 
A 1 13  SER 13  45  45  SER SER A . n 
A 1 14  ARG 14  46  46  ARG ARG A . n 
A 1 15  TYR 15  47  47  TYR TYR A . n 
A 1 16  PRO 16  48  48  PRO PRO A . n 
A 1 17  GLU 17  49  49  GLU GLU A . n 
A 1 18  THR 18  50  50  THR THR A . n 
A 1 19  GLY 19  51  51  GLY GLY A . n 
A 1 20  ALA 20  52  52  ALA ALA A . n 
A 1 21  HIS 21  53  53  HIS HIS A . n 
A 1 22  ILE 22  54  54  ILE ILE A . n 
A 1 23  SER 23  55  55  SER SER A . n 
A 1 24  ASP 24  56  56  ASP ASP A . n 
A 1 25  ALA 25  57  57  ALA ALA A . n 
A 1 26  ILE 26  58  58  ILE ILE A . n 
A 1 27  LYS 27  59  59  LYS LYS A . n 
A 1 28  ALA 28  60  60  ALA ALA A . n 
A 1 29  GLY 29  61  61  GLY GLY A . n 
A 1 30  HIS 30  62  62  HIS HIS A . n 
A 1 31  SER 31  63  63  SER SER A . n 
A 1 32  ASP 32  64  64  ASP ASP A . n 
A 1 33  VAL 33  65  65  VAL VAL A . n 
A 1 34  CYS 34  66  66  CYS CYS A . n 
A 1 35  THR 35  67  67  THR THR A . n 
A 1 36  ILE 36  68  68  ILE ILE A . n 
A 1 37  GLU 37  69  69  GLU GLU A . n 
A 1 38  ARG 38  70  70  ARG ARG A . n 
A 1 39  SER 39  71  71  SER SER A . n 
A 1 40  GLY 40  72  72  GLY GLY A . n 
A 1 41  ALA 41  73  73  ALA ALA A . n 
A 1 42  ASP 42  74  74  ASP ASP A . n 
A 1 43  LYS 43  75  75  LYS LYS A . n 
A 1 44  ARG 44  76  76  ARG ARG A . n 
A 1 45  ARG 45  77  77  ARG ARG A . n 
A 1 46  GLN 46  78  78  GLN GLN A . n 
A 1 47  GLU 47  79  79  GLU GLU A . n 
A 1 48  SER 48  80  80  SER SER A . n 
A 1 49  LEU 49  81  81  LEU LEU A . n 
A 1 50  LYS 50  82  82  LYS LYS A . n 
A 1 51  GLY 51  83  83  GLY GLY A . n 
A 1 52  ILE 52  84  84  ILE ILE A . n 
A 1 53  PRO 53  85  85  PRO PRO A . n 
A 1 54  THR 54  86  86  THR THR A . n 
A 1 55  LYS 55  87  87  LYS LYS A . n 
A 1 56  PRO 56  88  88  PRO PRO A . n 
A 1 57  GLY 57  89  89  GLY GLY A . n 
A 1 58  PHE 58  90  90  PHE PHE A . n 
A 1 59  ASP 59  91  91  ASP ASP A . n 
A 1 60  ARG 60  92  92  ARG ARG A . n 
A 1 61  ASP 61  93  93  ASP ASP A . n 
A 1 62  GLU 62  94  94  GLU GLU A . n 
A 1 63  TRP 63  95  95  TRP TRP A . n 
A 1 64  PRO 64  96  96  PRO PRO A . n 
A 1 65  MET 65  97  97  MET MET A . n 
A 1 66  ALA 66  98  98  ALA ALA A . n 
A 1 67  MET 67  99  99  MET MET A . n 
A 1 68  CYS 68  100 100 CYS CYS A . n 
A 1 69  GLU 69  101 101 GLU GLU A . n 
A 1 70  GLU 70  102 102 GLU GLU A . n 
A 1 71  GLY 71  103 103 GLY GLY A . n 
A 1 72  GLY 72  104 104 GLY GLY A . n 
A 1 73  LYS 73  105 105 LYS LYS A . n 
A 1 74  GLY 74  106 106 GLY GLY A . n 
A 1 75  ALA 75  107 107 ALA ALA A . n 
A 1 76  SER 76  108 108 SER SER A . n 
A 1 77  VAL 77  109 109 VAL VAL A . n 
A 1 78  ARG 78  110 110 ARG ARG A . n 
A 1 79  TYR 79  111 111 TYR TYR A . n 
A 1 80  VAL 80  112 112 VAL VAL A . n 
A 1 81  SER 81  113 113 SER SER A . n 
A 1 82  SER 82  114 114 SER SER A . n 
A 1 83  SER 83  115 115 SER SER A . n 
A 1 84  ASP 84  116 116 ASP ASP A . n 
A 1 85  ASN 85  117 117 ASN ASN A . n 
A 1 86  ARG 86  118 118 ARG ARG A . n 
A 1 87  GLY 87  119 119 GLY GLY A . n 
A 1 88  ALA 88  120 120 ALA ALA A . n 
A 1 89  GLY 89  121 121 GLY GLY A . n 
A 1 90  SER 90  122 122 SER SER A . n 
A 1 91  TRP 91  123 123 TRP TRP A . n 
A 1 92  VAL 92  124 124 VAL VAL A . n 
A 1 93  GLY 93  125 125 GLY GLY A . n 
A 1 94  ASN 94  126 126 ASN ASN A . n 
A 1 95  ARG 95  127 127 ARG ARG A . n 
A 1 96  LEU 96  128 128 LEU LEU A . n 
A 1 97  SER 97  129 129 SER SER A . n 
A 1 98  GLY 98  130 130 GLY GLY A . n 
A 1 99  PHE 99  131 131 PHE PHE A . n 
A 1 100 ALA 100 132 132 ALA ALA A . n 
A 1 101 ASP 101 133 133 ASP ASP A . n 
A 1 102 GLY 102 134 134 GLY GLY A . n 
A 1 103 THR 103 135 135 THR THR A . n 
A 1 104 ARG 104 136 136 ARG ARG A . n 
A 1 105 ILE 105 137 137 ILE ILE A . n 
A 1 106 LEU 106 138 138 LEU LEU A . n 
A 1 107 PHE 107 139 139 PHE PHE A . n 
A 1 108 ILE 108 140 140 ILE ILE A . n 
A 1 109 VAL 109 141 141 VAL VAL A . n 
A 1 110 GLN 110 142 142 GLN GLN A . n 
# 
loop_
_pdbx_nonpoly_scheme.asym_id 
_pdbx_nonpoly_scheme.entity_id 
_pdbx_nonpoly_scheme.mon_id 
_pdbx_nonpoly_scheme.ndb_seq_num 
_pdbx_nonpoly_scheme.pdb_seq_num 
_pdbx_nonpoly_scheme.auth_seq_num 
_pdbx_nonpoly_scheme.pdb_mon_id 
_pdbx_nonpoly_scheme.auth_mon_id 
_pdbx_nonpoly_scheme.pdb_strand_id 
_pdbx_nonpoly_scheme.pdb_ins_code 
B 2 SO4 1   201 2   SO4 SO4 A . 
C 2 SO4 1   202 3   SO4 SO4 A . 
D 2 SO4 1   203 4   SO4 SO4 A . 
E 3 HOH 1   301 189 HOH HOH A . 
E 3 HOH 2   302 102 HOH HOH A . 
E 3 HOH 3   303 5   HOH HOH A . 
E 3 HOH 4   304 201 HOH HOH A . 
E 3 HOH 5   305 164 HOH HOH A . 
E 3 HOH 6   306 176 HOH HOH A . 
E 3 HOH 7   307 45  HOH HOH A . 
E 3 HOH 8   308 120 HOH HOH A . 
E 3 HOH 9   309 115 HOH HOH A . 
E 3 HOH 10  310 130 HOH HOH A . 
E 3 HOH 11  311 32  HOH HOH A . 
E 3 HOH 12  312 69  HOH HOH A . 
E 3 HOH 13  313 26  HOH HOH A . 
E 3 HOH 14  314 40  HOH HOH A . 
E 3 HOH 15  315 105 HOH HOH A . 
E 3 HOH 16  316 87  HOH HOH A . 
E 3 HOH 17  317 36  HOH HOH A . 
E 3 HOH 18  318 136 HOH HOH A . 
E 3 HOH 19  319 192 HOH HOH A . 
E 3 HOH 20  320 19  HOH HOH A . 
E 3 HOH 21  321 85  HOH HOH A . 
E 3 HOH 22  322 21  HOH HOH A . 
E 3 HOH 23  323 103 HOH HOH A . 
E 3 HOH 24  324 55  HOH HOH A . 
E 3 HOH 25  325 95  HOH HOH A . 
E 3 HOH 26  326 13  HOH HOH A . 
E 3 HOH 27  327 33  HOH HOH A . 
E 3 HOH 28  328 7   HOH HOH A . 
E 3 HOH 29  329 12  HOH HOH A . 
E 3 HOH 30  330 191 HOH HOH A . 
E 3 HOH 31  331 127 HOH HOH A . 
E 3 HOH 32  332 159 HOH HOH A . 
E 3 HOH 33  333 30  HOH HOH A . 
E 3 HOH 34  334 70  HOH HOH A . 
E 3 HOH 35  335 10  HOH HOH A . 
E 3 HOH 36  336 24  HOH HOH A . 
E 3 HOH 37  337 65  HOH HOH A . 
E 3 HOH 38  338 74  HOH HOH A . 
E 3 HOH 39  339 39  HOH HOH A . 
E 3 HOH 40  340 76  HOH HOH A . 
E 3 HOH 41  341 17  HOH HOH A . 
E 3 HOH 42  342 187 HOH HOH A . 
E 3 HOH 43  343 124 HOH HOH A . 
E 3 HOH 44  344 89  HOH HOH A . 
E 3 HOH 45  345 137 HOH HOH A . 
E 3 HOH 46  346 142 HOH HOH A . 
E 3 HOH 47  347 73  HOH HOH A . 
E 3 HOH 48  348 34  HOH HOH A . 
E 3 HOH 49  349 25  HOH HOH A . 
E 3 HOH 50  350 27  HOH HOH A . 
E 3 HOH 51  351 117 HOH HOH A . 
E 3 HOH 52  352 139 HOH HOH A . 
E 3 HOH 53  353 6   HOH HOH A . 
E 3 HOH 54  354 79  HOH HOH A . 
E 3 HOH 55  355 15  HOH HOH A . 
E 3 HOH 56  356 100 HOH HOH A . 
E 3 HOH 57  357 106 HOH HOH A . 
E 3 HOH 58  358 194 HOH HOH A . 
E 3 HOH 59  359 62  HOH HOH A . 
E 3 HOH 60  360 20  HOH HOH A . 
E 3 HOH 61  361 49  HOH HOH A . 
E 3 HOH 62  362 129 HOH HOH A . 
E 3 HOH 63  363 35  HOH HOH A . 
E 3 HOH 64  364 52  HOH HOH A . 
E 3 HOH 65  365 59  HOH HOH A . 
E 3 HOH 66  366 47  HOH HOH A . 
E 3 HOH 67  367 28  HOH HOH A . 
E 3 HOH 68  368 63  HOH HOH A . 
E 3 HOH 69  369 200 HOH HOH A . 
E 3 HOH 70  370 1   HOH HOH A . 
E 3 HOH 71  371 178 HOH HOH A . 
E 3 HOH 72  372 54  HOH HOH A . 
E 3 HOH 73  373 4   HOH HOH A . 
E 3 HOH 74  374 2   HOH HOH A . 
E 3 HOH 75  375 183 HOH HOH A . 
E 3 HOH 76  376 38  HOH HOH A . 
E 3 HOH 77  377 9   HOH HOH A . 
E 3 HOH 78  378 185 HOH HOH A . 
E 3 HOH 79  379 147 HOH HOH A . 
E 3 HOH 80  380 11  HOH HOH A . 
E 3 HOH 81  381 157 HOH HOH A . 
E 3 HOH 82  382 22  HOH HOH A . 
E 3 HOH 83  383 128 HOH HOH A . 
E 3 HOH 84  384 29  HOH HOH A . 
E 3 HOH 85  385 18  HOH HOH A . 
E 3 HOH 86  386 101 HOH HOH A . 
E 3 HOH 87  387 42  HOH HOH A . 
E 3 HOH 88  388 90  HOH HOH A . 
E 3 HOH 89  389 58  HOH HOH A . 
E 3 HOH 90  390 174 HOH HOH A . 
E 3 HOH 91  391 132 HOH HOH A . 
E 3 HOH 92  392 67  HOH HOH A . 
E 3 HOH 93  393 82  HOH HOH A . 
E 3 HOH 94  394 171 HOH HOH A . 
E 3 HOH 95  395 94  HOH HOH A . 
E 3 HOH 96  396 66  HOH HOH A . 
E 3 HOH 97  397 8   HOH HOH A . 
E 3 HOH 98  398 57  HOH HOH A . 
E 3 HOH 99  399 77  HOH HOH A . 
E 3 HOH 100 400 14  HOH HOH A . 
E 3 HOH 101 401 60  HOH HOH A . 
E 3 HOH 102 402 64  HOH HOH A . 
E 3 HOH 103 403 16  HOH HOH A . 
E 3 HOH 104 404 108 HOH HOH A . 
E 3 HOH 105 405 43  HOH HOH A . 
E 3 HOH 106 406 186 HOH HOH A . 
E 3 HOH 107 407 121 HOH HOH A . 
E 3 HOH 108 408 202 HOH HOH A . 
E 3 HOH 109 409 92  HOH HOH A . 
E 3 HOH 110 410 114 HOH HOH A . 
E 3 HOH 111 411 71  HOH HOH A . 
E 3 HOH 112 412 86  HOH HOH A . 
E 3 HOH 113 413 80  HOH HOH A . 
E 3 HOH 114 414 166 HOH HOH A . 
E 3 HOH 115 415 141 HOH HOH A . 
E 3 HOH 116 416 119 HOH HOH A . 
E 3 HOH 117 417 133 HOH HOH A . 
E 3 HOH 118 418 126 HOH HOH A . 
E 3 HOH 119 419 149 HOH HOH A . 
E 3 HOH 120 420 198 HOH HOH A . 
E 3 HOH 121 421 199 HOH HOH A . 
E 3 HOH 122 422 37  HOH HOH A . 
E 3 HOH 123 423 122 HOH HOH A . 
E 3 HOH 124 424 140 HOH HOH A . 
E 3 HOH 125 425 91  HOH HOH A . 
E 3 HOH 126 426 143 HOH HOH A . 
E 3 HOH 127 427 180 HOH HOH A . 
E 3 HOH 128 428 113 HOH HOH A . 
E 3 HOH 129 429 98  HOH HOH A . 
E 3 HOH 130 430 81  HOH HOH A . 
E 3 HOH 131 431 116 HOH HOH A . 
E 3 HOH 132 432 23  HOH HOH A . 
E 3 HOH 133 433 169 HOH HOH A . 
E 3 HOH 134 434 31  HOH HOH A . 
E 3 HOH 135 435 170 HOH HOH A . 
E 3 HOH 136 436 197 HOH HOH A . 
E 3 HOH 137 437 152 HOH HOH A . 
E 3 HOH 138 438 173 HOH HOH A . 
E 3 HOH 139 439 175 HOH HOH A . 
# 
loop_
_software.citation_id 
_software.classification 
_software.compiler_name 
_software.compiler_version 
_software.contact_author 
_software.contact_author_email 
_software.date 
_software.description 
_software.dependencies 
_software.hardware 
_software.language 
_software.location 
_software.mods 
_software.name 
_software.os 
_software.os_version 
_software.type 
_software.version 
_software.pdbx_ordinal 
? refinement        ? ? ? ? ? ? ? ? ? ? ? REFMAC      ? ? ? 5.8.0158 1 
? 'data extraction' ? ? ? ? ? ? ? ? ? ? ? PDB_EXTRACT ? ? ? 3.10     2 
? 'data reduction'  ? ? ? ? ? ? ? ? ? ? ? XDS         ? ? ? .        3 
? 'data scaling'    ? ? ? ? ? ? ? ? ? ? ? XSCALE      ? ? ? .        4 
? phasing           ? ? ? ? ? ? ? ? ? ? ? SHELXDE     ? ? ? .        5 
? 'data processing' ? ? ? ? ? ? ? ? ? ? ? XDS         ? ? ? .        6 
? 'model building'  ? ? ? ? ? ? ? ? ? ? ? BUCCANEER   ? ? ? .        7 
# 
_cell.angle_alpha                  90.000 
_cell.angle_alpha_esd              ? 
_cell.angle_beta                   90.000 
_cell.angle_beta_esd               ? 
_cell.angle_gamma                  90.000 
_cell.angle_gamma_esd              ? 
_cell.entry_id                     6EJS 
_cell.details                      ? 
_cell.formula_units_Z              ? 
_cell.length_a                     32.534 
_cell.length_a_esd                 ? 
_cell.length_b                     47.414 
_cell.length_b_esd                 ? 
_cell.length_c                     56.262 
_cell.length_c_esd                 ? 
_cell.volume                       ? 
_cell.volume_esd                   ? 
_cell.Z_PDB                        4 
_cell.reciprocal_angle_alpha       ? 
_cell.reciprocal_angle_beta        ? 
_cell.reciprocal_angle_gamma       ? 
_cell.reciprocal_angle_alpha_esd   ? 
_cell.reciprocal_angle_beta_esd    ? 
_cell.reciprocal_angle_gamma_esd   ? 
_cell.reciprocal_length_a          ? 
_cell.reciprocal_length_b          ? 
_cell.reciprocal_length_c          ? 
_cell.reciprocal_length_a_esd      ? 
_cell.reciprocal_length_b_esd      ? 
_cell.reciprocal_length_c_esd      ? 
_cell.pdbx_unique_axis             ? 
# 
_symmetry.entry_id                         6EJS 
_symmetry.cell_setting                     ? 
_symmetry.Int_Tables_number                19 
_symmetry.space_group_name_Hall            ? 
_symmetry.space_group_name_H-M             'P 21 21 21' 
_symmetry.pdbx_full_space_group_name_H-M   ? 
# 
_exptl.absorpt_coefficient_mu     ? 
_exptl.absorpt_correction_T_max   ? 
_exptl.absorpt_correction_T_min   ? 
_exptl.absorpt_correction_type    ? 
_exptl.absorpt_process_details    ? 
_exptl.entry_id                   6EJS 
_exptl.crystals_number            1 
_exptl.details                    ? 
_exptl.method                     'X-RAY DIFFRACTION' 
_exptl.method_details             ? 
# 
_exptl_crystal.colour                      ? 
_exptl_crystal.density_diffrn              ? 
_exptl_crystal.density_Matthews            1.8 
_exptl_crystal.density_method              ? 
_exptl_crystal.density_percent_sol         32.0 
_exptl_crystal.description                 ? 
_exptl_crystal.F_000                       ? 
_exptl_crystal.id                          1 
_exptl_crystal.preparation                 
;SAD phase problem was solved with the data collected at 1.9 A wavelength, while the presented structure is refined against the 0.9184 A dataset
;
_exptl_crystal.size_max                    ? 
_exptl_crystal.size_mid                    ? 
_exptl_crystal.size_min                    ? 
_exptl_crystal.size_rad                    ? 
_exptl_crystal.colour_lustre               ? 
_exptl_crystal.colour_modifier             ? 
_exptl_crystal.colour_primary              ? 
_exptl_crystal.density_meas                ? 
_exptl_crystal.density_meas_esd            ? 
_exptl_crystal.density_meas_gt             ? 
_exptl_crystal.density_meas_lt             ? 
_exptl_crystal.density_meas_temp           ? 
_exptl_crystal.density_meas_temp_esd       ? 
_exptl_crystal.density_meas_temp_gt        ? 
_exptl_crystal.density_meas_temp_lt        ? 
_exptl_crystal.pdbx_crystal_image_url      ? 
_exptl_crystal.pdbx_crystal_image_format   ? 
_exptl_crystal.pdbx_mosaicity              ? 
_exptl_crystal.pdbx_mosaicity_esd          ? 
# 
_exptl_crystal_grow.apparatus       ? 
_exptl_crystal_grow.atmosphere      ? 
_exptl_crystal_grow.crystal_id      1 
_exptl_crystal_grow.details         ? 
_exptl_crystal_grow.method          'VAPOR DIFFUSION, HANGING DROP' 
_exptl_crystal_grow.method_ref      ? 
_exptl_crystal_grow.pH              8.5 
_exptl_crystal_grow.pressure        ? 
_exptl_crystal_grow.pressure_esd    ? 
_exptl_crystal_grow.seeding         ? 
_exptl_crystal_grow.seeding_ref     ? 
_exptl_crystal_grow.temp            291 
_exptl_crystal_grow.temp_details    ? 
_exptl_crystal_grow.temp_esd        ? 
_exptl_crystal_grow.time            ? 
_exptl_crystal_grow.pdbx_details    '2.2 M ammonium sulphate, 0.1 M Tris pH 8.5' 
_exptl_crystal_grow.pdbx_pH_range   ? 
# 
_diffrn.ambient_environment    ? 
_diffrn.ambient_temp           100 
_diffrn.ambient_temp_details   ? 
_diffrn.ambient_temp_esd       ? 
_diffrn.crystal_id             1 
_diffrn.crystal_support        ? 
_diffrn.crystal_treatment      ? 
_diffrn.details                ? 
_diffrn.id                     1 
_diffrn.ambient_pressure       ? 
_diffrn.ambient_pressure_esd   ? 
_diffrn.ambient_pressure_gt    ? 
_diffrn.ambient_pressure_lt    ? 
_diffrn.ambient_temp_gt        ? 
_diffrn.ambient_temp_lt        ? 
# 
_diffrn_detector.details                      ? 
_diffrn_detector.detector                     CCD 
_diffrn_detector.diffrn_id                    1 
_diffrn_detector.type                         'MARMOSAIC 225 mm CCD' 
_diffrn_detector.area_resol_mean              ? 
_diffrn_detector.dtime                        ? 
_diffrn_detector.pdbx_frames_total            ? 
_diffrn_detector.pdbx_collection_time_total   ? 
_diffrn_detector.pdbx_collection_date         2012-11-15 
# 
_diffrn_radiation.collimation                      ? 
_diffrn_radiation.diffrn_id                        1 
_diffrn_radiation.filter_edge                      ? 
_diffrn_radiation.inhomogeneity                    ? 
_diffrn_radiation.monochromator                    '2 MIRROR AND DOUBLE-CRYSTAL MONOCHROMATOR' 
_diffrn_radiation.polarisn_norm                    ? 
_diffrn_radiation.polarisn_ratio                   ? 
_diffrn_radiation.probe                            ? 
_diffrn_radiation.type                             ? 
_diffrn_radiation.xray_symbol                      ? 
_diffrn_radiation.wavelength_id                    1 
_diffrn_radiation.pdbx_monochromatic_or_laue_m_l   M 
_diffrn_radiation.pdbx_wavelength_list             ? 
_diffrn_radiation.pdbx_wavelength                  ? 
_diffrn_radiation.pdbx_diffrn_protocol             'SINGLE WAVELENGTH' 
_diffrn_radiation.pdbx_analyzer                    ? 
_diffrn_radiation.pdbx_scattering_type             x-ray 
# 
loop_
_diffrn_radiation_wavelength.id 
_diffrn_radiation_wavelength.wavelength 
_diffrn_radiation_wavelength.wt 
1 1.9    1.0 
2 0.9184 1.0 
# 
_diffrn_source.current                     ? 
_diffrn_source.details                     ? 
_diffrn_source.diffrn_id                   1 
_diffrn_source.power                       ? 
_diffrn_source.size                        ? 
_diffrn_source.source                      SYNCHROTRON 
_diffrn_source.target                      ? 
_diffrn_source.type                        'BESSY BEAMLINE 14.2' 
_diffrn_source.voltage                     ? 
_diffrn_source.take-off_angle              ? 
_diffrn_source.pdbx_wavelength_list        1.9,0.9184 
_diffrn_source.pdbx_wavelength             ? 
_diffrn_source.pdbx_synchrotron_beamline   14.2 
_diffrn_source.pdbx_synchrotron_site       BESSY 
# 
_reflns.B_iso_Wilson_estimate            13 
_reflns.entry_id                         6EJS 
_reflns.data_reduction_details           ? 
_reflns.data_reduction_method            ? 
_reflns.d_resolution_high                1.6 
_reflns.d_resolution_low                 47.41 
_reflns.details                          
;SAD phase problem was solved with the data collected
at 1.9 A wavelength, while the presented structure is refined against the 0.9184 A dataset
;
_reflns.limit_h_max                      ? 
_reflns.limit_h_min                      ? 
_reflns.limit_k_max                      ? 
_reflns.limit_k_min                      ? 
_reflns.limit_l_max                      ? 
_reflns.limit_l_min                      ? 
_reflns.number_all                       ? 
_reflns.number_obs                       10804 
_reflns.observed_criterion               ? 
_reflns.observed_criterion_F_max         ? 
_reflns.observed_criterion_F_min         ? 
_reflns.observed_criterion_I_max         ? 
_reflns.observed_criterion_I_min         ? 
_reflns.observed_criterion_sigma_F       ? 
_reflns.observed_criterion_sigma_I       -3 
_reflns.percent_possible_obs             90.1 
_reflns.R_free_details                   ? 
_reflns.Rmerge_F_all                     ? 
_reflns.Rmerge_F_obs                     ? 
_reflns.Friedel_coverage                 ? 
_reflns.number_gt                        ? 
_reflns.threshold_expression             ? 
_reflns.pdbx_redundancy                  6.7 
_reflns.pdbx_Rmerge_I_obs                0.037 
_reflns.pdbx_Rmerge_I_all                ? 
_reflns.pdbx_Rsym_value                  ? 
_reflns.pdbx_netI_over_av_sigmaI         ? 
_reflns.pdbx_netI_over_sigmaI            29.8 
_reflns.pdbx_res_netI_over_av_sigmaI_2   ? 
_reflns.pdbx_res_netI_over_sigmaI_2      ? 
_reflns.pdbx_chi_squared                 ? 
_reflns.pdbx_scaling_rejects             ? 
_reflns.pdbx_d_res_high_opt              ? 
_reflns.pdbx_d_res_low_opt               ? 
_reflns.pdbx_d_res_opt_method            ? 
_reflns.phase_calculation_details        ? 
_reflns.pdbx_Rrim_I_all                  0.043 
_reflns.pdbx_Rpim_I_all                  0.022 
_reflns.pdbx_d_opt                       ? 
_reflns.pdbx_number_measured_all         ? 
_reflns.pdbx_diffrn_id                   1 
_reflns.pdbx_ordinal                     1 
_reflns.pdbx_CC_half                     0.999 
_reflns.pdbx_R_split                     ? 
# 
_reflns_shell.d_res_high                  1.6 
_reflns_shell.d_res_low                   1.63 
_reflns_shell.meanI_over_sigI_all         ? 
_reflns_shell.meanI_over_sigI_obs         ? 
_reflns_shell.number_measured_all         ? 
_reflns_shell.number_measured_obs         ? 
_reflns_shell.number_possible             ? 
_reflns_shell.number_unique_all           ? 
_reflns_shell.number_unique_obs           448 
_reflns_shell.percent_possible_all        77.7 
_reflns_shell.percent_possible_obs        ? 
_reflns_shell.Rmerge_F_all                ? 
_reflns_shell.Rmerge_F_obs                ? 
_reflns_shell.Rmerge_I_all                ? 
_reflns_shell.Rmerge_I_obs                0.116 
_reflns_shell.meanI_over_sigI_gt          ? 
_reflns_shell.meanI_over_uI_all           ? 
_reflns_shell.meanI_over_uI_gt            ? 
_reflns_shell.number_measured_gt          ? 
_reflns_shell.number_unique_gt            ? 
_reflns_shell.percent_possible_gt         ? 
_reflns_shell.Rmerge_F_gt                 ? 
_reflns_shell.Rmerge_I_gt                 ? 
_reflns_shell.pdbx_redundancy             5.9 
_reflns_shell.pdbx_Rsym_value             ? 
_reflns_shell.pdbx_chi_squared            ? 
_reflns_shell.pdbx_netI_over_sigmaI_all   ? 
_reflns_shell.pdbx_netI_over_sigmaI_obs   ? 
_reflns_shell.pdbx_Rrim_I_all             0.142 
_reflns_shell.pdbx_Rpim_I_all             0.079 
_reflns_shell.pdbx_rejects                ? 
_reflns_shell.pdbx_ordinal                1 
_reflns_shell.pdbx_diffrn_id              1 
_reflns_shell.pdbx_CC_half                ? 
_reflns_shell.pdbx_R_split                ? 
# 
_refine.aniso_B[1][1]                            -0.6100 
_refine.aniso_B[1][2]                            0.0000 
_refine.aniso_B[1][3]                            -0.0000 
_refine.aniso_B[2][2]                            0.7800 
_refine.aniso_B[2][3]                            0.0000 
_refine.aniso_B[3][3]                            -0.1700 
_refine.B_iso_max                                52.610 
_refine.B_iso_mean                               17.7017 
_refine.B_iso_min                                8.500 
_refine.correlation_coeff_Fo_to_Fc               0.9530 
_refine.correlation_coeff_Fo_to_Fc_free          0.9610 
_refine.details                                  
'HYDROGENS HAVE BEEN ADDED IN THE RIDING POSITIONS U VALUES      : REFINED INDIVIDUALLY' 
_refine.diff_density_max                         ? 
_refine.diff_density_max_esd                     ? 
_refine.diff_density_min                         ? 
_refine.diff_density_min_esd                     ? 
_refine.diff_density_rms                         ? 
_refine.diff_density_rms_esd                     ? 
_refine.entry_id                                 6EJS 
_refine.pdbx_refine_id                           'X-RAY DIFFRACTION' 
_refine.ls_abs_structure_details                 ? 
_refine.ls_abs_structure_Flack                   ? 
_refine.ls_abs_structure_Flack_esd               ? 
_refine.ls_abs_structure_Rogers                  ? 
_refine.ls_abs_structure_Rogers_esd              ? 
_refine.ls_d_res_high                            1.6000 
_refine.ls_d_res_low                             36.2800 
_refine.ls_extinction_coef                       ? 
_refine.ls_extinction_coef_esd                   ? 
_refine.ls_extinction_expression                 ? 
_refine.ls_extinction_method                     ? 
_refine.ls_goodness_of_fit_all                   ? 
_refine.ls_goodness_of_fit_all_esd               ? 
_refine.ls_goodness_of_fit_obs                   ? 
_refine.ls_goodness_of_fit_obs_esd               ? 
_refine.ls_hydrogen_treatment                    ? 
_refine.ls_matrix_type                           ? 
_refine.ls_number_constraints                    ? 
_refine.ls_number_parameters                     ? 
_refine.ls_number_reflns_all                     ? 
_refine.ls_number_reflns_obs                     10766 
_refine.ls_number_reflns_R_free                  492 
_refine.ls_number_reflns_R_work                  ? 
_refine.ls_number_restraints                     ? 
_refine.ls_percent_reflns_obs                    89.6800 
_refine.ls_percent_reflns_R_free                 4.6000 
_refine.ls_R_factor_all                          ? 
_refine.ls_R_factor_obs                          0.1921 
_refine.ls_R_factor_R_free                       0.24 
_refine.ls_R_factor_R_free_error                 ? 
_refine.ls_R_factor_R_free_error_details         ? 
_refine.ls_R_factor_R_work                       0.188 
_refine.ls_R_Fsqd_factor_obs                     ? 
_refine.ls_R_I_factor_obs                        ? 
_refine.ls_redundancy_reflns_all                 ? 
_refine.ls_redundancy_reflns_obs                 ? 
_refine.ls_restrained_S_all                      ? 
_refine.ls_restrained_S_obs                      ? 
_refine.ls_shift_over_esd_max                    ? 
_refine.ls_shift_over_esd_mean                   ? 
_refine.ls_structure_factor_coef                 ? 
_refine.ls_weighting_details                     ? 
_refine.ls_weighting_scheme                      ? 
_refine.ls_wR_factor_all                         ? 
_refine.ls_wR_factor_obs                         ? 
_refine.ls_wR_factor_R_free                      ? 
_refine.ls_wR_factor_R_work                      ? 
_refine.occupancy_max                            ? 
_refine.occupancy_min                            ? 
_refine.solvent_model_details                    ? 
_refine.solvent_model_param_bsol                 ? 
_refine.solvent_model_param_ksol                 ? 
_refine.ls_R_factor_gt                           ? 
_refine.ls_goodness_of_fit_gt                    ? 
_refine.ls_goodness_of_fit_ref                   ? 
_refine.ls_shift_over_su_max                     ? 
_refine.ls_shift_over_su_max_lt                  ? 
_refine.ls_shift_over_su_mean                    ? 
_refine.ls_shift_over_su_mean_lt                 ? 
_refine.pdbx_ls_sigma_I                          ? 
_refine.pdbx_ls_sigma_F                          0.000 
_refine.pdbx_ls_sigma_Fsqd                       ? 
_refine.pdbx_data_cutoff_high_absF               ? 
_refine.pdbx_data_cutoff_high_rms_absF           ? 
_refine.pdbx_data_cutoff_low_absF                ? 
_refine.pdbx_isotropic_thermal_model             ? 
_refine.pdbx_ls_cross_valid_method               THROUGHOUT 
_refine.pdbx_method_to_determine_struct          SAD 
_refine.pdbx_starting_model                      ? 
_refine.pdbx_stereochemistry_target_values       'CCP4 geometric library, version 4.11' 
_refine.pdbx_R_Free_selection_details            RANDOM 
_refine.pdbx_stereochem_target_val_spec_case     ? 
_refine.pdbx_overall_ESU_R                       0.1380 
_refine.pdbx_overall_ESU_R_Free                  0.1040 
_refine.pdbx_solvent_vdw_probe_radii             1.2000 
_refine.pdbx_solvent_ion_probe_radii             0.8000 
_refine.pdbx_solvent_shrinkage_radii             0.8000 
_refine.pdbx_real_space_R                        ? 
_refine.pdbx_density_correlation                 ? 
_refine.pdbx_pd_number_of_powder_patterns        ? 
_refine.pdbx_pd_number_of_points                 ? 
_refine.pdbx_pd_meas_number_of_points            ? 
_refine.pdbx_pd_proc_ls_prof_R_factor            ? 
_refine.pdbx_pd_proc_ls_prof_wR_factor           ? 
_refine.pdbx_pd_Marquardt_correlation_coeff      ? 
_refine.pdbx_pd_Fsqrd_R_factor                   ? 
_refine.pdbx_pd_ls_matrix_band_width             ? 
_refine.pdbx_overall_phase_error                 ? 
_refine.pdbx_overall_SU_R_free_Cruickshank_DPI   ? 
_refine.pdbx_overall_SU_R_free_Blow_DPI          ? 
_refine.pdbx_overall_SU_R_Blow_DPI               ? 
_refine.pdbx_TLS_residual_ADP_flag               ? 
_refine.pdbx_diffrn_id                           1 
_refine.overall_SU_B                             ? 
_refine.overall_SU_ML                            ? 
_refine.overall_SU_R_Cruickshank_DPI             ? 
_refine.overall_SU_R_free                        ? 
_refine.overall_FOM_free_R_set                   ? 
_refine.overall_FOM_work_R_set                   ? 
_refine.pdbx_average_fsc_overall                 ? 
_refine.pdbx_average_fsc_work                    ? 
_refine.pdbx_average_fsc_free                    ? 
# 
_refine_hist.pdbx_refine_id                   'X-RAY DIFFRACTION' 
_refine_hist.cycle_id                         LAST 
_refine_hist.pdbx_number_atoms_protein        838 
_refine_hist.pdbx_number_atoms_nucleic_acid   0 
_refine_hist.pdbx_number_atoms_ligand         15 
_refine_hist.number_atoms_solvent             139 
_refine_hist.number_atoms_total               992 
_refine_hist.d_res_high                       1.6000 
_refine_hist.d_res_low                        36.2800 
# 
loop_
_refine_ls_restr.pdbx_refine_id 
_refine_ls_restr.criterion 
_refine_ls_restr.dev_ideal 
_refine_ls_restr.dev_ideal_target 
_refine_ls_restr.number 
_refine_ls_restr.rejects 
_refine_ls_restr.type 
_refine_ls_restr.weight 
_refine_ls_restr.pdbx_restraint_function 
'X-RAY DIFFRACTION' ? 0.016  0.019  957  ? r_bond_refined_d       ? ? 
'X-RAY DIFFRACTION' ? 0.000  0.020  855  ? r_bond_other_d         ? ? 
'X-RAY DIFFRACTION' ? 1.778  1.968  1302 ? r_angle_refined_deg    ? ? 
'X-RAY DIFFRACTION' ? 3.782  3.000  1979 ? r_angle_other_deg      ? ? 
'X-RAY DIFFRACTION' ? 5.786  5.000  126  ? r_dihedral_angle_1_deg ? ? 
'X-RAY DIFFRACTION' ? 34.778 21.064 47   ? r_dihedral_angle_2_deg ? ? 
'X-RAY DIFFRACTION' ? 14.653 15.000 160  ? r_dihedral_angle_3_deg ? ? 
'X-RAY DIFFRACTION' ? 17.777 15.000 15   ? r_dihedral_angle_4_deg ? ? 
'X-RAY DIFFRACTION' ? 0.108  0.200  130  ? r_chiral_restr         ? ? 
'X-RAY DIFFRACTION' ? 0.010  0.020  1106 ? r_gen_planes_refined   ? ? 
'X-RAY DIFFRACTION' ? 0.013  0.020  229  ? r_gen_planes_other     ? ? 
'X-RAY DIFFRACTION' ? 1.337  1.498  468  ? r_mcbond_it            ? ? 
'X-RAY DIFFRACTION' ? 1.304  1.492  467  ? r_mcbond_other         ? ? 
'X-RAY DIFFRACTION' ? 1.947  2.236  594  ? r_mcangle_it           ? ? 
# 
_refine_ls_shell.pdbx_refine_id                   'X-RAY DIFFRACTION' 
_refine_ls_shell.d_res_high                       1.6000 
_refine_ls_shell.d_res_low                        1.6420 
_refine_ls_shell.number_reflns_all                694 
_refine_ls_shell.number_reflns_obs                ? 
_refine_ls_shell.number_reflns_R_free             33 
_refine_ls_shell.number_reflns_R_work             661 
_refine_ls_shell.percent_reflns_obs               78.5100 
_refine_ls_shell.percent_reflns_R_free            ? 
_refine_ls_shell.R_factor_all                     ? 
_refine_ls_shell.R_factor_obs                     ? 
_refine_ls_shell.R_factor_R_free                  0.2050 
_refine_ls_shell.R_factor_R_free_error            ? 
_refine_ls_shell.R_factor_R_work                  0.1930 
_refine_ls_shell.redundancy_reflns_all            ? 
_refine_ls_shell.redundancy_reflns_obs            ? 
_refine_ls_shell.wR_factor_all                    ? 
_refine_ls_shell.wR_factor_obs                    ? 
_refine_ls_shell.wR_factor_R_free                 ? 
_refine_ls_shell.wR_factor_R_work                 ? 
_refine_ls_shell.pdbx_total_number_of_bins_used   20 
_refine_ls_shell.pdbx_phase_error                 ? 
_refine_ls_shell.pdbx_fsc_work                    ? 
_refine_ls_shell.pdbx_fsc_free                    ? 
# 
_struct.entry_id                     6EJS 
_struct.title                        'Nuclease NucB from Bacillus licheniformis in P212121 space group' 
_struct.pdbx_model_details           ? 
_struct.pdbx_formula_weight          ? 
_struct.pdbx_formula_weight_method   ? 
_struct.pdbx_model_type_details      ? 
_struct.pdbx_CASP_flag               N 
# 
_struct_keywords.entry_id        6EJS 
_struct_keywords.text            'nuclease, DNAse, metal dependent, hydrolase' 
_struct_keywords.pdbx_keywords   HYDROLASE 
# 
loop_
_struct_asym.id 
_struct_asym.pdbx_blank_PDB_chainid_flag 
_struct_asym.pdbx_modified 
_struct_asym.entity_id 
_struct_asym.details 
A N N 1 ? 
B N N 2 ? 
C N N 2 ? 
D N N 2 ? 
E N N 3 ? 
# 
_struct_ref.id                         1 
_struct_ref.db_name                    UNP 
_struct_ref.db_code                    Q65J43_BACLD 
_struct_ref.pdbx_db_accession          Q65J43 
_struct_ref.pdbx_db_isoform            ? 
_struct_ref.entity_id                  1 
_struct_ref.pdbx_seq_one_letter_code   
;AARYDDILYFPASRYPETGAHISDAIKAGHSDVCTIERSGADKRRQESLKGIPTKPGFDRDEWPMAMCEEGGKGASVRYV
SSSDNRGAGSWVGNRLSGFADGTRILFIVQ
;
_struct_ref.pdbx_align_begin           33 
# 
_struct_ref_seq.align_id                      1 
_struct_ref_seq.ref_id                        1 
_struct_ref_seq.pdbx_PDB_id_code              6EJS 
_struct_ref_seq.pdbx_strand_id                A 
_struct_ref_seq.seq_align_beg                 1 
_struct_ref_seq.pdbx_seq_align_beg_ins_code   ? 
_struct_ref_seq.seq_align_end                 110 
_struct_ref_seq.pdbx_seq_align_end_ins_code   ? 
_struct_ref_seq.pdbx_db_accession             Q65J43 
_struct_ref_seq.db_align_beg                  33 
_struct_ref_seq.pdbx_db_align_beg_ins_code    ? 
_struct_ref_seq.db_align_end                  142 
_struct_ref_seq.pdbx_db_align_end_ins_code    ? 
_struct_ref_seq.pdbx_auth_seq_align_beg       33 
_struct_ref_seq.pdbx_auth_seq_align_end       142 
# 
_pdbx_struct_assembly.id                   1 
_pdbx_struct_assembly.details              software_defined_assembly 
_pdbx_struct_assembly.method_details       PISA 
_pdbx_struct_assembly.oligomeric_details   monomeric 
_pdbx_struct_assembly.oligomeric_count     1 
# 
loop_
_pdbx_struct_assembly_prop.biol_id 
_pdbx_struct_assembly_prop.type 
_pdbx_struct_assembly_prop.value 
_pdbx_struct_assembly_prop.details 
1 'ABSA (A^2)' 480  ? 
1 MORE         -32  ? 
1 'SSA (A^2)'  6110 ? 
# 
_pdbx_struct_assembly_gen.assembly_id       1 
_pdbx_struct_assembly_gen.oper_expression   1 
_pdbx_struct_assembly_gen.asym_id_list      A,B,C,D,E 
# 
_pdbx_struct_assembly_auth_evidence.id                     1 
_pdbx_struct_assembly_auth_evidence.assembly_id            1 
_pdbx_struct_assembly_auth_evidence.experimental_support   'light scattering' 
_pdbx_struct_assembly_auth_evidence.details                'The enzyme forms dimer in solution' 
# 
_pdbx_struct_oper_list.id                   1 
_pdbx_struct_oper_list.type                 'identity operation' 
_pdbx_struct_oper_list.name                 1_555 
_pdbx_struct_oper_list.symmetry_operation   x,y,z 
_pdbx_struct_oper_list.matrix[1][1]         1.0000000000 
_pdbx_struct_oper_list.matrix[1][2]         0.0000000000 
_pdbx_struct_oper_list.matrix[1][3]         0.0000000000 
_pdbx_struct_oper_list.vector[1]            0.0000000000 
_pdbx_struct_oper_list.matrix[2][1]         0.0000000000 
_pdbx_struct_oper_list.matrix[2][2]         1.0000000000 
_pdbx_struct_oper_list.matrix[2][3]         0.0000000000 
_pdbx_struct_oper_list.vector[2]            0.0000000000 
_pdbx_struct_oper_list.matrix[3][1]         0.0000000000 
_pdbx_struct_oper_list.matrix[3][2]         0.0000000000 
_pdbx_struct_oper_list.matrix[3][3]         1.0000000000 
_pdbx_struct_oper_list.vector[3]            0.0000000000 
# 
loop_
_struct_conf.conf_type_id 
_struct_conf.id 
_struct_conf.pdbx_PDB_helix_id 
_struct_conf.beg_label_comp_id 
_struct_conf.beg_label_asym_id 
_struct_conf.beg_label_seq_id 
_struct_conf.pdbx_beg_PDB_ins_code 
_struct_conf.end_label_comp_id 
_struct_conf.end_label_asym_id 
_struct_conf.end_label_seq_id 
_struct_conf.pdbx_end_PDB_ins_code 
_struct_conf.beg_auth_comp_id 
_struct_conf.beg_auth_asym_id 
_struct_conf.beg_auth_seq_id 
_struct_conf.end_auth_comp_id 
_struct_conf.end_auth_asym_id 
_struct_conf.end_auth_seq_id 
_struct_conf.pdbx_PDB_helix_class 
_struct_conf.details 
_struct_conf.pdbx_PDB_helix_length 
HELX_P HELX_P1 AA1 TYR A 15 ? GLY A 29 ? TYR A 47  GLY A 61  1 ? 15 
HELX_P HELX_P2 AA2 GLY A 40 ? LEU A 49 ? GLY A 72  LEU A 81  1 ? 10 
HELX_P HELX_P3 AA3 SER A 82 ? ARG A 86 ? SER A 114 ARG A 118 1 ? 5  
HELX_P HELX_P4 AA4 GLY A 87 ? LEU A 96 ? GLY A 119 LEU A 128 1 ? 10 
# 
_struct_conf_type.id          HELX_P 
_struct_conf_type.criteria    ? 
_struct_conf_type.reference   ? 
# 
_struct_conn.id                            disulf1 
_struct_conn.conn_type_id                  disulf 
_struct_conn.pdbx_leaving_atom_flag        ? 
_struct_conn.pdbx_PDB_id                   ? 
_struct_conn.ptnr1_label_asym_id           A 
_struct_conn.ptnr1_label_comp_id           CYS 
_struct_conn.ptnr1_label_seq_id            34 
_struct_conn.ptnr1_label_atom_id           SG 
_struct_conn.pdbx_ptnr1_label_alt_id       ? 
_struct_conn.pdbx_ptnr1_PDB_ins_code       ? 
_struct_conn.pdbx_ptnr1_standard_comp_id   ? 
_struct_conn.ptnr1_symmetry                1_555 
_struct_conn.ptnr2_label_asym_id           A 
_struct_conn.ptnr2_label_comp_id           CYS 
_struct_conn.ptnr2_label_seq_id            68 
_struct_conn.ptnr2_label_atom_id           SG 
_struct_conn.pdbx_ptnr2_label_alt_id       ? 
_struct_conn.pdbx_ptnr2_PDB_ins_code       ? 
_struct_conn.ptnr1_auth_asym_id            A 
_struct_conn.ptnr1_auth_comp_id            CYS 
_struct_conn.ptnr1_auth_seq_id             66 
_struct_conn.ptnr2_auth_asym_id            A 
_struct_conn.ptnr2_auth_comp_id            CYS 
_struct_conn.ptnr2_auth_seq_id             100 
_struct_conn.ptnr2_symmetry                1_555 
_struct_conn.pdbx_ptnr3_label_atom_id      ? 
_struct_conn.pdbx_ptnr3_label_seq_id       ? 
_struct_conn.pdbx_ptnr3_label_comp_id      ? 
_struct_conn.pdbx_ptnr3_label_asym_id      ? 
_struct_conn.pdbx_ptnr3_label_alt_id       ? 
_struct_conn.pdbx_ptnr3_PDB_ins_code       ? 
_struct_conn.details                       ? 
_struct_conn.pdbx_dist_value               2.069 
_struct_conn.pdbx_value_order              ? 
_struct_conn.pdbx_role                     ? 
# 
_struct_conn_type.id          disulf 
_struct_conn_type.criteria    ? 
_struct_conn_type.reference   ? 
# 
_pdbx_modification_feature.ordinal                            1 
_pdbx_modification_feature.label_comp_id                      CYS 
_pdbx_modification_feature.label_asym_id                      A 
_pdbx_modification_feature.label_seq_id                       34 
_pdbx_modification_feature.label_alt_id                       ? 
_pdbx_modification_feature.modified_residue_label_comp_id     CYS 
_pdbx_modification_feature.modified_residue_label_asym_id     A 
_pdbx_modification_feature.modified_residue_label_seq_id      68 
_pdbx_modification_feature.modified_residue_label_alt_id      ? 
_pdbx_modification_feature.auth_comp_id                       CYS 
_pdbx_modification_feature.auth_asym_id                       A 
_pdbx_modification_feature.auth_seq_id                        66 
_pdbx_modification_feature.PDB_ins_code                       ? 
_pdbx_modification_feature.symmetry                           1_555 
_pdbx_modification_feature.modified_residue_auth_comp_id      CYS 
_pdbx_modification_feature.modified_residue_auth_asym_id      A 
_pdbx_modification_feature.modified_residue_auth_seq_id       100 
_pdbx_modification_feature.modified_residue_PDB_ins_code      ? 
_pdbx_modification_feature.modified_residue_symmetry          1_555 
_pdbx_modification_feature.comp_id_linking_atom               SG 
_pdbx_modification_feature.modified_residue_id_linking_atom   SG 
_pdbx_modification_feature.modified_residue_id                . 
_pdbx_modification_feature.ref_pcm_id                         . 
_pdbx_modification_feature.ref_comp_id                        . 
_pdbx_modification_feature.type                               None 
_pdbx_modification_feature.category                           'Disulfide bridge' 
# 
_struct_mon_prot_cis.pdbx_id                1 
_struct_mon_prot_cis.label_comp_id          TRP 
_struct_mon_prot_cis.label_seq_id           63 
_struct_mon_prot_cis.label_asym_id          A 
_struct_mon_prot_cis.label_alt_id           . 
_struct_mon_prot_cis.pdbx_PDB_ins_code      ? 
_struct_mon_prot_cis.auth_comp_id           TRP 
_struct_mon_prot_cis.auth_seq_id            95 
_struct_mon_prot_cis.auth_asym_id           A 
_struct_mon_prot_cis.pdbx_label_comp_id_2   PRO 
_struct_mon_prot_cis.pdbx_label_seq_id_2    64 
_struct_mon_prot_cis.pdbx_label_asym_id_2   A 
_struct_mon_prot_cis.pdbx_PDB_ins_code_2    ? 
_struct_mon_prot_cis.pdbx_auth_comp_id_2    PRO 
_struct_mon_prot_cis.pdbx_auth_seq_id_2     96 
_struct_mon_prot_cis.pdbx_auth_asym_id_2    A 
_struct_mon_prot_cis.pdbx_PDB_model_num     1 
_struct_mon_prot_cis.pdbx_omega_angle       -1.79 
# 
loop_
_struct_sheet.id 
_struct_sheet.type 
_struct_sheet.number_strands 
_struct_sheet.details 
AA1 ? 3 ? 
AA2 ? 2 ? 
# 
loop_
_struct_sheet_order.sheet_id 
_struct_sheet_order.range_id_1 
_struct_sheet_order.range_id_2 
_struct_sheet_order.offset 
_struct_sheet_order.sense 
AA1 1 2 ? parallel      
AA1 2 3 ? anti-parallel 
AA2 1 2 ? anti-parallel 
# 
loop_
_struct_sheet_range.sheet_id 
_struct_sheet_range.id 
_struct_sheet_range.beg_label_comp_id 
_struct_sheet_range.beg_label_asym_id 
_struct_sheet_range.beg_label_seq_id 
_struct_sheet_range.pdbx_beg_PDB_ins_code 
_struct_sheet_range.end_label_comp_id 
_struct_sheet_range.end_label_asym_id 
_struct_sheet_range.end_label_seq_id 
_struct_sheet_range.pdbx_end_PDB_ins_code 
_struct_sheet_range.beg_auth_comp_id 
_struct_sheet_range.beg_auth_asym_id 
_struct_sheet_range.beg_auth_seq_id 
_struct_sheet_range.end_auth_comp_id 
_struct_sheet_range.end_auth_asym_id 
_struct_sheet_range.end_auth_seq_id 
AA1 1 ASP A 6   ? PHE A 10  ? ASP A 38  PHE A 42  
AA1 2 ARG A 104 ? VAL A 109 ? ARG A 136 VAL A 141 
AA1 3 VAL A 33  ? THR A 35  ? VAL A 65  THR A 67  
AA2 1 PHE A 58  ? TRP A 63  ? PHE A 90  TRP A 95  
AA2 2 SER A 76  ? SER A 81  ? SER A 108 SER A 113 
# 
loop_
_pdbx_struct_sheet_hbond.sheet_id 
_pdbx_struct_sheet_hbond.range_id_1 
_pdbx_struct_sheet_hbond.range_id_2 
_pdbx_struct_sheet_hbond.range_1_label_atom_id 
_pdbx_struct_sheet_hbond.range_1_label_comp_id 
_pdbx_struct_sheet_hbond.range_1_label_asym_id 
_pdbx_struct_sheet_hbond.range_1_label_seq_id 
_pdbx_struct_sheet_hbond.range_1_PDB_ins_code 
_pdbx_struct_sheet_hbond.range_1_auth_atom_id 
_pdbx_struct_sheet_hbond.range_1_auth_comp_id 
_pdbx_struct_sheet_hbond.range_1_auth_asym_id 
_pdbx_struct_sheet_hbond.range_1_auth_seq_id 
_pdbx_struct_sheet_hbond.range_2_label_atom_id 
_pdbx_struct_sheet_hbond.range_2_label_comp_id 
_pdbx_struct_sheet_hbond.range_2_label_asym_id 
_pdbx_struct_sheet_hbond.range_2_label_seq_id 
_pdbx_struct_sheet_hbond.range_2_PDB_ins_code 
_pdbx_struct_sheet_hbond.range_2_auth_atom_id 
_pdbx_struct_sheet_hbond.range_2_auth_comp_id 
_pdbx_struct_sheet_hbond.range_2_auth_asym_id 
_pdbx_struct_sheet_hbond.range_2_auth_seq_id 
AA1 1 2 N LEU A 8   ? N LEU A 40  O LEU A 106 ? O LEU A 138 
AA1 2 3 O ILE A 105 ? O ILE A 137 N CYS A 34  ? N CYS A 66  
AA2 1 2 N TRP A 63  ? N TRP A 95  O SER A 76  ? O SER A 108 
# 
loop_
_struct_site.id 
_struct_site.pdbx_evidence_code 
_struct_site.pdbx_auth_asym_id 
_struct_site.pdbx_auth_comp_id 
_struct_site.pdbx_auth_seq_id 
_struct_site.pdbx_auth_ins_code 
_struct_site.pdbx_num_residues 
_struct_site.details 
AC1 Software A SO4 201 ? 7  'binding site for residue SO4 A 201' 
AC2 Software A SO4 202 ? 9  'binding site for residue SO4 A 202' 
AC3 Software A SO4 203 ? 12 'binding site for residue SO4 A 203' 
# 
loop_
_struct_site_gen.id 
_struct_site_gen.site_id 
_struct_site_gen.pdbx_num_res 
_struct_site_gen.label_comp_id 
_struct_site_gen.label_asym_id 
_struct_site_gen.label_seq_id 
_struct_site_gen.pdbx_auth_ins_code 
_struct_site_gen.auth_comp_id 
_struct_site_gen.auth_asym_id 
_struct_site_gen.auth_seq_id 
_struct_site_gen.label_atom_id 
_struct_site_gen.label_alt_id 
_struct_site_gen.symmetry 
_struct_site_gen.details 
1  AC1 7  ARG A 86  ? ARG A 118 . ? 1_555 ? 
2  AC1 7  GLY A 87  ? GLY A 119 . ? 1_555 ? 
3  AC1 7  ALA A 88  ? ALA A 120 . ? 1_555 ? 
4  AC1 7  GLY A 89  ? GLY A 121 . ? 1_555 ? 
5  AC1 7  SER A 90  ? SER A 122 . ? 1_555 ? 
6  AC1 7  HOH E .   ? HOH A 301 . ? 1_555 ? 
7  AC1 7  HOH E .   ? HOH A 315 . ? 1_455 ? 
8  AC2 9  ALA A 2   ? ALA A 34  . ? 1_455 ? 
9  AC2 9  ARG A 3   ? ARG A 35  . ? 1_455 ? 
10 AC2 9  TYR A 4   ? TYR A 36  . ? 1_455 ? 
11 AC2 9  ARG A 45  ? ARG A 77  . ? 1_555 ? 
12 AC2 9  ASP A 59  ? ASP A 91  . ? 1_555 ? 
13 AC2 9  ARG A 60  ? ARG A 92  . ? 1_555 ? 
14 AC2 9  HOH E .   ? HOH A 306 . ? 1_555 ? 
15 AC2 9  HOH E .   ? HOH A 310 . ? 1_555 ? 
16 AC2 9  HOH E .   ? HOH A 353 . ? 1_555 ? 
17 AC3 12 ARG A 3   ? ARG A 35  . ? 3_645 ? 
18 AC3 12 ARG A 14  ? ARG A 46  . ? 1_555 ? 
19 AC3 12 ARG A 45  ? ARG A 77  . ? 3_545 ? 
20 AC3 12 TRP A 91  ? TRP A 123 . ? 1_555 ? 
21 AC3 12 ARG A 95  ? ARG A 127 . ? 1_555 ? 
22 AC3 12 ARG A 104 ? ARG A 136 . ? 3_645 ? 
23 AC3 12 HOH E .   ? HOH A 305 . ? 1_555 ? 
24 AC3 12 HOH E .   ? HOH A 322 . ? 1_555 ? 
25 AC3 12 HOH E .   ? HOH A 342 . ? 3_645 ? 
26 AC3 12 HOH E .   ? HOH A 368 . ? 1_555 ? 
27 AC3 12 HOH E .   ? HOH A 388 . ? 3_545 ? 
28 AC3 12 HOH E .   ? HOH A 391 . ? 1_555 ? 
# 
_pdbx_entry_details.entry_id                   6EJS 
_pdbx_entry_details.compound_details           ? 
_pdbx_entry_details.source_details             ? 
_pdbx_entry_details.nonpolymer_details         ? 
_pdbx_entry_details.sequence_details           ? 
_pdbx_entry_details.has_ligand_of_interest     ? 
_pdbx_entry_details.has_protein_modification   Y 
# 
_pdbx_validate_close_contact.id               1 
_pdbx_validate_close_contact.PDB_model_num    1 
_pdbx_validate_close_contact.auth_atom_id_1   NH2 
_pdbx_validate_close_contact.auth_asym_id_1   A 
_pdbx_validate_close_contact.auth_comp_id_1   ARG 
_pdbx_validate_close_contact.auth_seq_id_1    92 
_pdbx_validate_close_contact.PDB_ins_code_1   ? 
_pdbx_validate_close_contact.label_alt_id_1   ? 
_pdbx_validate_close_contact.auth_atom_id_2   O4 
_pdbx_validate_close_contact.auth_asym_id_2   A 
_pdbx_validate_close_contact.auth_comp_id_2   SO4 
_pdbx_validate_close_contact.auth_seq_id_2    202 
_pdbx_validate_close_contact.PDB_ins_code_2   ? 
_pdbx_validate_close_contact.label_alt_id_2   B 
_pdbx_validate_close_contact.dist             2.13 
# 
_pdbx_unobs_or_zero_occ_residues.id               1 
_pdbx_unobs_or_zero_occ_residues.PDB_model_num    1 
_pdbx_unobs_or_zero_occ_residues.polymer_flag     Y 
_pdbx_unobs_or_zero_occ_residues.occupancy_flag   1 
_pdbx_unobs_or_zero_occ_residues.auth_asym_id     A 
_pdbx_unobs_or_zero_occ_residues.auth_comp_id     ALA 
_pdbx_unobs_or_zero_occ_residues.auth_seq_id      33 
_pdbx_unobs_or_zero_occ_residues.PDB_ins_code     ? 
_pdbx_unobs_or_zero_occ_residues.label_asym_id    A 
_pdbx_unobs_or_zero_occ_residues.label_comp_id    ALA 
_pdbx_unobs_or_zero_occ_residues.label_seq_id     1 
# 
loop_
_chem_comp_atom.comp_id 
_chem_comp_atom.atom_id 
_chem_comp_atom.type_symbol 
_chem_comp_atom.pdbx_aromatic_flag 
_chem_comp_atom.pdbx_stereo_config 
_chem_comp_atom.pdbx_ordinal 
ALA N    N N N 1   
ALA CA   C N S 2   
ALA C    C N N 3   
ALA O    O N N 4   
ALA CB   C N N 5   
ALA OXT  O N N 6   
ALA H    H N N 7   
ALA H2   H N N 8   
ALA HA   H N N 9   
ALA HB1  H N N 10  
ALA HB2  H N N 11  
ALA HB3  H N N 12  
ALA HXT  H N N 13  
ARG N    N N N 14  
ARG CA   C N S 15  
ARG C    C N N 16  
ARG O    O N N 17  
ARG CB   C N N 18  
ARG CG   C N N 19  
ARG CD   C N N 20  
ARG NE   N N N 21  
ARG CZ   C N N 22  
ARG NH1  N N N 23  
ARG NH2  N N N 24  
ARG OXT  O N N 25  
ARG H    H N N 26  
ARG H2   H N N 27  
ARG HA   H N N 28  
ARG HB2  H N N 29  
ARG HB3  H N N 30  
ARG HG2  H N N 31  
ARG HG3  H N N 32  
ARG HD2  H N N 33  
ARG HD3  H N N 34  
ARG HE   H N N 35  
ARG HH11 H N N 36  
ARG HH12 H N N 37  
ARG HH21 H N N 38  
ARG HH22 H N N 39  
ARG HXT  H N N 40  
ASN N    N N N 41  
ASN CA   C N S 42  
ASN C    C N N 43  
ASN O    O N N 44  
ASN CB   C N N 45  
ASN CG   C N N 46  
ASN OD1  O N N 47  
ASN ND2  N N N 48  
ASN OXT  O N N 49  
ASN H    H N N 50  
ASN H2   H N N 51  
ASN HA   H N N 52  
ASN HB2  H N N 53  
ASN HB3  H N N 54  
ASN HD21 H N N 55  
ASN HD22 H N N 56  
ASN HXT  H N N 57  
ASP N    N N N 58  
ASP CA   C N S 59  
ASP C    C N N 60  
ASP O    O N N 61  
ASP CB   C N N 62  
ASP CG   C N N 63  
ASP OD1  O N N 64  
ASP OD2  O N N 65  
ASP OXT  O N N 66  
ASP H    H N N 67  
ASP H2   H N N 68  
ASP HA   H N N 69  
ASP HB2  H N N 70  
ASP HB3  H N N 71  
ASP HD2  H N N 72  
ASP HXT  H N N 73  
CYS N    N N N 74  
CYS CA   C N R 75  
CYS C    C N N 76  
CYS O    O N N 77  
CYS CB   C N N 78  
CYS SG   S N N 79  
CYS OXT  O N N 80  
CYS H    H N N 81  
CYS H2   H N N 82  
CYS HA   H N N 83  
CYS HB2  H N N 84  
CYS HB3  H N N 85  
CYS HG   H N N 86  
CYS HXT  H N N 87  
GLN N    N N N 88  
GLN CA   C N S 89  
GLN C    C N N 90  
GLN O    O N N 91  
GLN CB   C N N 92  
GLN CG   C N N 93  
GLN CD   C N N 94  
GLN OE1  O N N 95  
GLN NE2  N N N 96  
GLN OXT  O N N 97  
GLN H    H N N 98  
GLN H2   H N N 99  
GLN HA   H N N 100 
GLN HB2  H N N 101 
GLN HB3  H N N 102 
GLN HG2  H N N 103 
GLN HG3  H N N 104 
GLN HE21 H N N 105 
GLN HE22 H N N 106 
GLN HXT  H N N 107 
GLU N    N N N 108 
GLU CA   C N S 109 
GLU C    C N N 110 
GLU O    O N N 111 
GLU CB   C N N 112 
GLU CG   C N N 113 
GLU CD   C N N 114 
GLU OE1  O N N 115 
GLU OE2  O N N 116 
GLU OXT  O N N 117 
GLU H    H N N 118 
GLU H2   H N N 119 
GLU HA   H N N 120 
GLU HB2  H N N 121 
GLU HB3  H N N 122 
GLU HG2  H N N 123 
GLU HG3  H N N 124 
GLU HE2  H N N 125 
GLU HXT  H N N 126 
GLY N    N N N 127 
GLY CA   C N N 128 
GLY C    C N N 129 
GLY O    O N N 130 
GLY OXT  O N N 131 
GLY H    H N N 132 
GLY H2   H N N 133 
GLY HA2  H N N 134 
GLY HA3  H N N 135 
GLY HXT  H N N 136 
HIS N    N N N 137 
HIS CA   C N S 138 
HIS C    C N N 139 
HIS O    O N N 140 
HIS CB   C N N 141 
HIS CG   C Y N 142 
HIS ND1  N Y N 143 
HIS CD2  C Y N 144 
HIS CE1  C Y N 145 
HIS NE2  N Y N 146 
HIS OXT  O N N 147 
HIS H    H N N 148 
HIS H2   H N N 149 
HIS HA   H N N 150 
HIS HB2  H N N 151 
HIS HB3  H N N 152 
HIS HD1  H N N 153 
HIS HD2  H N N 154 
HIS HE1  H N N 155 
HIS HE2  H N N 156 
HIS HXT  H N N 157 
HOH O    O N N 158 
HOH H1   H N N 159 
HOH H2   H N N 160 
ILE N    N N N 161 
ILE CA   C N S 162 
ILE C    C N N 163 
ILE O    O N N 164 
ILE CB   C N S 165 
ILE CG1  C N N 166 
ILE CG2  C N N 167 
ILE CD1  C N N 168 
ILE OXT  O N N 169 
ILE H    H N N 170 
ILE H2   H N N 171 
ILE HA   H N N 172 
ILE HB   H N N 173 
ILE HG12 H N N 174 
ILE HG13 H N N 175 
ILE HG21 H N N 176 
ILE HG22 H N N 177 
ILE HG23 H N N 178 
ILE HD11 H N N 179 
ILE HD12 H N N 180 
ILE HD13 H N N 181 
ILE HXT  H N N 182 
LEU N    N N N 183 
LEU CA   C N S 184 
LEU C    C N N 185 
LEU O    O N N 186 
LEU CB   C N N 187 
LEU CG   C N N 188 
LEU CD1  C N N 189 
LEU CD2  C N N 190 
LEU OXT  O N N 191 
LEU H    H N N 192 
LEU H2   H N N 193 
LEU HA   H N N 194 
LEU HB2  H N N 195 
LEU HB3  H N N 196 
LEU HG   H N N 197 
LEU HD11 H N N 198 
LEU HD12 H N N 199 
LEU HD13 H N N 200 
LEU HD21 H N N 201 
LEU HD22 H N N 202 
LEU HD23 H N N 203 
LEU HXT  H N N 204 
LYS N    N N N 205 
LYS CA   C N S 206 
LYS C    C N N 207 
LYS O    O N N 208 
LYS CB   C N N 209 
LYS CG   C N N 210 
LYS CD   C N N 211 
LYS CE   C N N 212 
LYS NZ   N N N 213 
LYS OXT  O N N 214 
LYS H    H N N 215 
LYS H2   H N N 216 
LYS HA   H N N 217 
LYS HB2  H N N 218 
LYS HB3  H N N 219 
LYS HG2  H N N 220 
LYS HG3  H N N 221 
LYS HD2  H N N 222 
LYS HD3  H N N 223 
LYS HE2  H N N 224 
LYS HE3  H N N 225 
LYS HZ1  H N N 226 
LYS HZ2  H N N 227 
LYS HZ3  H N N 228 
LYS HXT  H N N 229 
MET N    N N N 230 
MET CA   C N S 231 
MET C    C N N 232 
MET O    O N N 233 
MET CB   C N N 234 
MET CG   C N N 235 
MET SD   S N N 236 
MET CE   C N N 237 
MET OXT  O N N 238 
MET H    H N N 239 
MET H2   H N N 240 
MET HA   H N N 241 
MET HB2  H N N 242 
MET HB3  H N N 243 
MET HG2  H N N 244 
MET HG3  H N N 245 
MET HE1  H N N 246 
MET HE2  H N N 247 
MET HE3  H N N 248 
MET HXT  H N N 249 
PHE N    N N N 250 
PHE CA   C N S 251 
PHE C    C N N 252 
PHE O    O N N 253 
PHE CB   C N N 254 
PHE CG   C Y N 255 
PHE CD1  C Y N 256 
PHE CD2  C Y N 257 
PHE CE1  C Y N 258 
PHE CE2  C Y N 259 
PHE CZ   C Y N 260 
PHE OXT  O N N 261 
PHE H    H N N 262 
PHE H2   H N N 263 
PHE HA   H N N 264 
PHE HB2  H N N 265 
PHE HB3  H N N 266 
PHE HD1  H N N 267 
PHE HD2  H N N 268 
PHE HE1  H N N 269 
PHE HE2  H N N 270 
PHE HZ   H N N 271 
PHE HXT  H N N 272 
PRO N    N N N 273 
PRO CA   C N S 274 
PRO C    C N N 275 
PRO O    O N N 276 
PRO CB   C N N 277 
PRO CG   C N N 278 
PRO CD   C N N 279 
PRO OXT  O N N 280 
PRO H    H N N 281 
PRO HA   H N N 282 
PRO HB2  H N N 283 
PRO HB3  H N N 284 
PRO HG2  H N N 285 
PRO HG3  H N N 286 
PRO HD2  H N N 287 
PRO HD3  H N N 288 
PRO HXT  H N N 289 
SER N    N N N 290 
SER CA   C N S 291 
SER C    C N N 292 
SER O    O N N 293 
SER CB   C N N 294 
SER OG   O N N 295 
SER OXT  O N N 296 
SER H    H N N 297 
SER H2   H N N 298 
SER HA   H N N 299 
SER HB2  H N N 300 
SER HB3  H N N 301 
SER HG   H N N 302 
SER HXT  H N N 303 
SO4 S    S N N 304 
SO4 O1   O N N 305 
SO4 O2   O N N 306 
SO4 O3   O N N 307 
SO4 O4   O N N 308 
THR N    N N N 309 
THR CA   C N S 310 
THR C    C N N 311 
THR O    O N N 312 
THR CB   C N R 313 
THR OG1  O N N 314 
THR CG2  C N N 315 
THR OXT  O N N 316 
THR H    H N N 317 
THR H2   H N N 318 
THR HA   H N N 319 
THR HB   H N N 320 
THR HG1  H N N 321 
THR HG21 H N N 322 
THR HG22 H N N 323 
THR HG23 H N N 324 
THR HXT  H N N 325 
TRP N    N N N 326 
TRP CA   C N S 327 
TRP C    C N N 328 
TRP O    O N N 329 
TRP CB   C N N 330 
TRP CG   C Y N 331 
TRP CD1  C Y N 332 
TRP CD2  C Y N 333 
TRP NE1  N Y N 334 
TRP CE2  C Y N 335 
TRP CE3  C Y N 336 
TRP CZ2  C Y N 337 
TRP CZ3  C Y N 338 
TRP CH2  C Y N 339 
TRP OXT  O N N 340 
TRP H    H N N 341 
TRP H2   H N N 342 
TRP HA   H N N 343 
TRP HB2  H N N 344 
TRP HB3  H N N 345 
TRP HD1  H N N 346 
TRP HE1  H N N 347 
TRP HE3  H N N 348 
TRP HZ2  H N N 349 
TRP HZ3  H N N 350 
TRP HH2  H N N 351 
TRP HXT  H N N 352 
TYR N    N N N 353 
TYR CA   C N S 354 
TYR C    C N N 355 
TYR O    O N N 356 
TYR CB   C N N 357 
TYR CG   C Y N 358 
TYR CD1  C Y N 359 
TYR CD2  C Y N 360 
TYR CE1  C Y N 361 
TYR CE2  C Y N 362 
TYR CZ   C Y N 363 
TYR OH   O N N 364 
TYR OXT  O N N 365 
TYR H    H N N 366 
TYR H2   H N N 367 
TYR HA   H N N 368 
TYR HB2  H N N 369 
TYR HB3  H N N 370 
TYR HD1  H N N 371 
TYR HD2  H N N 372 
TYR HE1  H N N 373 
TYR HE2  H N N 374 
TYR HH   H N N 375 
TYR HXT  H N N 376 
VAL N    N N N 377 
VAL CA   C N S 378 
VAL C    C N N 379 
VAL O    O N N 380 
VAL CB   C N N 381 
VAL CG1  C N N 382 
VAL CG2  C N N 383 
VAL OXT  O N N 384 
VAL H    H N N 385 
VAL H2   H N N 386 
VAL HA   H N N 387 
VAL HB   H N N 388 
VAL HG11 H N N 389 
VAL HG12 H N N 390 
VAL HG13 H N N 391 
VAL HG21 H N N 392 
VAL HG22 H N N 393 
VAL HG23 H N N 394 
VAL HXT  H N N 395 
# 
loop_
_chem_comp_bond.comp_id 
_chem_comp_bond.atom_id_1 
_chem_comp_bond.atom_id_2 
_chem_comp_bond.value_order 
_chem_comp_bond.pdbx_aromatic_flag 
_chem_comp_bond.pdbx_stereo_config 
_chem_comp_bond.pdbx_ordinal 
ALA N   CA   sing N N 1   
ALA N   H    sing N N 2   
ALA N   H2   sing N N 3   
ALA CA  C    sing N N 4   
ALA CA  CB   sing N N 5   
ALA CA  HA   sing N N 6   
ALA C   O    doub N N 7   
ALA C   OXT  sing N N 8   
ALA CB  HB1  sing N N 9   
ALA CB  HB2  sing N N 10  
ALA CB  HB3  sing N N 11  
ALA OXT HXT  sing N N 12  
ARG N   CA   sing N N 13  
ARG N   H    sing N N 14  
ARG N   H2   sing N N 15  
ARG CA  C    sing N N 16  
ARG CA  CB   sing N N 17  
ARG CA  HA   sing N N 18  
ARG C   O    doub N N 19  
ARG C   OXT  sing N N 20  
ARG CB  CG   sing N N 21  
ARG CB  HB2  sing N N 22  
ARG CB  HB3  sing N N 23  
ARG CG  CD   sing N N 24  
ARG CG  HG2  sing N N 25  
ARG CG  HG3  sing N N 26  
ARG CD  NE   sing N N 27  
ARG CD  HD2  sing N N 28  
ARG CD  HD3  sing N N 29  
ARG NE  CZ   sing N N 30  
ARG NE  HE   sing N N 31  
ARG CZ  NH1  sing N N 32  
ARG CZ  NH2  doub N N 33  
ARG NH1 HH11 sing N N 34  
ARG NH1 HH12 sing N N 35  
ARG NH2 HH21 sing N N 36  
ARG NH2 HH22 sing N N 37  
ARG OXT HXT  sing N N 38  
ASN N   CA   sing N N 39  
ASN N   H    sing N N 40  
ASN N   H2   sing N N 41  
ASN CA  C    sing N N 42  
ASN CA  CB   sing N N 43  
ASN CA  HA   sing N N 44  
ASN C   O    doub N N 45  
ASN C   OXT  sing N N 46  
ASN CB  CG   sing N N 47  
ASN CB  HB2  sing N N 48  
ASN CB  HB3  sing N N 49  
ASN CG  OD1  doub N N 50  
ASN CG  ND2  sing N N 51  
ASN ND2 HD21 sing N N 52  
ASN ND2 HD22 sing N N 53  
ASN OXT HXT  sing N N 54  
ASP N   CA   sing N N 55  
ASP N   H    sing N N 56  
ASP N   H2   sing N N 57  
ASP CA  C    sing N N 58  
ASP CA  CB   sing N N 59  
ASP CA  HA   sing N N 60  
ASP C   O    doub N N 61  
ASP C   OXT  sing N N 62  
ASP CB  CG   sing N N 63  
ASP CB  HB2  sing N N 64  
ASP CB  HB3  sing N N 65  
ASP CG  OD1  doub N N 66  
ASP CG  OD2  sing N N 67  
ASP OD2 HD2  sing N N 68  
ASP OXT HXT  sing N N 69  
CYS N   CA   sing N N 70  
CYS N   H    sing N N 71  
CYS N   H2   sing N N 72  
CYS CA  C    sing N N 73  
CYS CA  CB   sing N N 74  
CYS CA  HA   sing N N 75  
CYS C   O    doub N N 76  
CYS C   OXT  sing N N 77  
CYS CB  SG   sing N N 78  
CYS CB  HB2  sing N N 79  
CYS CB  HB3  sing N N 80  
CYS SG  HG   sing N N 81  
CYS OXT HXT  sing N N 82  
GLN N   CA   sing N N 83  
GLN N   H    sing N N 84  
GLN N   H2   sing N N 85  
GLN CA  C    sing N N 86  
GLN CA  CB   sing N N 87  
GLN CA  HA   sing N N 88  
GLN C   O    doub N N 89  
GLN C   OXT  sing N N 90  
GLN CB  CG   sing N N 91  
GLN CB  HB2  sing N N 92  
GLN CB  HB3  sing N N 93  
GLN CG  CD   sing N N 94  
GLN CG  HG2  sing N N 95  
GLN CG  HG3  sing N N 96  
GLN CD  OE1  doub N N 97  
GLN CD  NE2  sing N N 98  
GLN NE2 HE21 sing N N 99  
GLN NE2 HE22 sing N N 100 
GLN OXT HXT  sing N N 101 
GLU N   CA   sing N N 102 
GLU N   H    sing N N 103 
GLU N   H2   sing N N 104 
GLU CA  C    sing N N 105 
GLU CA  CB   sing N N 106 
GLU CA  HA   sing N N 107 
GLU C   O    doub N N 108 
GLU C   OXT  sing N N 109 
GLU CB  CG   sing N N 110 
GLU CB  HB2  sing N N 111 
GLU CB  HB3  sing N N 112 
GLU CG  CD   sing N N 113 
GLU CG  HG2  sing N N 114 
GLU CG  HG3  sing N N 115 
GLU CD  OE1  doub N N 116 
GLU CD  OE2  sing N N 117 
GLU OE2 HE2  sing N N 118 
GLU OXT HXT  sing N N 119 
GLY N   CA   sing N N 120 
GLY N   H    sing N N 121 
GLY N   H2   sing N N 122 
GLY CA  C    sing N N 123 
GLY CA  HA2  sing N N 124 
GLY CA  HA3  sing N N 125 
GLY C   O    doub N N 126 
GLY C   OXT  sing N N 127 
GLY OXT HXT  sing N N 128 
HIS N   CA   sing N N 129 
HIS N   H    sing N N 130 
HIS N   H2   sing N N 131 
HIS CA  C    sing N N 132 
HIS CA  CB   sing N N 133 
HIS CA  HA   sing N N 134 
HIS C   O    doub N N 135 
HIS C   OXT  sing N N 136 
HIS CB  CG   sing N N 137 
HIS CB  HB2  sing N N 138 
HIS CB  HB3  sing N N 139 
HIS CG  ND1  sing Y N 140 
HIS CG  CD2  doub Y N 141 
HIS ND1 CE1  doub Y N 142 
HIS ND1 HD1  sing N N 143 
HIS CD2 NE2  sing Y N 144 
HIS CD2 HD2  sing N N 145 
HIS CE1 NE2  sing Y N 146 
HIS CE1 HE1  sing N N 147 
HIS NE2 HE2  sing N N 148 
HIS OXT HXT  sing N N 149 
HOH O   H1   sing N N 150 
HOH O   H2   sing N N 151 
ILE N   CA   sing N N 152 
ILE N   H    sing N N 153 
ILE N   H2   sing N N 154 
ILE CA  C    sing N N 155 
ILE CA  CB   sing N N 156 
ILE CA  HA   sing N N 157 
ILE C   O    doub N N 158 
ILE C   OXT  sing N N 159 
ILE CB  CG1  sing N N 160 
ILE CB  CG2  sing N N 161 
ILE CB  HB   sing N N 162 
ILE CG1 CD1  sing N N 163 
ILE CG1 HG12 sing N N 164 
ILE CG1 HG13 sing N N 165 
ILE CG2 HG21 sing N N 166 
ILE CG2 HG22 sing N N 167 
ILE CG2 HG23 sing N N 168 
ILE CD1 HD11 sing N N 169 
ILE CD1 HD12 sing N N 170 
ILE CD1 HD13 sing N N 171 
ILE OXT HXT  sing N N 172 
LEU N   CA   sing N N 173 
LEU N   H    sing N N 174 
LEU N   H2   sing N N 175 
LEU CA  C    sing N N 176 
LEU CA  CB   sing N N 177 
LEU CA  HA   sing N N 178 
LEU C   O    doub N N 179 
LEU C   OXT  sing N N 180 
LEU CB  CG   sing N N 181 
LEU CB  HB2  sing N N 182 
LEU CB  HB3  sing N N 183 
LEU CG  CD1  sing N N 184 
LEU CG  CD2  sing N N 185 
LEU CG  HG   sing N N 186 
LEU CD1 HD11 sing N N 187 
LEU CD1 HD12 sing N N 188 
LEU CD1 HD13 sing N N 189 
LEU CD2 HD21 sing N N 190 
LEU CD2 HD22 sing N N 191 
LEU CD2 HD23 sing N N 192 
LEU OXT HXT  sing N N 193 
LYS N   CA   sing N N 194 
LYS N   H    sing N N 195 
LYS N   H2   sing N N 196 
LYS CA  C    sing N N 197 
LYS CA  CB   sing N N 198 
LYS CA  HA   sing N N 199 
LYS C   O    doub N N 200 
LYS C   OXT  sing N N 201 
LYS CB  CG   sing N N 202 
LYS CB  HB2  sing N N 203 
LYS CB  HB3  sing N N 204 
LYS CG  CD   sing N N 205 
LYS CG  HG2  sing N N 206 
LYS CG  HG3  sing N N 207 
LYS CD  CE   sing N N 208 
LYS CD  HD2  sing N N 209 
LYS CD  HD3  sing N N 210 
LYS CE  NZ   sing N N 211 
LYS CE  HE2  sing N N 212 
LYS CE  HE3  sing N N 213 
LYS NZ  HZ1  sing N N 214 
LYS NZ  HZ2  sing N N 215 
LYS NZ  HZ3  sing N N 216 
LYS OXT HXT  sing N N 217 
MET N   CA   sing N N 218 
MET N   H    sing N N 219 
MET N   H2   sing N N 220 
MET CA  C    sing N N 221 
MET CA  CB   sing N N 222 
MET CA  HA   sing N N 223 
MET C   O    doub N N 224 
MET C   OXT  sing N N 225 
MET CB  CG   sing N N 226 
MET CB  HB2  sing N N 227 
MET CB  HB3  sing N N 228 
MET CG  SD   sing N N 229 
MET CG  HG2  sing N N 230 
MET CG  HG3  sing N N 231 
MET SD  CE   sing N N 232 
MET CE  HE1  sing N N 233 
MET CE  HE2  sing N N 234 
MET CE  HE3  sing N N 235 
MET OXT HXT  sing N N 236 
PHE N   CA   sing N N 237 
PHE N   H    sing N N 238 
PHE N   H2   sing N N 239 
PHE CA  C    sing N N 240 
PHE CA  CB   sing N N 241 
PHE CA  HA   sing N N 242 
PHE C   O    doub N N 243 
PHE C   OXT  sing N N 244 
PHE CB  CG   sing N N 245 
PHE CB  HB2  sing N N 246 
PHE CB  HB3  sing N N 247 
PHE CG  CD1  doub Y N 248 
PHE CG  CD2  sing Y N 249 
PHE CD1 CE1  sing Y N 250 
PHE CD1 HD1  sing N N 251 
PHE CD2 CE2  doub Y N 252 
PHE CD2 HD2  sing N N 253 
PHE CE1 CZ   doub Y N 254 
PHE CE1 HE1  sing N N 255 
PHE CE2 CZ   sing Y N 256 
PHE CE2 HE2  sing N N 257 
PHE CZ  HZ   sing N N 258 
PHE OXT HXT  sing N N 259 
PRO N   CA   sing N N 260 
PRO N   CD   sing N N 261 
PRO N   H    sing N N 262 
PRO CA  C    sing N N 263 
PRO CA  CB   sing N N 264 
PRO CA  HA   sing N N 265 
PRO C   O    doub N N 266 
PRO C   OXT  sing N N 267 
PRO CB  CG   sing N N 268 
PRO CB  HB2  sing N N 269 
PRO CB  HB3  sing N N 270 
PRO CG  CD   sing N N 271 
PRO CG  HG2  sing N N 272 
PRO CG  HG3  sing N N 273 
PRO CD  HD2  sing N N 274 
PRO CD  HD3  sing N N 275 
PRO OXT HXT  sing N N 276 
SER N   CA   sing N N 277 
SER N   H    sing N N 278 
SER N   H2   sing N N 279 
SER CA  C    sing N N 280 
SER CA  CB   sing N N 281 
SER CA  HA   sing N N 282 
SER C   O    doub N N 283 
SER C   OXT  sing N N 284 
SER CB  OG   sing N N 285 
SER CB  HB2  sing N N 286 
SER CB  HB3  sing N N 287 
SER OG  HG   sing N N 288 
SER OXT HXT  sing N N 289 
SO4 S   O1   doub N N 290 
SO4 S   O2   doub N N 291 
SO4 S   O3   sing N N 292 
SO4 S   O4   sing N N 293 
THR N   CA   sing N N 294 
THR N   H    sing N N 295 
THR N   H2   sing N N 296 
THR CA  C    sing N N 297 
THR CA  CB   sing N N 298 
THR CA  HA   sing N N 299 
THR C   O    doub N N 300 
THR C   OXT  sing N N 301 
THR CB  OG1  sing N N 302 
THR CB  CG2  sing N N 303 
THR CB  HB   sing N N 304 
THR OG1 HG1  sing N N 305 
THR CG2 HG21 sing N N 306 
THR CG2 HG22 sing N N 307 
THR CG2 HG23 sing N N 308 
THR OXT HXT  sing N N 309 
TRP N   CA   sing N N 310 
TRP N   H    sing N N 311 
TRP N   H2   sing N N 312 
TRP CA  C    sing N N 313 
TRP CA  CB   sing N N 314 
TRP CA  HA   sing N N 315 
TRP C   O    doub N N 316 
TRP C   OXT  sing N N 317 
TRP CB  CG   sing N N 318 
TRP CB  HB2  sing N N 319 
TRP CB  HB3  sing N N 320 
TRP CG  CD1  doub Y N 321 
TRP CG  CD2  sing Y N 322 
TRP CD1 NE1  sing Y N 323 
TRP CD1 HD1  sing N N 324 
TRP CD2 CE2  doub Y N 325 
TRP CD2 CE3  sing Y N 326 
TRP NE1 CE2  sing Y N 327 
TRP NE1 HE1  sing N N 328 
TRP CE2 CZ2  sing Y N 329 
TRP CE3 CZ3  doub Y N 330 
TRP CE3 HE3  sing N N 331 
TRP CZ2 CH2  doub Y N 332 
TRP CZ2 HZ2  sing N N 333 
TRP CZ3 CH2  sing Y N 334 
TRP CZ3 HZ3  sing N N 335 
TRP CH2 HH2  sing N N 336 
TRP OXT HXT  sing N N 337 
TYR N   CA   sing N N 338 
TYR N   H    sing N N 339 
TYR N   H2   sing N N 340 
TYR CA  C    sing N N 341 
TYR CA  CB   sing N N 342 
TYR CA  HA   sing N N 343 
TYR C   O    doub N N 344 
TYR C   OXT  sing N N 345 
TYR CB  CG   sing N N 346 
TYR CB  HB2  sing N N 347 
TYR CB  HB3  sing N N 348 
TYR CG  CD1  doub Y N 349 
TYR CG  CD2  sing Y N 350 
TYR CD1 CE1  sing Y N 351 
TYR CD1 HD1  sing N N 352 
TYR CD2 CE2  doub Y N 353 
TYR CD2 HD2  sing N N 354 
TYR CE1 CZ   doub Y N 355 
TYR CE1 HE1  sing N N 356 
TYR CE2 CZ   sing Y N 357 
TYR CE2 HE2  sing N N 358 
TYR CZ  OH   sing N N 359 
TYR OH  HH   sing N N 360 
TYR OXT HXT  sing N N 361 
VAL N   CA   sing N N 362 
VAL N   H    sing N N 363 
VAL N   H2   sing N N 364 
VAL CA  C    sing N N 365 
VAL CA  CB   sing N N 366 
VAL CA  HA   sing N N 367 
VAL C   O    doub N N 368 
VAL C   OXT  sing N N 369 
VAL CB  CG1  sing N N 370 
VAL CB  CG2  sing N N 371 
VAL CB  HB   sing N N 372 
VAL CG1 HG11 sing N N 373 
VAL CG1 HG12 sing N N 374 
VAL CG1 HG13 sing N N 375 
VAL CG2 HG21 sing N N 376 
VAL CG2 HG22 sing N N 377 
VAL CG2 HG23 sing N N 378 
VAL OXT HXT  sing N N 379 
# 
loop_
_pdbx_audit_support.funding_organization 
_pdbx_audit_support.country 
_pdbx_audit_support.grant_number 
_pdbx_audit_support.ordinal 
'European Regional Development Fund'     'Czech Republic' CZ.1.05/1.1.00/02.0109            1 
'Ministry of Education (Czech Republic)' 'Czech Republic' LM2015043                         2 
'European Regional Development Fund'     'Czech Republic' CZ.02.1.01/0.0/0.0/16_013/0001776 3 
# 
_atom_sites.entry_id                    6EJS 
_atom_sites.fract_transf_matrix[1][1]   0.02835260 
_atom_sites.fract_transf_matrix[1][2]   -0.00432974 
_atom_sites.fract_transf_matrix[1][3]   0.01105200 
_atom_sites.fract_transf_matrix[2][1]   0.00776839 
_atom_sites.fract_transf_matrix[2][2]   0.01266959 
_atom_sites.fract_transf_matrix[2][3]   -0.01496542 
_atom_sites.fract_transf_matrix[3][1]   -0.00206255 
_atom_sites.fract_transf_matrix[3][2]   0.01398740 
_atom_sites.fract_transf_matrix[3][3]   0.01077096 
_atom_sites.fract_transf_vector[1]      0.255119 
_atom_sites.fract_transf_vector[2]      1.018326 
_atom_sites.fract_transf_vector[3]      0.155722 
# 
loop_
_atom_type.symbol 
C 
N 
O 
S 
# 
loop_
_atom_site.group_PDB 
_atom_site.id 
_atom_site.type_symbol 
_atom_site.label_atom_id 
_atom_site.label_alt_id 
_atom_site.label_comp_id 
_atom_site.label_asym_id 
_atom_site.label_entity_id 
_atom_site.label_seq_id 
_atom_site.pdbx_PDB_ins_code 
_atom_site.Cartn_x 
_atom_site.Cartn_y 
_atom_site.Cartn_z 
_atom_site.occupancy 
_atom_site.B_iso_or_equiv 
_atom_site.pdbx_formal_charge 
_atom_site.auth_seq_id 
_atom_site.auth_comp_id 
_atom_site.auth_asym_id 
_atom_site.auth_atom_id 
_atom_site.pdbx_PDB_model_num 
ATOM   1    N N   . ALA A 1 2   ? 19.921  1.157   8.434   1.00 29.92 ? 34  ALA A N   1 
ATOM   2    C CA  . ALA A 1 2   ? 19.203  0.150   7.570   1.00 27.54 ? 34  ALA A CA  1 
ATOM   3    C C   . ALA A 1 2   ? 18.269  0.841   6.585   1.00 26.50 ? 34  ALA A C   1 
ATOM   4    O O   . ALA A 1 2   ? 18.145  2.062   6.572   1.00 21.37 ? 34  ALA A O   1 
ATOM   5    C CB  . ALA A 1 2   ? 18.451  -0.870  8.418   1.00 27.30 ? 34  ALA A CB  1 
ATOM   6    N N   . ARG A 1 3   ? 17.610  0.028   5.752   1.00 26.72 ? 35  ARG A N   1 
ATOM   7    C CA  . ARG A 1 3   ? 16.757  0.573   4.700   1.00 24.39 ? 35  ARG A CA  1 
ATOM   8    C C   . ARG A 1 3   ? 15.469  1.295   5.250   1.00 27.50 ? 35  ARG A C   1 
ATOM   9    O O   . ARG A 1 3   ? 14.843  2.081   4.518   1.00 26.35 ? 35  ARG A O   1 
ATOM   10   C CB  . ARG A 1 3   ? 16.489  -0.497  3.608   1.00 24.68 ? 35  ARG A CB  1 
ATOM   11   C CG  . ARG A 1 3   ? 15.629  -1.684  4.016   1.00 25.52 ? 35  ARG A CG  1 
ATOM   12   C CD  . ARG A 1 3   ? 15.510  -2.659  2.900   1.00 25.06 ? 35  ARG A CD  1 
ATOM   13   N NE  . ARG A 1 3   ? 14.626  -3.789  3.121   1.00 25.47 ? 35  ARG A NE  1 
ATOM   14   C CZ  . ARG A 1 3   ? 14.910  -4.859  3.864   1.00 27.95 ? 35  ARG A CZ  1 
ATOM   15   N NH1 . ARG A 1 3   ? 16.065  -4.928  4.544   1.00 30.42 ? 35  ARG A NH1 1 
ATOM   16   N NH2 . ARG A 1 3   ? 14.037  -5.888  3.956   1.00 28.04 ? 35  ARG A NH2 1 
ATOM   17   N N   . TYR A 1 4   ? 15.180  1.137   6.554   1.00 25.21 ? 36  TYR A N   1 
ATOM   18   C CA  . TYR A 1 4   ? 13.955  1.647   7.203   1.00 25.63 ? 36  TYR A CA  1 
ATOM   19   C C   . TYR A 1 4   ? 14.197  2.285   8.582   1.00 26.25 ? 36  TYR A C   1 
ATOM   20   O O   . TYR A 1 4   ? 15.173  1.924   9.267   1.00 28.06 ? 36  TYR A O   1 
ATOM   21   C CB  . TYR A 1 4   ? 13.026  0.470   7.436   1.00 23.51 ? 36  TYR A CB  1 
ATOM   22   C CG  . TYR A 1 4   ? 13.702  -0.702  8.141   1.00 24.94 ? 36  TYR A CG  1 
ATOM   23   C CD1 . TYR A 1 4   ? 14.398  -1.642  7.398   1.00 24.70 ? 36  TYR A CD1 1 
ATOM   24   C CD2 . TYR A 1 4   ? 13.652  -0.875  9.521   1.00 23.32 ? 36  TYR A CD2 1 
ATOM   25   C CE1 . TYR A 1 4   ? 15.033  -2.709  7.992   1.00 26.79 ? 36  TYR A CE1 1 
ATOM   26   C CE2 . TYR A 1 4   ? 14.295  -1.954  10.129  1.00 25.76 ? 36  TYR A CE2 1 
ATOM   27   C CZ  . TYR A 1 4   ? 14.991  -2.869  9.353   1.00 25.08 ? 36  TYR A CZ  1 
ATOM   28   O OH  . TYR A 1 4   ? 15.664  -3.990  9.844   1.00 28.67 ? 36  TYR A OH  1 
ATOM   29   N N   . ASP A 1 5   ? 13.281  3.169   8.983   1.00 23.20 ? 37  ASP A N   1 
ATOM   30   C CA  . ASP A 1 5   ? 13.219  3.803   10.310  1.00 23.58 ? 37  ASP A CA  1 
ATOM   31   C C   . ASP A 1 5   ? 12.314  3.099   11.313  1.00 26.73 ? 37  ASP A C   1 
ATOM   32   O O   . ASP A 1 5   ? 12.675  2.988   12.489  1.00 25.03 ? 37  ASP A O   1 
ATOM   33   C CB  . ASP A 1 5   ? 12.769  5.243   10.190  1.00 22.73 ? 37  ASP A CB  1 
ATOM   34   C CG  . ASP A 1 5   ? 13.694  6.060   9.302   1.00 24.97 ? 37  ASP A CG  1 
ATOM   35   O OD1 . ASP A 1 5   ? 14.959  5.985   9.475   1.00 22.95 ? 37  ASP A OD1 1 
ATOM   36   O OD2 . ASP A 1 5   ? 13.154  6.744   8.401   1.00 24.06 ? 37  ASP A OD2 1 
ATOM   37   N N   . ASP A 1 6   ? 11.128  2.676   10.880  1.00 22.21 ? 38  ASP A N   1 
ATOM   38   C CA  . ASP A 1 6   ? 10.278  1.814   11.710  1.00 20.39 ? 38  ASP A CA  1 
ATOM   39   C C   . ASP A 1 6   ? 9.638   0.740   10.823  1.00 17.74 ? 38  ASP A C   1 
ATOM   40   O O   . ASP A 1 6   ? 9.893   0.684   9.621   1.00 18.07 ? 38  ASP A O   1 
ATOM   41   C CB  . ASP A 1 6   ? 9.247   2.607   12.510  1.00 21.22 ? 38  ASP A CB  1 
ATOM   42   C CG  . ASP A 1 6   ? 8.943   1.953   13.915  0.50 21.71 ? 38  ASP A CG  1 
ATOM   43   O OD1 . ASP A 1 6   ? 8.983   0.718   14.045  0.50 21.76 ? 38  ASP A OD1 1 
ATOM   44   O OD2 . ASP A 1 6   ? 8.685   2.667   14.897  0.50 24.27 ? 38  ASP A OD2 1 
ATOM   45   N N   . ILE A 1 7   ? 8.908   -0.162  11.458  1.00 15.01 ? 39  ILE A N   1 
ATOM   46   C CA  . ILE A 1 7   ? 8.349   -1.326  10.814  1.00 13.18 ? 39  ILE A CA  1 
ATOM   47   C C   . ILE A 1 7   ? 6.832   -1.416  11.046  1.00 12.64 ? 39  ILE A C   1 
ATOM   48   O O   . ILE A 1 7   ? 6.364   -1.161  12.155  1.00 13.75 ? 39  ILE A O   1 
ATOM   49   C CB  . ILE A 1 7   ? 9.001   -2.604  11.395  1.00 13.19 ? 39  ILE A CB  1 
ATOM   50   C CG1 . ILE A 1 7   ? 10.542  -2.551  11.237  1.00 13.04 ? 39  ILE A CG1 1 
ATOM   51   C CG2 . ILE A 1 7   ? 8.329   -3.818  10.799  1.00 13.35 ? 39  ILE A CG2 1 
ATOM   52   C CD1 . ILE A 1 7   ? 11.313  -3.791  11.662  1.00 14.07 ? 39  ILE A CD1 1 
ATOM   53   N N   . LEU A 1 8   ? 6.095   -1.775  9.991   1.00 12.61 ? 40  LEU A N   1 
ATOM   54   C CA  . LEU A 1 8   ? 4.663   -2.100  10.045  1.00 12.99 ? 40  LEU A CA  1 
ATOM   55   C C   . LEU A 1 8   ? 4.484   -3.581  9.724   1.00 12.35 ? 40  LEU A C   1 
ATOM   56   O O   . LEU A 1 8   ? 4.964   -4.089  8.726   1.00 12.73 ? 40  LEU A O   1 
ATOM   57   C CB  . LEU A 1 8   ? 3.863   -1.209  9.087   1.00 12.83 ? 40  LEU A CB  1 
ATOM   58   C CG  . LEU A 1 8   ? 2.348   -1.468  8.965   1.00 13.15 ? 40  LEU A CG  1 
ATOM   59   C CD1 . LEU A 1 8   ? 1.590   -0.206  8.544   1.00 14.08 ? 40  LEU A CD1 1 
ATOM   60   C CD2 . LEU A 1 8   ? 1.993   -2.628  8.017   1.00 13.57 ? 40  LEU A CD2 1 
ATOM   61   N N   . TYR A 1 9   ? 3.733   -4.292  10.605  1.00 12.71 ? 41  TYR A N   1 
ATOM   62   C CA  . TYR A 1 9   ? 3.463   -5.677  10.440  1.00 13.19 ? 41  TYR A CA  1 
ATOM   63   C C   . TYR A 1 9   ? 2.032   -5.785  9.899   1.00 12.33 ? 41  TYR A C   1 
ATOM   64   O O   . TYR A 1 9   ? 1.054   -5.471  10.621  1.00 12.47 ? 41  TYR A O   1 
ATOM   65   C CB  . TYR A 1 9   ? 3.622   -6.381  11.813  1.00 12.85 ? 41  TYR A CB  1 
ATOM   66   C CG  . TYR A 1 9   ? 5.040   -6.292  12.364  1.00 12.71 ? 41  TYR A CG  1 
ATOM   67   C CD1 . TYR A 1 9   ? 6.031   -7.171  11.971  1.00 12.15 ? 41  TYR A CD1 1 
ATOM   68   C CD2 . TYR A 1 9   ? 5.392   -5.220  13.210  1.00 12.75 ? 41  TYR A CD2 1 
ATOM   69   C CE1 . TYR A 1 9   ? 7.336   -7.040  12.465  1.00 12.58 ? 41  TYR A CE1 1 
ATOM   70   C CE2 . TYR A 1 9   ? 6.680   -5.075  13.668  1.00 12.97 ? 41  TYR A CE2 1 
ATOM   71   C CZ  . TYR A 1 9   ? 7.634   -5.979  13.319  1.00 12.28 ? 41  TYR A CZ  1 
ATOM   72   O OH  . TYR A 1 9   ? 8.941   -5.748  13.766  1.00 13.97 ? 41  TYR A OH  1 
ATOM   73   N N   . PHE A 1 10  ? 1.878   -6.157  8.633   1.00 11.64 ? 42  PHE A N   1 
ATOM   74   C CA  . PHE A 1 10  ? 0.571   -6.140  8.016   1.00 11.30 ? 42  PHE A CA  1 
ATOM   75   C C   . PHE A 1 10  ? -0.240  -7.337  8.469   1.00 11.80 ? 42  PHE A C   1 
ATOM   76   O O   . PHE A 1 10  ? 0.248   -8.447  8.353   1.00 12.52 ? 42  PHE A O   1 
ATOM   77   C CB  . PHE A 1 10  ? 0.723   -6.079  6.488   1.00 10.86 ? 42  PHE A CB  1 
ATOM   78   C CG  . PHE A 1 10  ? -0.568  -5.937  5.787   1.00 10.96 ? 42  PHE A CG  1 
ATOM   79   C CD1 . PHE A 1 10  ? -1.390  -7.042  5.590   1.00 12.01 ? 42  PHE A CD1 1 
ATOM   80   C CD2 . PHE A 1 10  ? -1.035  -4.683  5.470   1.00 10.68 ? 42  PHE A CD2 1 
ATOM   81   C CE1 . PHE A 1 10  ? -2.673  -6.869  5.062   1.00 10.95 ? 42  PHE A CE1 1 
ATOM   82   C CE2 . PHE A 1 10  ? -2.283  -4.491  4.924   1.00 11.55 ? 42  PHE A CE2 1 
ATOM   83   C CZ  . PHE A 1 10  ? -3.113  -5.605  4.697   1.00 11.61 ? 42  PHE A CZ  1 
ATOM   84   N N   . PRO A 1 11  ? -1.522  -7.116  8.876   1.00 12.54 ? 43  PRO A N   1 
ATOM   85   C CA  . PRO A 1 11  ? -2.319  -8.220  9.417   1.00 12.93 ? 43  PRO A CA  1 
ATOM   86   C C   . PRO A 1 11  ? -3.009  -9.054  8.322   1.00 12.90 ? 43  PRO A C   1 
ATOM   87   O O   . PRO A 1 11  ? -4.152  -8.808  7.919   1.00 13.22 ? 43  PRO A O   1 
ATOM   88   C CB  . PRO A 1 11  ? -3.323  -7.485  10.300  1.00 12.36 ? 43  PRO A CB  1 
ATOM   89   C CG  . PRO A 1 11  ? -3.591  -6.224  9.564   1.00 12.67 ? 43  PRO A CG  1 
ATOM   90   C CD  . PRO A 1 11  ? -2.250  -5.840  8.993   1.00 12.34 ? 43  PRO A CD  1 
ATOM   91   N N   . ALA A 1 12  ? -2.279  -9.991  7.774   1.00 16.42 ? 44  ALA A N   1 
ATOM   92   C CA  . ALA A 1 12  ? -2.783  -10.756 6.634   1.00 17.05 ? 44  ALA A CA  1 
ATOM   93   C C   . ALA A 1 12  ? -4.001  -11.605 6.972   1.00 17.53 ? 44  ALA A C   1 
ATOM   94   O O   . ALA A 1 12  ? -4.869  -11.742 6.156   1.00 17.85 ? 44  ALA A O   1 
ATOM   95   C CB  . ALA A 1 12  ? -1.676  -11.582 5.972   1.00 18.09 ? 44  ALA A CB  1 
ATOM   96   N N   . SER A 1 13  ? -4.134  -12.106 8.199   1.00 18.64 ? 45  SER A N   1 
ATOM   97   C CA  . SER A 1 13  ? -5.358  -12.875 8.526   1.00 21.00 ? 45  SER A CA  1 
ATOM   98   C C   . SER A 1 13  ? -6.629  -12.013 8.487   1.00 19.40 ? 45  SER A C   1 
ATOM   99   O O   . SER A 1 13  ? -7.725  -12.534 8.219   1.00 22.27 ? 45  SER A O   1 
ATOM   100  C CB  . SER A 1 13  ? -5.233  -13.564 9.889   1.00 22.99 ? 45  SER A CB  1 
ATOM   101  O OG  . SER A 1 13  ? -5.260  -12.609 10.927  1.00 27.71 ? 45  SER A OG  1 
ATOM   102  N N   . ARG A 1 14  ? -6.488  -10.712 8.745   1.00 17.53 ? 46  ARG A N   1 
ATOM   103  C CA  . ARG A 1 14  ? -7.597  -9.739  8.695   1.00 17.37 ? 46  ARG A CA  1 
ATOM   104  C C   . ARG A 1 14  ? -7.953  -9.311  7.252   1.00 15.46 ? 46  ARG A C   1 
ATOM   105  O O   . ARG A 1 14  ? -9.115  -9.081  6.955   1.00 14.86 ? 46  ARG A O   1 
ATOM   106  C CB  . ARG A 1 14  ? -7.201  -8.514  9.498   1.00 16.48 ? 46  ARG A CB  1 
ATOM   107  C CG  . ARG A 1 14  ? -8.280  -7.447  9.635   1.00 16.81 ? 46  ARG A CG  1 
ATOM   108  C CD  . ARG A 1 14  ? -7.901  -6.527  10.770  1.00 17.72 ? 46  ARG A CD  1 
ATOM   109  N NE  . ARG A 1 14  ? -8.876  -5.487  10.998  1.00 19.64 ? 46  ARG A NE  1 
ATOM   110  C CZ  . ARG A 1 14  ? -8.805  -4.596  11.967  1.00 19.53 ? 46  ARG A CZ  1 
ATOM   111  N NH1 . ARG A 1 14  ? -7.803  -4.648  12.839  1.00 19.48 ? 46  ARG A NH1 1 
ATOM   112  N NH2 . ARG A 1 14  ? -9.736  -3.642  12.052  1.00 20.07 ? 46  ARG A NH2 1 
ATOM   113  N N   . TYR A 1 15  ? -6.913  -9.099  6.436   1.00 13.49 ? 47  TYR A N   1 
ATOM   114  C CA  . TYR A 1 15  ? -7.087  -8.668  5.059   1.00 13.49 ? 47  TYR A CA  1 
ATOM   115  C C   . TYR A 1 15  ? -6.255  -9.585  4.183   1.00 13.33 ? 47  TYR A C   1 
ATOM   116  O O   . TYR A 1 15  ? -5.182  -9.227  3.661   1.00 10.95 ? 47  TYR A O   1 
ATOM   117  C CB  . TYR A 1 15  ? -6.660  -7.190  4.887   1.00 12.99 ? 47  TYR A CB  1 
ATOM   118  C CG  . TYR A 1 15  ? -7.262  -6.236  5.920   1.00 12.39 ? 47  TYR A CG  1 
ATOM   119  C CD1 . TYR A 1 15  ? -8.579  -5.863  5.869   1.00 13.13 ? 47  TYR A CD1 1 
ATOM   120  C CD2 . TYR A 1 15  ? -6.478  -5.631  6.884   1.00 13.26 ? 47  TYR A CD2 1 
ATOM   121  C CE1 . TYR A 1 15  ? -9.112  -4.969  6.777   1.00 13.42 ? 47  TYR A CE1 1 
ATOM   122  C CE2 . TYR A 1 15  ? -6.997  -4.727  7.796   1.00 12.47 ? 47  TYR A CE2 1 
ATOM   123  C CZ  . TYR A 1 15  ? -8.322  -4.398  7.740   1.00 14.96 ? 47  TYR A CZ  1 
ATOM   124  O OH  . TYR A 1 15  ? -8.760  -3.493  8.652   1.00 13.31 ? 47  TYR A OH  1 
ATOM   125  N N   . PRO A 1 16  ? -6.724  -10.821 3.994   1.00 14.33 ? 48  PRO A N   1 
ATOM   126  C CA  . PRO A 1 16  ? -5.801  -11.774 3.409   1.00 14.66 ? 48  PRO A CA  1 
ATOM   127  C C   . PRO A 1 16  ? -5.331  -11.543 1.974   1.00 13.36 ? 48  PRO A C   1 
ATOM   128  O O   . PRO A 1 16  ? -4.212  -11.842 1.685   1.00 12.75 ? 48  PRO A O   1 
ATOM   129  C CB  . PRO A 1 16  ? -6.530  -13.131 3.567   1.00 15.67 ? 48  PRO A CB  1 
ATOM   130  C CG  . PRO A 1 16  ? -7.695  -12.867 4.411   1.00 16.43 ? 48  PRO A CG  1 
ATOM   131  C CD  . PRO A 1 16  ? -8.025  -11.437 4.313   1.00 16.58 ? 48  PRO A CD  1 
ATOM   132  N N   . GLU A 1 17  ? -6.155  -10.970 1.116   1.00 14.52 ? 49  GLU A N   1 
ATOM   133  C CA  . GLU A 1 17  ? -5.756  -10.808 -0.295  1.00 15.52 ? 49  GLU A CA  1 
ATOM   134  C C   . GLU A 1 17  ? -4.863  -9.595  -0.446  1.00 13.89 ? 49  GLU A C   1 
ATOM   135  O O   . GLU A 1 17  ? -3.916  -9.637  -1.201  1.00 13.32 ? 49  GLU A O   1 
ATOM   136  C CB  . GLU A 1 17  ? -6.941  -10.690 -1.245  1.00 19.04 ? 49  GLU A CB  1 
ATOM   137  C CG  . GLU A 1 17  ? -7.533  -11.988 -1.761  1.00 22.80 ? 49  GLU A CG  1 
ATOM   138  C CD  . GLU A 1 17  ? -8.920  -11.748 -2.334  1.00 25.94 ? 49  GLU A CD  1 
ATOM   139  O OE1 . GLU A 1 17  ? -9.851  -11.604 -1.507  1.00 32.25 ? 49  GLU A OE1 1 
ATOM   140  O OE2 . GLU A 1 17  ? -9.096  -11.655 -3.584  1.00 30.35 ? 49  GLU A OE2 1 
ATOM   141  N N   . THR A 1 18  ? -5.126  -8.568  0.335   1.00 12.88 ? 50  THR A N   1 
ATOM   142  C CA  . THR A 1 18  ? -4.204  -7.382  0.349   1.00 12.86 ? 50  THR A CA  1 
ATOM   143  C C   . THR A 1 18  ? -2.843  -7.840  0.855   1.00 12.49 ? 50  THR A C   1 
ATOM   144  O O   . THR A 1 18  ? -1.804  -7.594  0.230   1.00 12.33 ? 50  THR A O   1 
ATOM   145  C CB  . THR A 1 18  ? -4.759  -6.206  1.164   1.00 12.70 ? 50  THR A CB  1 
ATOM   146  O OG1 . THR A 1 18  ? -6.040  -5.770  0.672   1.00 13.42 ? 50  THR A OG1 1 
ATOM   147  C CG2 . THR A 1 18  ? -3.741  -5.062  1.203   1.00 12.86 ? 50  THR A CG2 1 
ATOM   148  N N   . GLY A 1 19  ? -2.786  -8.557  1.980   1.00 12.52 ? 51  GLY A N   1 
ATOM   149  C CA  . GLY A 1 19  ? -1.493  -9.090  2.439   1.00 12.62 ? 51  GLY A CA  1 
ATOM   150  C C   . GLY A 1 19  ? -0.757  -9.969  1.473   1.00 11.32 ? 51  GLY A C   1 
ATOM   151  O O   . GLY A 1 19  ? 0.485   -9.863  1.314   1.00 11.43 ? 51  GLY A O   1 
ATOM   152  N N   . ALA A 1 20  ? -1.497  -10.837 0.758   1.00 11.85 ? 52  ALA A N   1 
ATOM   153  C CA  . ALA A 1 20  ? -0.847  -11.692 -0.209  1.00 12.20 ? 52  ALA A CA  1 
ATOM   154  C C   . ALA A 1 20  ? -0.256  -10.866 -1.377  1.00 11.46 ? 52  ALA A C   1 
ATOM   155  O O   . ALA A 1 20  ? 0.821   -11.212 -1.924  1.00 12.77 ? 52  ALA A O   1 
ATOM   156  C CB  . ALA A 1 20  ? -1.840  -12.755 -0.722  1.00 12.65 ? 52  ALA A CB  1 
ATOM   157  N N   . HIS A 1 21  ? -1.002  -9.822  -1.769  1.00 11.36 ? 53  HIS A N   1 
ATOM   158  C CA  . HIS A 1 21  ? -0.528  -8.933  -2.840  1.00 10.49 ? 53  HIS A CA  1 
ATOM   159  C C   . HIS A 1 21  ? 0.803   -8.266  -2.410  1.00 10.65 ? 53  HIS A C   1 
ATOM   160  O O   . HIS A 1 21  ? 1.767   -8.311  -3.105  1.00 11.33 ? 53  HIS A O   1 
ATOM   161  C CB  . HIS A 1 21  ? -1.535  -7.873  -3.199  1.00 10.57 ? 53  HIS A CB  1 
ATOM   162  C CG  . HIS A 1 21  ? -1.052  -6.983  -4.298  1.00 9.45  ? 53  HIS A CG  1 
ATOM   163  N ND1 . HIS A 1 21  ? -1.393  -5.657  -4.378  1.00 9.69  ? 53  HIS A ND1 1 
ATOM   164  C CD2 . HIS A 1 21  ? -0.267  -7.240  -5.369  1.00 10.14 ? 53  HIS A CD2 1 
ATOM   165  C CE1 . HIS A 1 21  ? -0.847  -5.140  -5.461  1.00 9.69  ? 53  HIS A CE1 1 
ATOM   166  N NE2 . HIS A 1 21  ? -0.154  -6.068  -6.081  1.00 10.29 ? 53  HIS A NE2 1 
ATOM   167  N N   . ILE A 1 22  ? 0.829   -7.728  -1.193  1.00 11.41 ? 54  ILE A N   1 
ATOM   168  C CA  . ILE A 1 22  ? 2.041   -7.064  -0.739  1.00 10.75 ? 54  ILE A CA  1 
ATOM   169  C C   . ILE A 1 22  ? 3.181   -8.045  -0.727  1.00 11.58 ? 54  ILE A C   1 
ATOM   170  O O   . ILE A 1 22  ? 4.283   -7.754  -1.199  1.00 12.04 ? 54  ILE A O   1 
ATOM   171  C CB  . ILE A 1 22  ? 1.855   -6.387  0.647   1.00 9.94  ? 54  ILE A CB  1 
ATOM   172  C CG1 . ILE A 1 22  ? 0.794   -5.313  0.607   1.00 10.60 ? 54  ILE A CG1 1 
ATOM   173  C CG2 . ILE A 1 22  ? 3.214   -5.986  1.249   1.00 9.64  ? 54  ILE A CG2 1 
ATOM   174  C CD1 . ILE A 1 22  ? 0.318   -4.894  1.950   1.00 10.34 ? 54  ILE A CD1 1 
ATOM   175  N N   . SER A 1 23  ? 2.943   -9.219  -0.146  1.00 12.90 ? 55  SER A N   1 
ATOM   176  C CA  . SER A 1 23  ? 4.002   -10.208 -0.064  1.00 15.31 ? 55  SER A CA  1 
ATOM   177  C C   . SER A 1 23  ? 4.503   -10.633 -1.464  1.00 14.13 ? 55  SER A C   1 
ATOM   178  O O   . SER A 1 23  ? 5.704   -10.749 -1.696  1.00 15.33 ? 55  SER A O   1 
ATOM   179  C CB  . SER A 1 23  ? 3.533   -11.435 0.720   1.00 17.66 ? 55  SER A CB  1 
ATOM   180  O OG  . SER A 1 23  ? 4.570   -12.400 0.629   1.00 22.33 ? 55  SER A OG  1 
ATOM   181  N N   . ASP A 1 24  ? 3.567   -10.899 -2.385  1.00 13.89 ? 56  ASP A N   1 
ATOM   182  C CA  . ASP A 1 24  ? 3.951   -11.293 -3.725  1.00 14.87 ? 56  ASP A CA  1 
ATOM   183  C C   . ASP A 1 24  ? 4.710   -10.177 -4.444  1.00 14.67 ? 56  ASP A C   1 
ATOM   184  O O   . ASP A 1 24  ? 5.673   -10.436 -5.144  1.00 14.15 ? 56  ASP A O   1 
ATOM   185  C CB  . ASP A 1 24  ? 2.713   -11.692 -4.536  1.00 15.43 ? 56  ASP A CB  1 
ATOM   186  C CG  . ASP A 1 24  ? 2.067   -12.953 -4.061  1.00 18.44 ? 56  ASP A CG  1 
ATOM   187  O OD1 . ASP A 1 24  ? 2.703   -13.768 -3.321  1.00 20.66 ? 56  ASP A OD1 1 
ATOM   188  O OD2 . ASP A 1 24  ? 0.902   -13.154 -4.475  1.00 21.40 ? 56  ASP A OD2 1 
ATOM   189  N N   . ALA A 1 25  ? 4.282   -8.929  -4.266  1.00 13.42 ? 57  ALA A N   1 
ATOM   190  C CA  . ALA A 1 25  ? 4.930   -7.823  -4.924  1.00 13.41 ? 57  ALA A CA  1 
ATOM   191  C C   . ALA A 1 25  ? 6.352   -7.669  -4.432  1.00 13.57 ? 57  ALA A C   1 
ATOM   192  O O   . ALA A 1 25  ? 7.261   -7.449  -5.217  1.00 12.65 ? 57  ALA A O   1 
ATOM   193  C CB  . ALA A 1 25  ? 4.135   -6.524  -4.753  1.00 12.89 ? 57  ALA A CB  1 
ATOM   194  N N   . ILE A 1 26  ? 6.528   -7.710  -3.112  1.00 14.74 ? 58  ILE A N   1 
ATOM   195  C CA  . ILE A 1 26  ? 7.886   -7.623  -2.504  1.00 15.34 ? 58  ILE A CA  1 
ATOM   196  C C   . ILE A 1 26  ? 8.816   -8.751  -2.982  1.00 14.92 ? 58  ILE A C   1 
ATOM   197  O O   . ILE A 1 26  ? 9.996   -8.486  -3.294  1.00 16.38 ? 58  ILE A O   1 
ATOM   198  C CB  . ILE A 1 26  ? 7.775   -7.582  -0.990  1.00 15.54 ? 58  ILE A CB  1 
ATOM   199  C CG1 . ILE A 1 26  ? 7.239   -6.192  -0.534  1.00 14.96 ? 58  ILE A CG1 1 
ATOM   200  C CG2 . ILE A 1 26  ? 9.105   -7.918  -0.315  1.00 18.15 ? 58  ILE A CG2 1 
ATOM   201  C CD1 . ILE A 1 26  ? 6.751   -6.142  0.892   1.00 15.94 ? 58  ILE A CD1 1 
ATOM   202  N N   . LYS A 1 27  ? 8.263   -9.968  -3.052  1.00 16.80 ? 59  LYS A N   1 
ATOM   203  C CA  . LYS A 1 27  ? 8.947   -11.167 -3.525  1.00 19.15 ? 59  LYS A CA  1 
ATOM   204  C C   . LYS A 1 27  ? 9.403   -11.000 -4.975  1.00 18.85 ? 59  LYS A C   1 
ATOM   205  O O   . LYS A 1 27  ? 10.478  -11.447 -5.318  1.00 19.49 ? 59  LYS A O   1 
ATOM   206  C CB  . LYS A 1 27  ? 8.042   -12.387 -3.378  1.00 20.59 ? 59  LYS A CB  1 
ATOM   207  C CG  . LYS A 1 27  ? 7.973   -13.008 -1.983  0.50 21.37 ? 59  LYS A CG  1 
ATOM   208  C CD  . LYS A 1 27  ? 6.848   -14.038 -1.875  0.50 22.34 ? 59  LYS A CD  1 
ATOM   209  C CE  . LYS A 1 27  ? 6.949   -14.877 -0.611  0.50 23.07 ? 59  LYS A CE  1 
ATOM   210  N NZ  . LYS A 1 27  ? 7.677   -16.171 -0.820  0.50 23.00 ? 59  LYS A NZ  1 
ATOM   211  N N   . ALA A 1 28  ? 8.590   -10.329 -5.811  1.00 19.87 ? 60  ALA A N   1 
ATOM   212  C CA  . ALA A 1 28  ? 8.933   -10.034 -7.215  1.00 19.50 ? 60  ALA A CA  1 
ATOM   213  C C   . ALA A 1 28  ? 9.951   -8.937  -7.407  1.00 20.07 ? 60  ALA A C   1 
ATOM   214  O O   . ALA A 1 28  ? 10.547  -8.780  -8.503  1.00 20.27 ? 60  ALA A O   1 
ATOM   215  C CB  . ALA A 1 28  ? 7.674   -9.696  -8.000  1.00 20.36 ? 60  ALA A CB  1 
ATOM   216  N N   . GLY A 1 29  ? 10.185  -8.158  -6.364  1.00 17.40 ? 61  GLY A N   1 
ATOM   217  C CA  . GLY A 1 29  ? 11.232  -7.147  -6.383  1.00 17.34 ? 61  GLY A CA  1 
ATOM   218  C C   . GLY A 1 29  ? 10.796  -5.717  -6.126  1.00 15.04 ? 61  GLY A C   1 
ATOM   219  O O   . GLY A 1 29  ? 11.626  -4.802  -6.105  1.00 17.52 ? 61  GLY A O   1 
ATOM   220  N N   . HIS A 1 30  ? 9.504   -5.479  -5.902  1.00 14.52 ? 62  HIS A N   1 
ATOM   221  C CA  . HIS A 1 30  ? 9.060   -4.145  -5.504  1.00 13.60 ? 62  HIS A CA  1 
ATOM   222  C C   . HIS A 1 30  ? 9.580   -3.817  -4.119  1.00 13.52 ? 62  HIS A C   1 
ATOM   223  O O   . HIS A 1 30  ? 9.803   -4.715  -3.326  1.00 13.93 ? 62  HIS A O   1 
ATOM   224  C CB  . HIS A 1 30  ? 7.531   -4.035  -5.526  1.00 12.62 ? 62  HIS A CB  1 
ATOM   225  C CG  . HIS A 1 30  ? 6.952   -4.102  -6.906  1.00 12.48 ? 62  HIS A CG  1 
ATOM   226  N ND1 . HIS A 1 30  ? 6.843   -3.001  -7.744  1.00 12.75 ? 62  HIS A ND1 1 
ATOM   227  C CD2 . HIS A 1 30  ? 6.377   -5.136  -7.557  1.00 12.79 ? 62  HIS A CD2 1 
ATOM   228  C CE1 . HIS A 1 30  ? 6.259   -3.392  -8.862  1.00 12.08 ? 62  HIS A CE1 1 
ATOM   229  N NE2 . HIS A 1 30  ? 5.987   -4.679  -8.780  1.00 12.47 ? 62  HIS A NE2 1 
ATOM   230  N N   . SER A 1 31  ? 9.786   -2.538  -3.854  1.00 14.59 ? 63  SER A N   1 
ATOM   231  C CA  . SER A 1 31  ? 10.311  -2.092  -2.565  1.00 14.90 ? 63  SER A CA  1 
ATOM   232  C C   . SER A 1 31  ? 9.472   -2.612  -1.440  1.00 14.66 ? 63  SER A C   1 
ATOM   233  O O   . SER A 1 31  ? 8.244   -2.515  -1.501  1.00 13.25 ? 63  SER A O   1 
ATOM   234  C CB  . SER A 1 31  ? 10.282  -0.575  -2.471  1.00 16.87 ? 63  SER A CB  1 
ATOM   235  O OG  . SER A 1 31  ? 10.810  -0.141  -1.258  1.00 15.87 ? 63  SER A OG  1 
ATOM   236  N N   . ASP A 1 32  ? 10.110  -3.122  -0.406  1.00 14.28 ? 64  ASP A N   1 
ATOM   237  C CA  . ASP A 1 32  ? 9.401   -3.401  0.840   1.00 14.58 ? 64  ASP A CA  1 
ATOM   238  C C   . ASP A 1 32  ? 9.398   -2.250  1.835   1.00 13.73 ? 64  ASP A C   1 
ATOM   239  O O   . ASP A 1 32  ? 8.870   -2.367  2.969   1.00 12.86 ? 64  ASP A O   1 
ATOM   240  C CB  . ASP A 1 32  ? 9.899   -4.687  1.491   1.00 15.72 ? 64  ASP A CB  1 
ATOM   241  C CG  . ASP A 1 32  ? 11.396  -4.704  1.770   1.00 16.05 ? 64  ASP A CG  1 
ATOM   242  O OD1 . ASP A 1 32  ? 12.112  -3.741  1.530   1.00 15.72 ? 64  ASP A OD1 1 
ATOM   243  O OD2 . ASP A 1 32  ? 11.889  -5.751  2.242   1.00 21.33 ? 64  ASP A OD2 1 
ATOM   244  N N   . VAL A 1 33  ? 9.898   -1.111  1.388   1.00 12.78 ? 65  VAL A N   1 
ATOM   245  C CA  . VAL A 1 33  ? 9.839   0.145   2.139   1.00 12.78 ? 65  VAL A CA  1 
ATOM   246  C C   . VAL A 1 33  ? 8.890   1.163   1.496   1.00 12.00 ? 65  VAL A C   1 
ATOM   247  O O   . VAL A 1 33  ? 8.954   1.484   0.286   1.00 12.54 ? 65  VAL A O   1 
ATOM   248  C CB  . VAL A 1 33  ? 11.258  0.744   2.331   1.00 12.92 ? 65  VAL A CB  1 
ATOM   249  C CG1 . VAL A 1 33  ? 11.240  2.152   2.902   1.00 14.05 ? 65  VAL A CG1 1 
ATOM   250  C CG2 . VAL A 1 33  ? 12.126  -0.225  3.131   1.00 13.84 ? 65  VAL A CG2 1 
ATOM   251  N N   . CYS A 1 34  ? 8.022   1.698   2.329   1.00 11.18 ? 66  CYS A N   1 
ATOM   252  C CA  . CYS A 1 34  ? 7.182   2.798   2.004   1.00 11.33 ? 66  CYS A CA  1 
ATOM   253  C C   . CYS A 1 34  ? 7.722   4.053   2.661   1.00 11.25 ? 66  CYS A C   1 
ATOM   254  O O   . CYS A 1 34  ? 7.719   4.187   3.893   1.00 11.22 ? 66  CYS A O   1 
ATOM   255  C CB  . CYS A 1 34  ? 5.758   2.556   2.556   1.00 12.82 ? 66  CYS A CB  1 
ATOM   256  S SG  . CYS A 1 34  ? 4.675   4.010   2.393   1.00 14.61 ? 66  CYS A SG  1 
ATOM   257  N N   . THR A 1 35  ? 8.295   4.960   1.875   1.00 10.94 ? 67  THR A N   1 
ATOM   258  C CA  . THR A 1 35  ? 8.693   6.234   2.364   1.00 11.27 ? 67  THR A CA  1 
ATOM   259  C C   . THR A 1 35  ? 7.483   7.180   2.278   1.00 11.15 ? 67  THR A C   1 
ATOM   260  O O   . THR A 1 35  ? 7.008   7.567   1.188   1.00 10.13 ? 67  THR A O   1 
ATOM   261  C CB  . THR A 1 35  ? 9.898   6.786   1.593   1.00 11.65 ? 67  THR A CB  1 
ATOM   262  O OG1 . THR A 1 35  ? 10.924  5.829   1.507   1.00 13.06 ? 67  THR A OG1 1 
ATOM   263  C CG2 . THR A 1 35  ? 10.426  8.069   2.188   1.00 12.49 ? 67  THR A CG2 1 
ATOM   264  N N   . ILE A 1 36  ? 6.928   7.509   3.435   1.00 11.11 ? 68  ILE A N   1 
ATOM   265  C CA  . ILE A 1 36  ? 5.640   8.172   3.496   1.00 12.46 ? 68  ILE A CA  1 
ATOM   266  C C   . ILE A 1 36  ? 5.685   9.522   2.818   1.00 11.87 ? 68  ILE A C   1 
ATOM   267  O O   . ILE A 1 36  ? 6.567   10.346  3.114   1.00 12.91 ? 68  ILE A O   1 
ATOM   268  C CB  . ILE A 1 36  ? 5.102   8.329   4.967   1.00 12.52 ? 68  ILE A CB  1 
ATOM   269  C CG1 . ILE A 1 36  ? 4.975   6.994   5.636   1.00 13.20 ? 68  ILE A CG1 1 
ATOM   270  C CG2 . ILE A 1 36  ? 3.784   9.052   4.962   1.00 13.66 ? 68  ILE A CG2 1 
ATOM   271  C CD1 . ILE A 1 36  ? 4.676   7.076   7.122   1.00 12.40 ? 68  ILE A CD1 1 
ATOM   272  N N   . GLU A 1 37  ? 4.734   9.745   1.913   1.00 11.42 ? 69  GLU A N   1 
ATOM   273  C CA  . GLU A 1 37  ? 4.640   10.982  1.152   1.00 12.06 ? 69  GLU A CA  1 
ATOM   274  C C   . GLU A 1 37  ? 3.155   11.165  0.787   1.00 13.27 ? 69  GLU A C   1 
ATOM   275  O O   . GLU A 1 37  ? 2.660   10.599  -0.170  1.00 13.54 ? 69  GLU A O   1 
ATOM   276  C CB  . GLU A 1 37  ? 5.529   10.959  -0.080  1.00 12.87 ? 69  GLU A CB  1 
ATOM   277  C CG  . GLU A 1 37  ? 5.893   12.357  -0.549  1.00 13.74 ? 69  GLU A CG  1 
ATOM   278  C CD  . GLU A 1 37  ? 4.706   13.225  -0.833  1.00 14.28 ? 69  GLU A CD  1 
ATOM   279  O OE1 . GLU A 1 37  ? 4.462   14.215  -0.104  1.00 17.42 ? 69  GLU A OE1 1 
ATOM   280  O OE2 . GLU A 1 37  ? 3.988   12.916  -1.805  1.00 14.27 ? 69  GLU A OE2 1 
ATOM   281  N N   . ARG A 1 38  ? 2.468   11.989  1.553   1.00 13.92 ? 70  ARG A N   1 
ATOM   282  C CA  A ARG A 1 38  ? 1.029   12.094  1.505   0.50 14.91 ? 70  ARG A CA  1 
ATOM   283  C CA  B ARG A 1 38  ? 1.029   12.054  1.484   0.50 14.55 ? 70  ARG A CA  1 
ATOM   284  C C   . ARG A 1 38  ? 0.525   13.040  0.432   1.00 15.58 ? 70  ARG A C   1 
ATOM   285  O O   . ARG A 1 38  ? -0.537  12.796  -0.142  1.00 15.50 ? 70  ARG A O   1 
ATOM   286  C CB  A ARG A 1 38  ? 0.476   12.509  2.879   0.50 15.21 ? 70  ARG A CB  1 
ATOM   287  C CB  B ARG A 1 38  ? 0.400   12.304  2.881   0.50 14.34 ? 70  ARG A CB  1 
ATOM   288  C CG  A ARG A 1 38  ? 0.842   11.539  3.996   0.50 14.94 ? 70  ARG A CG  1 
ATOM   289  C CG  B ARG A 1 38  ? 0.464   11.111  3.838   0.50 13.44 ? 70  ARG A CG  1 
ATOM   290  C CD  A ARG A 1 38  ? 0.728   12.185  5.392   0.50 14.86 ? 70  ARG A CD  1 
ATOM   291  C CD  B ARG A 1 38  ? 0.132   11.503  5.306   0.50 13.48 ? 70  ARG A CD  1 
ATOM   292  N NE  A ARG A 1 38  ? 1.156   11.314  6.477   0.50 14.01 ? 70  ARG A NE  1 
ATOM   293  N NE  B ARG A 1 38  ? 0.506   10.492  6.286   0.50 13.25 ? 70  ARG A NE  1 
ATOM   294  C CZ  A ARG A 1 38  ? 0.588   10.142  6.724   0.50 14.35 ? 70  ARG A CZ  1 
ATOM   295  C CZ  B ARG A 1 38  ? 1.506   10.573  7.167   0.50 12.57 ? 70  ARG A CZ  1 
ATOM   296  N NH1 A ARG A 1 38  ? -0.419  9.736   5.969   0.50 15.07 ? 70  ARG A NH1 1 
ATOM   297  N NH1 B ARG A 1 38  ? 2.320   11.625  7.255   0.50 12.50 ? 70  ARG A NH1 1 
ATOM   298  N NH2 A ARG A 1 38  ? 1.000   9.382   7.718   0.50 13.73 ? 70  ARG A NH2 1 
ATOM   299  N NH2 B ARG A 1 38  ? 1.699   9.549   7.983   0.50 12.42 ? 70  ARG A NH2 1 
ATOM   300  N N   . SER A 1 39  ? 1.272   14.117  0.189   1.00 16.99 ? 71  SER A N   1 
ATOM   301  C CA  . SER A 1 39  ? 0.855   15.175  -0.725  1.00 17.76 ? 71  SER A CA  1 
ATOM   302  C C   . SER A 1 39  ? 0.690   14.719  -2.170  1.00 17.61 ? 71  SER A C   1 
ATOM   303  O O   . SER A 1 39  ? -0.143  15.252  -2.938  1.00 20.35 ? 71  SER A O   1 
ATOM   304  C CB  . SER A 1 39  ? 1.806   16.397  -0.638  1.00 19.40 ? 71  SER A CB  1 
ATOM   305  O OG  . SER A 1 39  ? 3.068   16.187  -1.259  1.00 19.86 ? 71  SER A OG  1 
ATOM   306  N N   . GLY A 1 40  ? 1.474   13.718  -2.544  1.00 16.14 ? 72  GLY A N   1 
ATOM   307  C CA  . GLY A 1 40  ? 1.529   13.334  -3.931  1.00 14.85 ? 72  GLY A CA  1 
ATOM   308  C C   . GLY A 1 40  ? 0.653   12.132  -4.183  1.00 14.70 ? 72  GLY A C   1 
ATOM   309  O O   . GLY A 1 40  ? 0.631   11.668  -5.315  1.00 13.68 ? 72  GLY A O   1 
ATOM   310  N N   . ALA A 1 41  ? -0.117  11.679  -3.176  1.00 12.90 ? 73  ALA A N   1 
ATOM   311  C CA  . ALA A 1 41  ? -0.888  10.423  -3.290  1.00 13.52 ? 73  ALA A CA  1 
ATOM   312  C C   . ALA A 1 41  ? -1.994  10.417  -4.344  1.00 13.51 ? 73  ALA A C   1 
ATOM   313  O O   . ALA A 1 41  ? -2.192  9.416   -5.003  1.00 12.46 ? 73  ALA A O   1 
ATOM   314  C CB  . ALA A 1 41  ? -1.470  9.991   -1.938  1.00 15.09 ? 73  ALA A CB  1 
ATOM   315  N N   . ASP A 1 42  ? -2.696  11.525  -4.503  1.00 13.69 ? 74  ASP A N   1 
ATOM   316  C CA  . ASP A 1 42  ? -3.788  11.591  -5.470  1.00 13.56 ? 74  ASP A CA  1 
ATOM   317  C C   . ASP A 1 42  ? -3.272  11.413  -6.879  1.00 13.33 ? 74  ASP A C   1 
ATOM   318  O O   . ASP A 1 42  ? -3.814  10.620  -7.658  1.00 12.57 ? 74  ASP A O   1 
ATOM   319  C CB  . ASP A 1 42  ? -4.506  12.934  -5.294  1.00 13.83 ? 74  ASP A CB  1 
ATOM   320  C CG  . ASP A 1 42  ? -5.704  13.148  -6.245  1.00 15.55 ? 74  ASP A CG  1 
ATOM   321  O OD1 . ASP A 1 42  ? -5.484  13.284  -7.476  1.00 15.68 ? 74  ASP A OD1 1 
ATOM   322  O OD2 . ASP A 1 42  ? -6.857  13.270  -5.736  1.00 16.25 ? 74  ASP A OD2 1 
ATOM   323  N N   . LYS A 1 43  ? -2.222  12.154  -7.194  1.00 14.06 ? 75  LYS A N   1 
ATOM   324  C CA  . LYS A 1 43  ? -1.591  12.034  -8.456  1.00 14.52 ? 75  LYS A CA  1 
ATOM   325  C C   . LYS A 1 43  ? -0.950  10.646  -8.674  1.00 15.38 ? 75  LYS A C   1 
ATOM   326  O O   . LYS A 1 43  ? -1.106  10.110  -9.777  1.00 15.32 ? 75  LYS A O   1 
ATOM   327  C CB  . LYS A 1 43  ? -0.606  13.176  -8.649  1.00 17.24 ? 75  LYS A CB  1 
ATOM   328  C CG  . LYS A 1 43  ? -0.249  13.424  -10.119 1.00 19.10 ? 75  LYS A CG  1 
ATOM   329  C CD  . LYS A 1 43  ? 0.769   14.552  -10.277 1.00 22.51 ? 75  LYS A CD  1 
ATOM   330  C CE  . LYS A 1 43  ? 1.410   14.626  -11.671 1.00 24.77 ? 75  LYS A CE  1 
ATOM   331  N NZ  . LYS A 1 43  ? 0.649   13.955  -12.762 1.00 28.22 ? 75  LYS A NZ  1 
ATOM   332  N N   . ARG A 1 44  ? -0.322  10.056  -7.653  1.00 14.80 ? 76  ARG A N   1 
ATOM   333  C CA  . ARG A 1 44  ? 0.307   8.729   -7.799  1.00 14.45 ? 76  ARG A CA  1 
ATOM   334  C C   . ARG A 1 44  ? -0.666  7.671   -8.136  1.00 14.14 ? 76  ARG A C   1 
ATOM   335  O O   . ARG A 1 44  ? -0.362  6.746   -8.895  1.00 15.11 ? 76  ARG A O   1 
ATOM   336  C CB  . ARG A 1 44  ? 0.990   8.244   -6.529  1.00 13.50 ? 76  ARG A CB  1 
ATOM   337  C CG  . ARG A 1 44  ? 2.321   8.756   -6.415  1.00 14.84 ? 76  ARG A CG  1 
ATOM   338  C CD  . ARG A 1 44  ? 3.113   8.167   -5.276  1.00 13.71 ? 76  ARG A CD  1 
ATOM   339  N NE  . ARG A 1 44  ? 3.997   9.225   -4.935  1.00 14.03 ? 76  ARG A NE  1 
ATOM   340  C CZ  . ARG A 1 44  ? 3.920   10.033  -3.878  1.00 14.13 ? 76  ARG A CZ  1 
ATOM   341  N NH1 . ARG A 1 44  ? 4.804   10.999  -3.773  1.00 14.71 ? 76  ARG A NH1 1 
ATOM   342  N NH2 . ARG A 1 44  ? 3.021   9.876   -2.913  1.00 12.91 ? 76  ARG A NH2 1 
ATOM   343  N N   . ARG A 1 45  ? -1.802  7.748   -7.491  1.00 12.94 ? 77  ARG A N   1 
ATOM   344  C CA  A ARG A 1 45  ? -2.869  6.792   -7.711  0.50 13.44 ? 77  ARG A CA  1 
ATOM   345  C CA  B ARG A 1 45  ? -2.877  6.794   -7.710  0.50 13.76 ? 77  ARG A CA  1 
ATOM   346  C C   . ARG A 1 45  ? -3.407  6.927   -9.154  1.00 13.32 ? 77  ARG A C   1 
ATOM   347  O O   . ARG A 1 45  ? -3.636  5.927   -9.854  1.00 13.37 ? 77  ARG A O   1 
ATOM   348  C CB  A ARG A 1 45  ? -3.959  6.996   -6.677  0.50 14.19 ? 77  ARG A CB  1 
ATOM   349  C CB  B ARG A 1 45  ? -3.980  6.999   -6.685  0.50 14.98 ? 77  ARG A CB  1 
ATOM   350  C CG  A ARG A 1 45  ? -5.111  6.048   -6.842  0.50 15.08 ? 77  ARG A CG  1 
ATOM   351  C CG  B ARG A 1 45  ? -5.105  6.005   -6.809  0.50 16.41 ? 77  ARG A CG  1 
ATOM   352  C CD  A ARG A 1 45  ? -6.089  6.136   -5.691  0.50 16.13 ? 77  ARG A CD  1 
ATOM   353  C CD  B ARG A 1 45  ? -5.988  5.975   -5.575  0.50 17.87 ? 77  ARG A CD  1 
ATOM   354  N NE  A ARG A 1 45  ? -7.434  6.122   -6.235  0.50 17.17 ? 77  ARG A NE  1 
ATOM   355  N NE  B ARG A 1 45  ? -7.064  5.002   -5.738  0.50 19.72 ? 77  ARG A NE  1 
ATOM   356  C CZ  A ARG A 1 45  ? -8.196  5.042   -6.352  0.50 17.30 ? 77  ARG A CZ  1 
ATOM   357  C CZ  B ARG A 1 45  ? -8.123  5.182   -6.519  0.50 19.93 ? 77  ARG A CZ  1 
ATOM   358  N NH1 A ARG A 1 45  ? -7.757  3.840   -5.974  0.50 17.95 ? 77  ARG A NH1 1 
ATOM   359  N NH1 B ARG A 1 45  ? -8.264  6.306   -7.226  0.50 20.18 ? 77  ARG A NH1 1 
ATOM   360  N NH2 A ARG A 1 45  ? -9.404  5.172   -6.884  0.50 18.34 ? 77  ARG A NH2 1 
ATOM   361  N NH2 B ARG A 1 45  ? -9.044  4.229   -6.603  0.50 21.31 ? 77  ARG A NH2 1 
ATOM   362  N N   . GLN A 1 46  ? -3.579  8.165   -9.619  1.00 14.08 ? 78  GLN A N   1 
ATOM   363  C CA  . GLN A 1 46  ? -3.994  8.358   -10.997 1.00 13.04 ? 78  GLN A CA  1 
ATOM   364  C C   . GLN A 1 46  ? -3.016  7.655   -11.935 1.00 13.88 ? 78  GLN A C   1 
ATOM   365  O O   . GLN A 1 46  ? -3.463  7.009   -12.902 1.00 13.95 ? 78  GLN A O   1 
ATOM   366  C CB  . GLN A 1 46  ? -4.132  9.861   -11.397 1.00 12.53 ? 78  GLN A CB  1 
ATOM   367  C CG  . GLN A 1 46  ? -5.228  10.602  -10.686 1.00 13.80 ? 78  GLN A CG  1 
ATOM   368  C CD  . GLN A 1 46  ? -5.349  12.009  -11.154 1.00 15.19 ? 78  GLN A CD  1 
ATOM   369  O OE1 . GLN A 1 46  ? -5.535  12.239  -12.326 1.00 15.19 ? 78  GLN A OE1 1 
ATOM   370  N NE2 . GLN A 1 46  ? -5.201  12.968  -10.239 1.00 14.10 ? 78  GLN A NE2 1 
ATOM   371  N N   . GLU A 1 47  ? -1.714  7.793   -11.663 1.00 13.32 ? 79  GLU A N   1 
ATOM   372  C CA  . GLU A 1 47  ? -0.680  7.224   -12.494 1.00 15.38 ? 79  GLU A CA  1 
ATOM   373  C C   . GLU A 1 47  ? -0.681  5.695   -12.401 1.00 15.01 ? 79  GLU A C   1 
ATOM   374  O O   . GLU A 1 47  ? -0.613  5.012   -13.436 1.00 15.23 ? 79  GLU A O   1 
ATOM   375  C CB  . GLU A 1 47  ? 0.694   7.850   -12.159 1.00 16.99 ? 79  GLU A CB  1 
ATOM   376  C CG  . GLU A 1 47  ? 0.777   9.290   -12.654 1.00 19.24 ? 79  GLU A CG  1 
ATOM   377  C CD  . GLU A 1 47  ? 1.882   10.167  -12.076 1.00 22.82 ? 79  GLU A CD  1 
ATOM   378  O OE1 . GLU A 1 47  ? 2.617   9.774   -11.164 1.00 24.23 ? 79  GLU A OE1 1 
ATOM   379  O OE2 . GLU A 1 47  ? 1.948   11.349  -12.524 1.00 31.50 ? 79  GLU A OE2 1 
ATOM   380  N N   . SER A 1 48  ? -0.752  5.133   -11.179 1.00 13.86 ? 80  SER A N   1 
ATOM   381  C CA  . SER A 1 48  ? -0.662  3.681   -11.049 1.00 14.20 ? 80  SER A CA  1 
ATOM   382  C C   . SER A 1 48  ? -1.830  2.926   -11.672 1.00 13.78 ? 80  SER A C   1 
ATOM   383  O O   . SER A 1 48  ? -1.651  1.860   -12.231 1.00 15.40 ? 80  SER A O   1 
ATOM   384  C CB  . SER A 1 48  ? -0.529  3.227   -9.596  1.00 15.36 ? 80  SER A CB  1 
ATOM   385  O OG  . SER A 1 48  ? -1.731  3.469   -8.917  1.00 15.73 ? 80  SER A OG  1 
ATOM   386  N N   . LEU A 1 49  ? -2.995  3.523   -11.643 1.00 14.68 ? 81  LEU A N   1 
ATOM   387  C CA  . LEU A 1 49  ? -4.218  2.838   -12.032 1.00 14.50 ? 81  LEU A CA  1 
ATOM   388  C C   . LEU A 1 49  ? -4.583  3.076   -13.483 1.00 14.63 ? 81  LEU A C   1 
ATOM   389  O O   . LEU A 1 49  ? -5.597  2.523   -13.956 1.00 14.77 ? 81  LEU A O   1 
ATOM   390  C CB  . LEU A 1 49  ? -5.369  3.237   -11.102 1.00 15.02 ? 81  LEU A CB  1 
ATOM   391  C CG  . LEU A 1 49  ? -5.214  2.867   -9.630  1.00 14.22 ? 81  LEU A CG  1 
ATOM   392  C CD1 . LEU A 1 49  ? -6.540  3.199   -8.964  1.00 14.57 ? 81  LEU A CD1 1 
ATOM   393  C CD2 . LEU A 1 49  ? -4.824  1.413   -9.491  1.00 15.63 ? 81  LEU A CD2 1 
ATOM   394  N N   . LYS A 1 50  ? -3.785  3.892   -14.183 1.00 13.61 ? 82  LYS A N   1 
ATOM   395  C CA  . LYS A 1 50  ? -4.113  4.284   -15.567 1.00 17.28 ? 82  LYS A CA  1 
ATOM   396  C C   . LYS A 1 50  ? -4.331  3.049   -16.481 1.00 17.13 ? 82  LYS A C   1 
ATOM   397  O O   . LYS A 1 50  ? -3.468  2.216   -16.629 1.00 17.72 ? 82  LYS A O   1 
ATOM   398  C CB  . LYS A 1 50  ? -3.045  5.217   -16.166 1.00 17.55 ? 82  LYS A CB  1 
ATOM   399  C CG  . LYS A 1 50  ? -3.362  5.711   -17.581 1.00 18.98 ? 82  LYS A CG  1 
ATOM   400  C CD  . LYS A 1 50  ? -4.452  6.781   -17.629 1.00 21.15 ? 82  LYS A CD  1 
ATOM   401  C CE  . LYS A 1 50  ? -4.023  8.022   -16.871 1.00 25.53 ? 82  LYS A CE  1 
ATOM   402  N NZ  . LYS A 1 50  ? -4.872  9.232   -17.102 1.00 29.28 ? 82  LYS A NZ  1 
ATOM   403  N N   . GLY A 1 51  ? -5.515  2.965   -17.077 1.00 17.60 ? 83  GLY A N   1 
ATOM   404  C CA  . GLY A 1 51  ? -5.771  1.909   -18.043 1.00 19.86 ? 83  GLY A CA  1 
ATOM   405  C C   . GLY A 1 51  ? -6.192  0.616   -17.359 1.00 19.82 ? 83  GLY A C   1 
ATOM   406  O O   . GLY A 1 51  ? -6.468  -0.369  -18.010 1.00 20.87 ? 83  GLY A O   1 
ATOM   407  N N   . ILE A 1 52  ? -6.309  0.647   -16.037 1.00 19.42 ? 84  ILE A N   1 
ATOM   408  C CA  . ILE A 1 52  ? -6.715  -0.533  -15.293 1.00 19.33 ? 84  ILE A CA  1 
ATOM   409  C C   . ILE A 1 52  ? -8.197  -0.341  -14.935 1.00 20.49 ? 84  ILE A C   1 
ATOM   410  O O   . ILE A 1 52  ? -8.567  0.486   -14.104 1.00 19.75 ? 84  ILE A O   1 
ATOM   411  C CB  . ILE A 1 52  ? -5.839  -0.807  -14.046 1.00 18.48 ? 84  ILE A CB  1 
ATOM   412  C CG1 . ILE A 1 52  ? -4.380  -1.049  -14.458 1.00 19.15 ? 84  ILE A CG1 1 
ATOM   413  C CG2 . ILE A 1 52  ? -6.351  -2.036  -13.330 1.00 18.56 ? 84  ILE A CG2 1 
ATOM   414  C CD1 . ILE A 1 52  ? -3.419  -1.151  -13.273 1.00 19.64 ? 84  ILE A CD1 1 
ATOM   415  N N   . PRO A 1 53  ? -9.072  -1.124  -15.562 1.00 19.70 ? 85  PRO A N   1 
ATOM   416  C CA  . PRO A 1 53  ? -10.492 -0.918  -15.349 1.00 20.14 ? 85  PRO A CA  1 
ATOM   417  C C   . PRO A 1 53  ? -10.973 -1.325  -13.965 1.00 19.90 ? 85  PRO A C   1 
ATOM   418  O O   . PRO A 1 53  ? -10.409 -2.214  -13.332 1.00 17.93 ? 85  PRO A O   1 
ATOM   419  C CB  . PRO A 1 53  ? -11.128 -1.811  -16.415 1.00 20.63 ? 85  PRO A CB  1 
ATOM   420  C CG  . PRO A 1 53  ? -10.103 -2.822  -16.746 1.00 19.59 ? 85  PRO A CG  1 
ATOM   421  C CD  . PRO A 1 53  ? -8.782  -2.163  -16.569 1.00 19.86 ? 85  PRO A CD  1 
ATOM   422  N N   . THR A 1 54  ? -12.038 -0.711  -13.492 1.00 19.44 ? 86  THR A N   1 
ATOM   423  C CA  . THR A 1 54  ? -12.619 -1.131  -12.255 1.00 19.65 ? 86  THR A CA  1 
ATOM   424  C C   . THR A 1 54  ? -13.257 -2.497  -12.470 1.00 19.80 ? 86  THR A C   1 
ATOM   425  O O   . THR A 1 54  ? -13.525 -2.897  -13.617 1.00 23.88 ? 86  THR A O   1 
ATOM   426  C CB  . THR A 1 54  ? -13.697 -0.165  -11.762 1.00 20.95 ? 86  THR A CB  1 
ATOM   427  O OG1 . THR A 1 54  ? -14.741 -0.102  -12.739 1.00 21.97 ? 86  THR A OG1 1 
ATOM   428  C CG2 . THR A 1 54  ? -13.117 1.222   -11.520 1.00 21.96 ? 86  THR A CG2 1 
ATOM   429  N N   . LYS A 1 55  ? -13.597 -3.157  -11.373 1.00 21.05 ? 87  LYS A N   1 
ATOM   430  C CA  . LYS A 1 55  ? -14.203 -4.496  -11.442 1.00 22.11 ? 87  LYS A CA  1 
ATOM   431  C C   . LYS A 1 55  ? -15.156 -4.656  -10.277 1.00 23.08 ? 87  LYS A C   1 
ATOM   432  O O   . LYS A 1 55  ? -14.733 -4.521  -9.131  1.00 22.76 ? 87  LYS A O   1 
ATOM   433  C CB  . LYS A 1 55  ? -13.075 -5.538  -11.415 1.00 23.85 ? 87  LYS A CB  1 
ATOM   434  C CG  . LYS A 1 55  ? -13.472 -7.000  -11.551 1.00 25.14 ? 87  LYS A CG  1 
ATOM   435  C CD  . LYS A 1 55  ? -12.240 -7.894  -11.560 1.00 26.64 ? 87  LYS A CD  1 
ATOM   436  C CE  . LYS A 1 55  ? -12.557 -9.364  -11.314 1.00 28.89 ? 87  LYS A CE  1 
ATOM   437  N NZ  . LYS A 1 55  ? -11.407 -10.022 -10.617 1.00 30.65 ? 87  LYS A NZ  1 
ATOM   438  N N   . PRO A 1 56  ? -16.483 -4.920  -10.546 1.00 21.54 ? 88  PRO A N   1 
ATOM   439  C CA  . PRO A 1 56  ? -17.464 -5.062  -9.495  1.00 21.49 ? 88  PRO A CA  1 
ATOM   440  C C   . PRO A 1 56  ? -17.023 -6.117  -8.516  1.00 19.06 ? 88  PRO A C   1 
ATOM   441  O O   . PRO A 1 56  ? -16.586 -7.194  -8.941  1.00 18.91 ? 88  PRO A O   1 
ATOM   442  C CB  . PRO A 1 56  ? -18.731 -5.560  -10.250 1.00 23.10 ? 88  PRO A CB  1 
ATOM   443  C CG  . PRO A 1 56  ? -18.257 -5.876  -11.632 1.00 22.54 ? 88  PRO A CG  1 
ATOM   444  C CD  . PRO A 1 56  ? -17.117 -4.960  -11.867 1.00 23.86 ? 88  PRO A CD  1 
ATOM   445  N N   . GLY A 1 57  ? -17.124 -5.791  -7.231  1.00 18.55 ? 89  GLY A N   1 
ATOM   446  C CA  . GLY A 1 57  ? -16.834 -6.692  -6.151  1.00 17.44 ? 89  GLY A CA  1 
ATOM   447  C C   . GLY A 1 57  ? -15.361 -6.709  -5.772  1.00 15.80 ? 89  GLY A C   1 
ATOM   448  O O   . GLY A 1 57  ? -15.000 -7.478  -4.903  1.00 16.11 ? 89  GLY A O   1 
ATOM   449  N N   . PHE A 1 58  ? -14.550 -5.940  -6.472  1.00 15.70 ? 90  PHE A N   1 
ATOM   450  C CA  . PHE A 1 58  ? -13.094 -5.914  -6.254  1.00 14.67 ? 90  PHE A CA  1 
ATOM   451  C C   . PHE A 1 58  ? -12.603 -4.502  -6.064  1.00 15.03 ? 90  PHE A C   1 
ATOM   452  O O   . PHE A 1 58  ? -13.182 -3.515  -6.577  1.00 14.41 ? 90  PHE A O   1 
ATOM   453  C CB  . PHE A 1 58  ? -12.275 -6.596  -7.392  1.00 15.06 ? 90  PHE A CB  1 
ATOM   454  C CG  . PHE A 1 58  ? -12.522 -8.050  -7.486  1.00 14.66 ? 90  PHE A CG  1 
ATOM   455  C CD1 . PHE A 1 58  ? -13.714 -8.493  -8.025  1.00 15.59 ? 90  PHE A CD1 1 
ATOM   456  C CD2 . PHE A 1 58  ? -11.662 -8.981  -6.938  1.00 14.29 ? 90  PHE A CD2 1 
ATOM   457  C CE1 . PHE A 1 58  ? -14.021 -9.851  -8.076  1.00 17.57 ? 90  PHE A CE1 1 
ATOM   458  C CE2 . PHE A 1 58  ? -11.966 -10.340 -6.988  1.00 15.63 ? 90  PHE A CE2 1 
ATOM   459  C CZ  . PHE A 1 58  ? -13.132 -10.778 -7.582  1.00 16.95 ? 90  PHE A CZ  1 
ATOM   460  N N   . ASP A 1 59  ? -11.477 -4.467  -5.349  1.00 15.35 ? 91  ASP A N   1 
ATOM   461  C CA  . ASP A 1 59  ? -10.723 -3.278  -5.160  1.00 16.66 ? 91  ASP A CA  1 
ATOM   462  C C   . ASP A 1 59  ? -9.428  -3.384  -6.018  1.00 15.49 ? 91  ASP A C   1 
ATOM   463  O O   . ASP A 1 59  ? -8.900  -4.506  -6.213  1.00 15.98 ? 91  ASP A O   1 
ATOM   464  C CB  . ASP A 1 59  ? -10.370 -3.118  -3.663  1.00 17.84 ? 91  ASP A CB  1 
ATOM   465  C CG  . ASP A 1 59  ? -11.594 -3.104  -2.706  1.00 19.23 ? 91  ASP A CG  1 
ATOM   466  O OD1 . ASP A 1 59  ? -12.763 -2.770  -3.091  1.00 23.24 ? 91  ASP A OD1 1 
ATOM   467  O OD2 . ASP A 1 59  ? -11.363 -3.352  -1.506  1.00 21.02 ? 91  ASP A OD2 1 
ATOM   468  N N   . ARG A 1 60  ? -8.925  -2.245  -6.501  1.00 12.78 ? 92  ARG A N   1 
ATOM   469  C CA  . ARG A 1 60  ? -7.584  -2.165  -7.145  1.00 13.59 ? 92  ARG A CA  1 
ATOM   470  C C   . ARG A 1 60  ? -6.506  -1.818  -6.118  1.00 12.33 ? 92  ARG A C   1 
ATOM   471  O O   . ARG A 1 60  ? -6.283  -0.634  -5.790  1.00 14.45 ? 92  ARG A O   1 
ATOM   472  C CB  . ARG A 1 60  ? -7.562  -1.200  -8.282  1.00 13.21 ? 92  ARG A CB  1 
ATOM   473  C CG  . ARG A 1 60  ? -8.420  -1.630  -9.493  1.00 12.74 ? 92  ARG A CG  1 
ATOM   474  C CD  . ARG A 1 60  ? -8.580  -0.601  -10.587 1.00 13.03 ? 92  ARG A CD  1 
ATOM   475  N NE  . ARG A 1 60  ? -9.347  0.521   -10.022 1.00 13.14 ? 92  ARG A NE  1 
ATOM   476  C CZ  . ARG A 1 60  ? -9.503  1.721   -10.549 1.00 14.56 ? 92  ARG A CZ  1 
ATOM   477  N NH1 . ARG A 1 60  ? -8.991  2.057   -11.675 1.00 13.39 ? 92  ARG A NH1 1 
ATOM   478  N NH2 . ARG A 1 60  ? -10.184 2.613   -9.842  1.00 15.01 ? 92  ARG A NH2 1 
ATOM   479  N N   . ASP A 1 61  ? -5.831  -2.841  -5.648  1.00 11.09 ? 93  ASP A N   1 
ATOM   480  C CA  . ASP A 1 61  ? -4.814  -2.685  -4.587  1.00 11.83 ? 93  ASP A CA  1 
ATOM   481  C C   . ASP A 1 61  ? -3.480  -2.394  -5.207  1.00 10.61 ? 93  ASP A C   1 
ATOM   482  O O   . ASP A 1 61  ? -3.103  -3.076  -6.148  1.00 9.13  ? 93  ASP A O   1 
ATOM   483  C CB  . ASP A 1 61  ? -4.751  -3.918  -3.750  1.00 12.57 ? 93  ASP A CB  1 
ATOM   484  C CG  . ASP A 1 61  ? -3.855  -3.719  -2.550  1.00 14.67 ? 93  ASP A CG  1 
ATOM   485  O OD1 . ASP A 1 61  ? -4.151  -2.732  -1.791  1.00 18.21 ? 93  ASP A OD1 1 
ATOM   486  O OD2 . ASP A 1 61  ? -2.827  -4.399  -2.444  1.00 13.29 ? 93  ASP A OD2 1 
ATOM   487  N N   . GLU A 1 62  ? -2.780  -1.376  -4.659  1.00 10.09 ? 94  GLU A N   1 
ATOM   488  C CA  . GLU A 1 62  ? -1.504  -0.897  -5.193  1.00 11.30 ? 94  GLU A CA  1 
ATOM   489  C C   . GLU A 1 62  ? -0.381  -1.275  -4.233  1.00 10.23 ? 94  GLU A C   1 
ATOM   490  O O   . GLU A 1 62  ? -0.444  -0.947  -3.057  1.00 11.63 ? 94  GLU A O   1 
ATOM   491  C CB  . GLU A 1 62  ? -1.460  0.634   -5.326  1.00 11.92 ? 94  GLU A CB  1 
ATOM   492  C CG  . GLU A 1 62  ? -2.424  1.282   -6.286  1.00 12.61 ? 94  GLU A CG  1 
ATOM   493  C CD  . GLU A 1 62  ? -2.636  2.761   -5.940  1.00 14.27 ? 94  GLU A CD  1 
ATOM   494  O OE1 . GLU A 1 62  ? -1.766  3.582   -6.306  1.00 15.69 ? 94  GLU A OE1 1 
ATOM   495  O OE2 . GLU A 1 62  ? -3.638  3.023   -5.225  1.00 19.30 ? 94  GLU A OE2 1 
ATOM   496  N N   . TRP A 1 63  ? 0.712   -1.830  -4.768  1.00 9.35  ? 95  TRP A N   1 
ATOM   497  C CA  . TRP A 1 63  ? 1.950   -1.913  -3.986  1.00 9.77  ? 95  TRP A CA  1 
ATOM   498  C C   . TRP A 1 63  ? 3.129   -1.593  -4.880  1.00 9.58  ? 95  TRP A C   1 
ATOM   499  O O   . TRP A 1 63  ? 3.337   -2.277  -5.868  1.00 10.26 ? 95  TRP A O   1 
ATOM   500  C CB  . TRP A 1 63  ? 2.170   -3.266  -3.360  1.00 9.86  ? 95  TRP A CB  1 
ATOM   501  C CG  . TRP A 1 63  ? 3.377   -3.162  -2.521  1.00 9.87  ? 95  TRP A CG  1 
ATOM   502  C CD1 . TRP A 1 63  ? 4.669   -3.485  -2.877  1.00 10.09 ? 95  TRP A CD1 1 
ATOM   503  C CD2 . TRP A 1 63  ? 3.450   -2.603  -1.217  1.00 10.38 ? 95  TRP A CD2 1 
ATOM   504  N NE1 . TRP A 1 63  ? 5.524   -3.108  -1.894  1.00 10.89 ? 95  TRP A NE1 1 
ATOM   505  C CE2 . TRP A 1 63  ? 4.806   -2.614  -0.845  1.00 10.04 ? 95  TRP A CE2 1 
ATOM   506  C CE3 . TRP A 1 63  ? 2.501   -2.060  -0.334  1.00 10.13 ? 95  TRP A CE3 1 
ATOM   507  C CZ2 . TRP A 1 63  ? 5.230   -2.158  0.377   1.00 11.23 ? 95  TRP A CZ2 1 
ATOM   508  C CZ3 . TRP A 1 63  ? 2.935   -1.558  0.913   1.00 11.00 ? 95  TRP A CZ3 1 
ATOM   509  C CH2 . TRP A 1 63  ? 4.298   -1.615  1.237   1.00 11.62 ? 95  TRP A CH2 1 
ATOM   510  N N   . PRO A 1 64  ? 3.966   -0.628  -4.530  1.00 9.64  ? 96  PRO A N   1 
ATOM   511  C CA  . PRO A 1 64  ? 3.899   0.249   -3.356  1.00 9.88  ? 96  PRO A CA  1 
ATOM   512  C C   . PRO A 1 64  ? 2.616   1.091   -3.369  1.00 9.33  ? 96  PRO A C   1 
ATOM   513  O O   . PRO A 1 64  ? 2.034   1.357   -4.439  1.00 9.14  ? 96  PRO A O   1 
ATOM   514  C CB  . PRO A 1 64  ? 5.154   1.125   -3.537  1.00 10.25 ? 96  PRO A CB  1 
ATOM   515  C CG  . PRO A 1 64  ? 6.099   0.249   -4.323  1.00 10.68 ? 96  PRO A CG  1 
ATOM   516  C CD  . PRO A 1 64  ? 5.237   -0.487  -5.266  1.00 10.03 ? 96  PRO A CD  1 
ATOM   517  N N   A MET A 1 65  ? 2.247   1.594   -2.191  0.64 9.65  ? 97  MET A N   1 
ATOM   518  N N   B MET A 1 65  ? 2.153   1.474   -2.175  0.36 9.95  ? 97  MET A N   1 
ATOM   519  C CA  A MET A 1 65  ? 1.029   2.331   -2.053  0.64 9.72  ? 97  MET A CA  1 
ATOM   520  C CA  B MET A 1 65  ? 0.933   2.257   -2.028  0.36 10.32 ? 97  MET A CA  1 
ATOM   521  C C   A MET A 1 65  ? 1.168   3.744   -2.604  0.64 9.77  ? 97  MET A C   1 
ATOM   522  C C   B MET A 1 65  ? 1.134   3.694   -2.550  0.36 10.20 ? 97  MET A C   1 
ATOM   523  O O   A MET A 1 65  ? 2.273   4.292   -2.776  0.64 9.13  ? 97  MET A O   1 
ATOM   524  O O   B MET A 1 65  ? 2.261   4.195   -2.662  0.36 10.01 ? 97  MET A O   1 
ATOM   525  C CB  A MET A 1 65  ? 0.588   2.376   -0.577  0.64 9.94  ? 97  MET A CB  1 
ATOM   526  C CB  B MET A 1 65  ? 0.435   2.230   -0.549  0.36 10.83 ? 97  MET A CB  1 
ATOM   527  C CG  A MET A 1 65  ? 0.522   1.035   0.088   0.64 10.04 ? 97  MET A CG  1 
ATOM   528  C CG  B MET A 1 65  ? -0.249  0.927   -0.138  0.36 11.39 ? 97  MET A CG  1 
ATOM   529  S SD  A MET A 1 65  ? -0.054  1.249   1.774   0.64 11.22 ? 97  MET A SD  1 
ATOM   530  S SD  B MET A 1 65  ? -0.183  0.564   1.653   0.36 12.80 ? 97  MET A SD  1 
ATOM   531  C CE  A MET A 1 65  ? 1.434   2.016   2.477   0.64 11.31 ? 97  MET A CE  1 
ATOM   532  C CE  B MET A 1 65  ? -0.831  -1.100  1.764   0.36 12.56 ? 97  MET A CE  1 
ATOM   533  N N   . ALA A 1 66  ? 0.015   4.329   -2.903  1.00 10.01 ? 98  ALA A N   1 
ATOM   534  C CA  . ALA A 1 66  ? -0.017  5.689   -3.438  1.00 10.32 ? 98  ALA A CA  1 
ATOM   535  C C   . ALA A 1 66  ? 0.528   6.747   -2.453  1.00 10.79 ? 98  ALA A C   1 
ATOM   536  O O   . ALA A 1 66  ? 1.069   7.750   -2.896  1.00 12.42 ? 98  ALA A O   1 
ATOM   537  C CB  . ALA A 1 66  ? -1.445  6.061   -3.856  1.00 11.31 ? 98  ALA A CB  1 
ATOM   538  N N   . MET A 1 67  ? 0.415   6.468   -1.154  1.00 11.30 ? 99  MET A N   1 
ATOM   539  C CA  . MET A 1 67  ? 0.920   7.298   -0.047  1.00 11.24 ? 99  MET A CA  1 
ATOM   540  C C   . MET A 1 67  ? 2.424   7.105   0.186   1.00 10.92 ? 99  MET A C   1 
ATOM   541  O O   . MET A 1 67  ? 2.934   7.672   1.157   1.00 11.76 ? 99  MET A O   1 
ATOM   542  C CB  . MET A 1 67  ? 0.150   6.986   1.268   1.00 12.49 ? 99  MET A CB  1 
ATOM   543  C CG  . MET A 1 67  ? 0.445   5.625   1.923   1.00 12.64 ? 99  MET A CG  1 
ATOM   544  S SD  . MET A 1 67  ? -0.419  5.559   3.548   1.00 19.29 ? 99  MET A SD  1 
ATOM   545  C CE  . MET A 1 67  ? 0.548   6.765   4.434   1.00 18.31 ? 99  MET A CE  1 
ATOM   546  N N   . CYS A 1 68  ? 3.130   6.341   -0.669  1.00 11.13 ? 100 CYS A N   1 
ATOM   547  C CA  . CYS A 1 68  ? 4.582   6.150   -0.588  1.00 11.63 ? 100 CYS A CA  1 
ATOM   548  C C   . CYS A 1 68  ? 5.269   6.797   -1.794  1.00 11.41 ? 100 CYS A C   1 
ATOM   549  O O   . CYS A 1 68  ? 4.719   6.777   -2.871  1.00 10.83 ? 100 CYS A O   1 
ATOM   550  C CB  . CYS A 1 68  ? 4.910   4.655   -0.649  1.00 12.36 ? 100 CYS A CB  1 
ATOM   551  S SG  . CYS A 1 68  ? 3.878   3.687   0.512   1.00 17.82 ? 100 CYS A SG  1 
ATOM   552  N N   . GLU A 1 69  ? 6.452   7.345   -1.592  1.00 11.09 ? 101 GLU A N   1 
ATOM   553  C CA  . GLU A 1 69  ? 7.253   7.910   -2.697  1.00 12.26 ? 101 GLU A CA  1 
ATOM   554  C C   . GLU A 1 69  ? 7.463   6.863   -3.780  1.00 11.72 ? 101 GLU A C   1 
ATOM   555  O O   . GLU A 1 69  ? 7.529   7.220   -4.975  1.00 12.34 ? 101 GLU A O   1 
ATOM   556  C CB  . GLU A 1 69  ? 8.639   8.360   -2.213  1.00 13.70 ? 101 GLU A CB  1 
ATOM   557  C CG  . GLU A 1 69  ? 8.701   9.426   -1.159  1.00 15.97 ? 101 GLU A CG  1 
ATOM   558  C CD  . GLU A 1 69  ? 10.122  9.848   -0.753  1.00 17.49 ? 101 GLU A CD  1 
ATOM   559  O OE1 . GLU A 1 69  ? 11.130  9.296   -1.236  1.00 24.86 ? 101 GLU A OE1 1 
ATOM   560  O OE2 . GLU A 1 69  ? 10.217  10.805  0.007   1.00 22.37 ? 101 GLU A OE2 1 
ATOM   561  N N   . GLU A 1 70  ? 7.556   5.585   -3.365  1.00 11.49 ? 102 GLU A N   1 
ATOM   562  C CA  . GLU A 1 70  ? 7.763   4.442   -4.232  1.00 10.73 ? 102 GLU A CA  1 
ATOM   563  C C   . GLU A 1 70  ? 6.563   4.061   -5.116  1.00 11.45 ? 102 GLU A C   1 
ATOM   564  O O   . GLU A 1 70  ? 6.708   3.250   -6.057  1.00 13.01 ? 102 GLU A O   1 
ATOM   565  C CB  . GLU A 1 70  ? 8.169   3.226   -3.363  1.00 10.87 ? 102 GLU A CB  1 
ATOM   566  C CG  . GLU A 1 70  ? 9.524   3.416   -2.651  1.00 10.75 ? 102 GLU A CG  1 
ATOM   567  C CD  . GLU A 1 70  ? 9.419   4.189   -1.317  1.00 10.65 ? 102 GLU A CD  1 
ATOM   568  O OE1 . GLU A 1 70  ? 8.365   4.691   -0.954  1.00 10.02 ? 102 GLU A OE1 1 
ATOM   569  O OE2 . GLU A 1 70  ? 10.458  4.351   -0.656  1.00 11.64 ? 102 GLU A OE2 1 
ATOM   570  N N   . GLY A 1 71  ? 5.389   4.628   -4.838  1.00 10.15 ? 103 GLY A N   1 
ATOM   571  C CA  . GLY A 1 71  ? 4.177   4.301   -5.559  1.00 11.75 ? 103 GLY A CA  1 
ATOM   572  C C   . GLY A 1 71  ? 4.126   4.998   -6.889  1.00 11.42 ? 103 GLY A C   1 
ATOM   573  O O   . GLY A 1 71  ? 5.073   5.669   -7.312  1.00 11.91 ? 103 GLY A O   1 
ATOM   574  N N   . GLY A 1 72  ? 3.003   4.886   -7.549  1.00 12.84 ? 104 GLY A N   1 
ATOM   575  C CA  . GLY A 1 72  ? 2.788   5.596   -8.806  1.00 12.12 ? 104 GLY A CA  1 
ATOM   576  C C   . GLY A 1 72  ? 3.025   4.677   -9.983  1.00 13.30 ? 104 GLY A C   1 
ATOM   577  O O   . GLY A 1 72  ? 2.920   3.467   -9.849  1.00 12.14 ? 104 GLY A O   1 
ATOM   578  N N   . LYS A 1 73  ? 3.366   5.230   -11.142 1.00 14.98 ? 105 LYS A N   1 
ATOM   579  C CA  . LYS A 1 73  ? 3.522   4.390   -12.316 1.00 15.94 ? 105 LYS A CA  1 
ATOM   580  C C   . LYS A 1 73  ? 4.621   3.373   -12.014 1.00 13.15 ? 105 LYS A C   1 
ATOM   581  O O   . LYS A 1 73  ? 5.668   3.731   -11.445 1.00 15.01 ? 105 LYS A O   1 
ATOM   582  C CB  . LYS A 1 73  ? 3.862   5.142   -13.622 1.00 19.11 ? 105 LYS A CB  1 
ATOM   583  C CG  . LYS A 1 73  ? 3.400   4.325   -14.852 1.00 19.99 ? 105 LYS A CG  1 
ATOM   584  C CD  . LYS A 1 73  ? 3.831   4.916   -16.186 1.00 22.40 ? 105 LYS A CD  1 
ATOM   585  C CE  . LYS A 1 73  ? 3.586   4.033   -17.423 1.00 25.34 ? 105 LYS A CE  1 
ATOM   586  N NZ  . LYS A 1 73  ? 4.511   4.418   -18.577 1.00 27.05 ? 105 LYS A NZ  1 
ATOM   587  N N   . GLY A 1 74  ? 4.291   2.117   -12.317 1.00 13.40 ? 106 GLY A N   1 
ATOM   588  C CA  . GLY A 1 74  ? 5.185   1.023   -12.091 1.00 11.40 ? 106 GLY A CA  1 
ATOM   589  C C   . GLY A 1 74  ? 4.770   0.156   -10.967 1.00 11.53 ? 106 GLY A C   1 
ATOM   590  O O   . GLY A 1 74  ? 5.254   -0.940  -10.842 1.00 11.11 ? 106 GLY A O   1 
ATOM   591  N N   . ALA A 1 75  ? 3.937   0.682   -10.085 1.00 9.54  ? 107 ALA A N   1 
ATOM   592  C CA  . ALA A 1 75  ? 3.470   -0.122  -8.963  1.00 9.36  ? 107 ALA A CA  1 
ATOM   593  C C   . ALA A 1 75  ? 2.720   -1.344  -9.416  1.00 9.34  ? 107 ALA A C   1 
ATOM   594  O O   . ALA A 1 75  ? 2.064   -1.332  -10.448 1.00 10.34 ? 107 ALA A O   1 
ATOM   595  C CB  . ALA A 1 75  ? 2.632   0.716   -8.038  1.00 8.91  ? 107 ALA A CB  1 
ATOM   596  N N   . SER A 1 76  ? 2.826   -2.379  -8.618  1.00 9.56  ? 108 SER A N   1 
ATOM   597  C CA  . SER A 1 76  ? 2.002   -3.572  -8.814  1.00 9.37  ? 108 SER A CA  1 
ATOM   598  C C   . SER A 1 76  ? 0.556   -3.264  -8.408  1.00 9.12  ? 108 SER A C   1 
ATOM   599  O O   . SER A 1 76  ? 0.286   -2.745  -7.334  1.00 9.45  ? 108 SER A O   1 
ATOM   600  C CB  . SER A 1 76  ? 2.513   -4.746  -7.945  1.00 10.07 ? 108 SER A CB  1 
ATOM   601  O OG  . SER A 1 76  ? 1.669   -5.909  -8.123  1.00 10.28 ? 108 SER A OG  1 
ATOM   602  N N   . VAL A 1 77  ? -0.365  -3.582  -9.311  1.00 8.55  ? 109 VAL A N   1 
ATOM   603  C CA  . VAL A 1 77  ? -1.791  -3.389  -9.083  1.00 9.25  ? 109 VAL A CA  1 
ATOM   604  C C   . VAL A 1 77  ? -2.465  -4.732  -9.177  1.00 10.05 ? 109 VAL A C   1 
ATOM   605  O O   . VAL A 1 77  ? -2.248  -5.447  -10.158 1.00 11.59 ? 109 VAL A O   1 
ATOM   606  C CB  . VAL A 1 77  ? -2.405  -2.433  -10.107 1.00 9.91  ? 109 VAL A CB  1 
ATOM   607  C CG1 . VAL A 1 77  ? -3.879  -2.166  -9.850  1.00 10.42 ? 109 VAL A CG1 1 
ATOM   608  C CG2 . VAL A 1 77  ? -1.664  -1.103  -10.013 1.00 10.25 ? 109 VAL A CG2 1 
ATOM   609  N N   . ARG A 1 78  ? -3.263  -5.094  -8.184  1.00 9.87  ? 110 ARG A N   1 
ATOM   610  C CA  . ARG A 1 78  ? -3.955  -6.351  -8.203  1.00 10.57 ? 110 ARG A CA  1 
ATOM   611  C C   . ARG A 1 78  ? -5.388  -6.186  -7.715  1.00 11.27 ? 110 ARG A C   1 
ATOM   612  O O   . ARG A 1 78  ? -5.633  -5.436  -6.783  1.00 11.80 ? 110 ARG A O   1 
ATOM   613  C CB  . ARG A 1 78  ? -3.245  -7.352  -7.295  1.00 11.84 ? 110 ARG A CB  1 
ATOM   614  C CG  . ARG A 1 78  ? -4.017  -8.664  -7.205  1.00 11.83 ? 110 ARG A CG  1 
ATOM   615  C CD  . ARG A 1 78  ? -3.359  -9.731  -6.347  1.00 12.85 ? 110 ARG A CD  1 
ATOM   616  N NE  . ARG A 1 78  ? -2.061  -10.097 -6.862  1.00 12.33 ? 110 ARG A NE  1 
ATOM   617  C CZ  . ARG A 1 78  ? -1.223  -10.926 -6.246  1.00 12.74 ? 110 ARG A CZ  1 
ATOM   618  N NH1 . ARG A 1 78  ? -1.589  -11.455 -5.087  1.00 13.75 ? 110 ARG A NH1 1 
ATOM   619  N NH2 . ARG A 1 78  ? -0.046  -11.201 -6.757  1.00 12.59 ? 110 ARG A NH2 1 
ATOM   620  N N   . TYR A 1 79  ? -6.341  -6.898  -8.337  1.00 11.27 ? 111 TYR A N   1 
ATOM   621  C CA  . TYR A 1 79  ? -7.730  -6.862  -7.842  1.00 11.99 ? 111 TYR A CA  1 
ATOM   622  C C   . TYR A 1 79  ? -7.869  -7.726  -6.593  1.00 12.18 ? 111 TYR A C   1 
ATOM   623  O O   . TYR A 1 79  ? -7.395  -8.837  -6.566  1.00 11.35 ? 111 TYR A O   1 
ATOM   624  C CB  . TYR A 1 79  ? -8.686  -7.406  -8.895  1.00 12.79 ? 111 TYR A CB  1 
ATOM   625  C CG  . TYR A 1 79  ? -8.760  -6.657  -10.143 1.00 12.65 ? 111 TYR A CG  1 
ATOM   626  C CD1 . TYR A 1 79  ? -9.313  -5.399  -10.187 1.00 14.55 ? 111 TYR A CD1 1 
ATOM   627  C CD2 . TYR A 1 79  ? -8.232  -7.185  -11.332 1.00 14.76 ? 111 TYR A CD2 1 
ATOM   628  C CE1 . TYR A 1 79  ? -9.379  -4.676  -11.359 1.00 14.43 ? 111 TYR A CE1 1 
ATOM   629  C CE2 . TYR A 1 79  ? -8.317  -6.472  -12.513 1.00 15.85 ? 111 TYR A CE2 1 
ATOM   630  C CZ  . TYR A 1 79  ? -8.922  -5.229  -12.514 1.00 15.27 ? 111 TYR A CZ  1 
ATOM   631  O OH  . TYR A 1 79  ? -8.959  -4.500  -13.677 1.00 18.89 ? 111 TYR A OH  1 
ATOM   632  N N   . VAL A 1 80  ? -8.483  -7.191  -5.540  1.00 12.33 ? 112 VAL A N   1 
ATOM   633  C CA  . VAL A 1 80  ? -8.725  -7.981  -4.296  1.00 14.42 ? 112 VAL A CA  1 
ATOM   634  C C   . VAL A 1 80  ? -10.183 -7.876  -3.881  1.00 16.16 ? 112 VAL A C   1 
ATOM   635  O O   . VAL A 1 80  ? -10.754 -6.847  -4.061  1.00 16.65 ? 112 VAL A O   1 
ATOM   636  C CB  . VAL A 1 80  ? -7.824  -7.565  -3.133  1.00 15.72 ? 112 VAL A CB  1 
ATOM   637  C CG1 . VAL A 1 80  ? -6.403  -7.857  -3.516  1.00 14.02 ? 112 VAL A CG1 1 
ATOM   638  C CG2 . VAL A 1 80  ? -7.958  -6.071  -2.833  1.00 15.16 ? 112 VAL A CG2 1 
ATOM   639  N N   . SER A 1 81  ? -10.781 -8.985  -3.445  1.00 19.11 ? 113 SER A N   1 
ATOM   640  C CA  . SER A 1 81  ? -12.212 -9.011  -3.146  1.00 20.46 ? 113 SER A CA  1 
ATOM   641  C C   . SER A 1 81  ? -12.580 -8.001  -2.074  1.00 20.13 ? 113 SER A C   1 
ATOM   642  O O   . SER A 1 81  ? -11.980 -7.945  -1.009  1.00 17.98 ? 113 SER A O   1 
ATOM   643  C CB  . SER A 1 81  ? -12.646 -10.394 -2.632  1.00 21.17 ? 113 SER A CB  1 
ATOM   644  O OG  . SER A 1 81  ? -11.979 -10.685 -1.441  1.00 27.48 ? 113 SER A OG  1 
ATOM   645  N N   . SER A 1 82  ? -13.598 -7.222  -2.341  1.00 21.46 ? 114 SER A N   1 
ATOM   646  C CA  . SER A 1 82  ? -14.059 -6.203  -1.403  1.00 23.19 ? 114 SER A CA  1 
ATOM   647  C C   . SER A 1 82  ? -14.568 -6.803  -0.097  1.00 23.89 ? 114 SER A C   1 
ATOM   648  O O   . SER A 1 82  ? -14.293 -6.274  0.994   1.00 25.18 ? 114 SER A O   1 
ATOM   649  C CB  . SER A 1 82  ? -15.128 -5.354  -2.087  1.00 25.15 ? 114 SER A CB  1 
ATOM   650  O OG  . SER A 1 82  ? -14.602 -4.808  -3.307  1.00 27.04 ? 114 SER A OG  1 
ATOM   651  N N   . SER A 1 83  ? -15.276 -7.924  -0.231  1.00 22.17 ? 115 SER A N   1 
ATOM   652  C CA  . SER A 1 83  ? -15.801 -8.683  0.905   1.00 25.90 ? 115 SER A CA  1 
ATOM   653  C C   . SER A 1 83  ? -14.793 -8.847  2.041   1.00 25.66 ? 115 SER A C   1 
ATOM   654  O O   . SER A 1 83  ? -15.116 -8.632  3.224   1.00 30.64 ? 115 SER A O   1 
ATOM   655  C CB  . SER A 1 83  ? -16.268 -10.065 0.430   1.00 29.03 ? 115 SER A CB  1 
ATOM   656  O OG  . SER A 1 83  ? -15.186 -10.794 -0.129  1.00 33.58 ? 115 SER A OG  1 
ATOM   657  N N   . ASP A 1 84  ? -13.580 -9.241  1.679   1.00 22.68 ? 116 ASP A N   1 
ATOM   658  C CA  . ASP A 1 84  ? -12.594 -9.618  2.654   1.00 22.97 ? 116 ASP A CA  1 
ATOM   659  C C   . ASP A 1 84  ? -11.462 -8.615  2.852   1.00 22.02 ? 116 ASP A C   1 
ATOM   660  O O   . ASP A 1 84  ? -10.685 -8.784  3.813   1.00 22.89 ? 116 ASP A O   1 
ATOM   661  C CB  . ASP A 1 84  ? -12.022 -10.994 2.269   1.00 22.98 ? 116 ASP A CB  1 
ATOM   662  C CG  . ASP A 1 84  ? -13.119 -12.085 2.260   0.50 23.86 ? 116 ASP A CG  1 
ATOM   663  O OD1 . ASP A 1 84  ? -14.298 -11.772 2.573   0.50 24.83 ? 116 ASP A OD1 1 
ATOM   664  O OD2 . ASP A 1 84  ? -12.808 -13.250 1.950   0.50 24.48 ? 116 ASP A OD2 1 
ATOM   665  N N   . ASN A 1 85  ? -11.355 -7.614  1.957   1.00 19.78 ? 117 ASN A N   1 
ATOM   666  C CA  . ASN A 1 85  ? -10.301 -6.628  2.032   1.00 19.01 ? 117 ASN A CA  1 
ATOM   667  C C   . ASN A 1 85  ? -10.669 -5.181  2.212   1.00 17.28 ? 117 ASN A C   1 
ATOM   668  O O   . ASN A 1 85  ? -9.743  -4.380  2.492   1.00 16.21 ? 117 ASN A O   1 
ATOM   669  C CB  . ASN A 1 85  ? -9.412  -6.776  0.797   1.00 19.25 ? 117 ASN A CB  1 
ATOM   670  C CG  . ASN A 1 85  ? -8.799  -8.138  0.750   1.00 21.47 ? 117 ASN A CG  1 
ATOM   671  O OD1 . ASN A 1 85  ? -7.796  -8.405  1.424   1.00 22.25 ? 117 ASN A OD1 1 
ATOM   672  N ND2 . ASN A 1 85  ? -9.462  -9.051  0.036   1.00 20.29 ? 117 ASN A ND2 1 
ATOM   673  N N   A ARG A 1 86  ? -11.969 -4.830  2.091   0.50 18.38 ? 118 ARG A N   1 
ATOM   674  N N   B ARG A 1 86  ? -11.963 -4.826  2.095   0.50 18.23 ? 118 ARG A N   1 
ATOM   675  C CA  A ARG A 1 86  ? -12.422 -3.464  2.389   0.50 16.88 ? 118 ARG A CA  1 
ATOM   676  C CA  B ARG A 1 86  ? -12.410 -3.446  2.324   0.50 16.66 ? 118 ARG A CA  1 
ATOM   677  C C   A ARG A 1 86  ? -11.944 -3.118  3.775   0.50 16.40 ? 118 ARG A C   1 
ATOM   678  C C   B ARG A 1 86  ? -12.066 -3.042  3.755   0.50 16.26 ? 118 ARG A C   1 
ATOM   679  O O   A ARG A 1 86  ? -12.106 -3.931  4.712   0.50 15.67 ? 118 ARG A O   1 
ATOM   680  O O   B ARG A 1 86  ? -12.455 -3.736  4.711   0.50 15.90 ? 118 ARG A O   1 
ATOM   681  C CB  A ARG A 1 86  ? -13.945 -3.317  2.336   0.50 17.76 ? 118 ARG A CB  1 
ATOM   682  C CB  B ARG A 1 86  ? -13.914 -3.309  2.042   0.50 17.27 ? 118 ARG A CB  1 
ATOM   683  C CG  A ARG A 1 86  ? -14.453 -1.920  2.755   0.50 17.81 ? 118 ARG A CG  1 
ATOM   684  C CG  B ARG A 1 86  ? -14.492 -1.898  2.206   0.50 16.96 ? 118 ARG A CG  1 
ATOM   685  C CD  A ARG A 1 86  ? -15.868 -1.651  2.238   0.50 18.28 ? 118 ARG A CD  1 
ATOM   686  C CD  B ARG A 1 86  ? -15.762 -1.694  1.370   0.50 17.04 ? 118 ARG A CD  1 
ATOM   687  N NE  A ARG A 1 86  ? -16.446 -0.354  2.626   0.50 18.05 ? 118 ARG A NE  1 
ATOM   688  N NE  B ARG A 1 86  ? -15.425 -1.506  -0.039  0.50 15.58 ? 118 ARG A NE  1 
ATOM   689  C CZ  A ARG A 1 86  ? -16.058 0.852   2.175   0.50 19.35 ? 118 ARG A CZ  1 
ATOM   690  C CZ  B ARG A 1 86  ? -16.129 -1.948  -1.076  0.50 16.37 ? 118 ARG A CZ  1 
ATOM   691  N NH1 A ARG A 1 86  ? -15.042 1.010   1.324   0.50 19.15 ? 118 ARG A NH1 1 
ATOM   692  N NH1 B ARG A 1 86  ? -15.651 -1.745  -2.298  0.50 16.92 ? 118 ARG A NH1 1 
ATOM   693  N NH2 A ARG A 1 86  ? -16.693 1.941   2.586   0.50 18.69 ? 118 ARG A NH2 1 
ATOM   694  N NH2 B ARG A 1 86  ? -17.258 -2.624  -0.921  0.50 15.39 ? 118 ARG A NH2 1 
ATOM   695  N N   . GLY A 1 87  ? -11.292 -1.961  3.894   1.00 13.86 ? 119 GLY A N   1 
ATOM   696  C CA  . GLY A 1 87  ? -10.809 -1.550  5.189   1.00 12.51 ? 119 GLY A CA  1 
ATOM   697  C C   . GLY A 1 87  ? -9.303  -1.624  5.327   1.00 11.83 ? 119 GLY A C   1 
ATOM   698  O O   . GLY A 1 87  ? -8.785  -1.080  6.298   1.00 12.00 ? 119 GLY A O   1 
ATOM   699  N N   . ALA A 1 88  ? -8.622  -2.374  4.451   1.00 10.42 ? 120 ALA A N   1 
ATOM   700  C CA  . ALA A 1 88  ? -7.171  -2.509  4.547   1.00 11.12 ? 120 ALA A CA  1 
ATOM   701  C C   . ALA A 1 88  ? -6.508  -1.139  4.410   1.00 11.21 ? 120 ALA A C   1 
ATOM   702  O O   . ALA A 1 88  ? -5.637  -0.814  5.152   1.00 11.79 ? 120 ALA A O   1 
ATOM   703  C CB  . ALA A 1 88  ? -6.639  -3.496  3.542   1.00 10.56 ? 120 ALA A CB  1 
ATOM   704  N N   . GLY A 1 89  ? -6.917  -0.350  3.424   1.00 12.62 ? 121 GLY A N   1 
ATOM   705  C CA  . GLY A 1 89  ? -6.433  1.023   3.280   1.00 12.26 ? 121 GLY A CA  1 
ATOM   706  C C   . GLY A 1 89  ? -6.527  1.900   4.489   1.00 13.10 ? 121 GLY A C   1 
ATOM   707  O O   . GLY A 1 89  ? -5.529  2.559   4.884   1.00 13.47 ? 121 GLY A O   1 
ATOM   708  N N   A SER A 1 90  ? -7.740  1.894   5.061   0.50 13.24 ? 122 SER A N   1 
ATOM   709  N N   B SER A 1 90  ? -7.698  1.874   5.117   0.50 13.44 ? 122 SER A N   1 
ATOM   710  C CA  A SER A 1 90  ? -8.120  2.602   6.265   0.50 13.05 ? 122 SER A CA  1 
ATOM   711  C CA  B SER A 1 90  ? -8.013  2.672   6.272   0.50 13.67 ? 122 SER A CA  1 
ATOM   712  C C   A SER A 1 90  ? -7.144  2.190   7.367   0.50 12.54 ? 122 SER A C   1 
ATOM   713  C C   B SER A 1 90  ? -7.215  2.187   7.482   0.50 13.11 ? 122 SER A C   1 
ATOM   714  O O   A SER A 1 90  ? -6.501  3.050   7.956   0.50 12.44 ? 122 SER A O   1 
ATOM   715  O O   B SER A 1 90  ? -6.810  2.994   8.331   0.50 14.16 ? 122 SER A O   1 
ATOM   716  C CB  A SER A 1 90  ? -9.584  2.305   6.652   0.50 13.45 ? 122 SER A CB  1 
ATOM   717  C CB  B SER A 1 90  ? -9.509  2.636   6.508   0.50 14.00 ? 122 SER A CB  1 
ATOM   718  O OG  A SER A 1 90  ? -9.926  3.045   7.826   0.50 14.50 ? 122 SER A OG  1 
ATOM   719  O OG  B SER A 1 90  ? -10.127 3.464   5.560   0.50 15.45 ? 122 SER A OG  1 
ATOM   720  N N   . TRP A 1 91  ? -6.969  0.884   7.547   1.00 12.51 ? 123 TRP A N   1 
ATOM   721  C CA  . TRP A 1 91  ? -6.164  0.318   8.611   1.00 12.15 ? 123 TRP A CA  1 
ATOM   722  C C   . TRP A 1 91  ? -4.682  0.739   8.460   1.00 11.52 ? 123 TRP A C   1 
ATOM   723  O O   . TRP A 1 91  ? -4.078  1.218   9.422   1.00 12.16 ? 123 TRP A O   1 
ATOM   724  C CB  . TRP A 1 91  ? -6.215  -1.214  8.582   1.00 13.63 ? 123 TRP A CB  1 
ATOM   725  C CG  . TRP A 1 91  ? -5.559  -1.801  9.771   1.00 14.68 ? 123 TRP A CG  1 
ATOM   726  C CD1 . TRP A 1 91  ? -6.172  -2.132  10.941  1.00 15.83 ? 123 TRP A CD1 1 
ATOM   727  C CD2 . TRP A 1 91  ? -4.199  -2.174  9.907   1.00 14.22 ? 123 TRP A CD2 1 
ATOM   728  N NE1 . TRP A 1 91  ? -5.257  -2.635  11.833  1.00 14.94 ? 123 TRP A NE1 1 
ATOM   729  C CE2 . TRP A 1 91  ? -4.024  -2.674  11.221  1.00 15.91 ? 123 TRP A CE2 1 
ATOM   730  C CE3 . TRP A 1 91  ? -3.088  -2.066  9.072   1.00 14.46 ? 123 TRP A CE3 1 
ATOM   731  C CZ2 . TRP A 1 91  ? -2.784  -3.143  11.678  1.00 15.11 ? 123 TRP A CZ2 1 
ATOM   732  C CZ3 . TRP A 1 91  ? -1.880  -2.517  9.519   1.00 14.39 ? 123 TRP A CZ3 1 
ATOM   733  C CH2 . TRP A 1 91  ? -1.721  -3.027  10.832  1.00 15.27 ? 123 TRP A CH2 1 
ATOM   734  N N   . VAL A 1 92  ? -4.156  0.613   7.241   1.00 11.57 ? 124 VAL A N   1 
ATOM   735  C CA  . VAL A 1 92  ? -2.750  0.998   7.048   1.00 10.43 ? 124 VAL A CA  1 
ATOM   736  C C   . VAL A 1 92  ? -2.619  2.499   7.282   1.00 10.60 ? 124 VAL A C   1 
ATOM   737  O O   . VAL A 1 92  ? -1.647  2.925   7.892   1.00 10.20 ? 124 VAL A O   1 
ATOM   738  C CB  . VAL A 1 92  ? -2.197  0.608   5.661   1.00 10.93 ? 124 VAL A CB  1 
ATOM   739  C CG1 . VAL A 1 92  ? -0.800  1.194   5.388   1.00 10.65 ? 124 VAL A CG1 1 
ATOM   740  C CG2 . VAL A 1 92  ? -2.178  -0.857  5.508   1.00 11.12 ? 124 VAL A CG2 1 
ATOM   741  N N   . GLY A 1 93  ? -3.561  3.282   6.778   1.00 11.41 ? 125 GLY A N   1 
ATOM   742  C CA  . GLY A 1 93  ? -3.530  4.753   6.958   1.00 12.29 ? 125 GLY A CA  1 
ATOM   743  C C   . GLY A 1 93  ? -3.437  5.109   8.412   1.00 13.33 ? 125 GLY A C   1 
ATOM   744  O O   . GLY A 1 93  ? -2.581  5.949   8.789   1.00 14.78 ? 125 GLY A O   1 
ATOM   745  N N   . ASN A 1 94  ? -4.303  4.512   9.229   1.00 13.43 ? 126 ASN A N   1 
ATOM   746  C CA  . ASN A 1 94  ? -4.324  4.753   10.673  1.00 14.70 ? 126 ASN A CA  1 
ATOM   747  C C   . ASN A 1 94  ? -3.001  4.320   11.333  1.00 13.93 ? 126 ASN A C   1 
ATOM   748  O O   . ASN A 1 94  ? -2.478  5.005   12.227  1.00 15.42 ? 126 ASN A O   1 
ATOM   749  C CB  . ASN A 1 94  ? -5.434  3.919   11.303  1.00 16.11 ? 126 ASN A CB  1 
ATOM   750  C CG  . ASN A 1 94  ? -5.420  3.979   12.835  1.00 18.58 ? 126 ASN A CG  1 
ATOM   751  O OD1 . ASN A 1 94  ? -5.296  2.959   13.543  1.00 23.29 ? 126 ASN A OD1 1 
ATOM   752  N ND2 . ASN A 1 94  ? -5.467  5.189   13.342  1.00 22.08 ? 126 ASN A ND2 1 
ATOM   753  N N   . ARG A 1 95  ? -2.484  3.180   10.929  1.00 13.90 ? 127 ARG A N   1 
ATOM   754  C CA  A ARG A 1 95  ? -1.279  2.620   11.565  0.50 13.65 ? 127 ARG A CA  1 
ATOM   755  C CA  B ARG A 1 95  ? -1.278  2.607   11.570  0.50 14.87 ? 127 ARG A CA  1 
ATOM   756  C C   . ARG A 1 95  ? -0.039  3.437   11.257  1.00 14.10 ? 127 ARG A C   1 
ATOM   757  O O   . ARG A 1 95  ? 0.930   3.396   12.026  1.00 14.75 ? 127 ARG A O   1 
ATOM   758  C CB  A ARG A 1 95  ? -1.078  1.191   11.116  0.50 14.07 ? 127 ARG A CB  1 
ATOM   759  C CB  B ARG A 1 95  ? -1.033  1.159   11.141  0.50 17.19 ? 127 ARG A CB  1 
ATOM   760  C CG  A ARG A 1 95  ? -2.117  0.320   11.724  0.50 13.81 ? 127 ARG A CG  1 
ATOM   761  C CG  B ARG A 1 95  ? -1.748  0.133   11.979  0.50 19.18 ? 127 ARG A CG  1 
ATOM   762  C CD  A ARG A 1 95  ? -1.569  -0.310  12.990  0.50 13.76 ? 127 ARG A CD  1 
ATOM   763  C CD  B ARG A 1 95  ? -1.688  0.442   13.469  0.50 20.35 ? 127 ARG A CD  1 
ATOM   764  N NE  A ARG A 1 95  ? -2.640  -0.727  13.888  0.50 13.66 ? 127 ARG A NE  1 
ATOM   765  N NE  B ARG A 1 95  ? -1.646  -0.801  14.238  0.50 22.55 ? 127 ARG A NE  1 
ATOM   766  C CZ  A ARG A 1 95  ? -2.447  -1.590  14.884  0.50 13.89 ? 127 ARG A CZ  1 
ATOM   767  C CZ  B ARG A 1 95  ? -2.726  -1.449  14.674  0.50 23.52 ? 127 ARG A CZ  1 
ATOM   768  N NH1 A ARG A 1 95  ? -1.239  -2.135  15.085  0.50 14.18 ? 127 ARG A NH1 1 
ATOM   769  N NH1 B ARG A 1 95  ? -3.943  -0.953  14.461  0.50 23.79 ? 127 ARG A NH1 1 
ATOM   770  N NH2 A ARG A 1 95  ? -3.474  -1.916  15.657  0.50 13.98 ? 127 ARG A NH2 1 
ATOM   771  N NH2 B ARG A 1 95  ? -2.590  -2.587  15.343  0.50 24.15 ? 127 ARG A NH2 1 
ATOM   772  N N   . LEU A 1 96  ? -0.063  4.177   10.141  1.00 13.29 ? 128 LEU A N   1 
ATOM   773  C CA  . LEU A 1 96  ? 1.041   5.060   9.740   1.00 13.91 ? 128 LEU A CA  1 
ATOM   774  C C   . LEU A 1 96  ? 0.860   6.521   10.093  1.00 15.34 ? 128 LEU A C   1 
ATOM   775  O O   . LEU A 1 96  ? 1.731   7.362   9.751   1.00 13.93 ? 128 LEU A O   1 
ATOM   776  C CB  . LEU A 1 96  ? 1.277   4.999   8.201   1.00 14.36 ? 128 LEU A CB  1 
ATOM   777  C CG  . LEU A 1 96  ? 1.747   3.644   7.703   1.00 14.80 ? 128 LEU A CG  1 
ATOM   778  C CD1 . LEU A 1 96  ? 2.069   3.621   6.219   1.00 15.18 ? 128 LEU A CD1 1 
ATOM   779  C CD2 . LEU A 1 96  ? 2.893   3.070   8.562   1.00 15.19 ? 128 LEU A CD2 1 
ATOM   780  N N   . SER A 1 97  ? -0.260  6.842   10.718  1.00 14.14 ? 129 SER A N   1 
ATOM   781  C CA  A SER A 1 97  ? -0.686  8.257   10.894  0.70 15.20 ? 129 SER A CA  1 
ATOM   782  C CA  B SER A 1 97  ? -0.706  8.237   10.916  0.30 14.57 ? 129 SER A CA  1 
ATOM   783  C C   . SER A 1 97  ? 0.180   8.983   11.918  1.00 15.50 ? 129 SER A C   1 
ATOM   784  O O   . SER A 1 97  ? 0.235   10.223  11.911  1.00 15.93 ? 129 SER A O   1 
ATOM   785  C CB  A SER A 1 97  ? -2.153  8.416   11.277  0.70 15.74 ? 129 SER A CB  1 
ATOM   786  C CB  B SER A 1 97  ? -2.183  8.299   11.352  0.30 14.28 ? 129 SER A CB  1 
ATOM   787  O OG  A SER A 1 97  ? -2.454  9.806   11.294  0.70 16.60 ? 129 SER A OG  1 
ATOM   788  O OG  B SER A 1 97  ? -2.396  7.733   12.633  0.30 13.50 ? 129 SER A OG  1 
ATOM   789  N N   . GLY A 1 98  ? 0.846   8.231   12.777  1.00 14.68 ? 130 GLY A N   1 
ATOM   790  C CA  . GLY A 1 98  ? 1.694   8.780   13.809  1.00 15.13 ? 130 GLY A CA  1 
ATOM   791  C C   . GLY A 1 98  ? 3.037   9.159   13.274  1.00 15.80 ? 130 GLY A C   1 
ATOM   792  O O   . GLY A 1 98  ? 3.821   9.859   13.923  1.00 12.65 ? 130 GLY A O   1 
ATOM   793  N N   . PHE A 1 99  ? 3.356   8.662   12.092  1.00 16.61 ? 131 PHE A N   1 
ATOM   794  C CA  . PHE A 1 99  ? 4.708   8.845   11.563  1.00 17.61 ? 131 PHE A CA  1 
ATOM   795  C C   . PHE A 1 99  ? 4.785   10.064  10.692  1.00 16.88 ? 131 PHE A C   1 
ATOM   796  O O   . PHE A 1 99  ? 3.873   10.424  9.952   1.00 16.91 ? 131 PHE A O   1 
ATOM   797  C CB  . PHE A 1 99  ? 5.129   7.670   10.753  1.00 17.67 ? 131 PHE A CB  1 
ATOM   798  C CG  . PHE A 1 99  ? 5.356   6.418   11.543  1.00 19.81 ? 131 PHE A CG  1 
ATOM   799  C CD1 . PHE A 1 99  ? 6.357   6.337   12.498  1.00 19.82 ? 131 PHE A CD1 1 
ATOM   800  C CD2 . PHE A 1 99  ? 4.578   5.324   11.318  1.00 18.88 ? 131 PHE A CD2 1 
ATOM   801  C CE1 . PHE A 1 99  ? 6.567   5.155   13.190  1.00 20.19 ? 131 PHE A CE1 1 
ATOM   802  C CE2 . PHE A 1 99  ? 4.783   4.130   11.973  1.00 18.82 ? 131 PHE A CE2 1 
ATOM   803  C CZ  . PHE A 1 99  ? 5.788   4.050   12.942  1.00 20.16 ? 131 PHE A CZ  1 
ATOM   804  N N   . ALA A 1 100 ? 5.969   10.695  10.704  1.00 17.77 ? 132 ALA A N   1 
ATOM   805  C CA  . ALA A 1 100 ? 6.141   11.869  9.877   1.00 18.50 ? 132 ALA A CA  1 
ATOM   806  C C   . ALA A 1 100 ? 6.320   11.532  8.386   1.00 18.26 ? 132 ALA A C   1 
ATOM   807  O O   . ALA A 1 100 ? 6.817   10.453  8.065   1.00 17.38 ? 132 ALA A O   1 
ATOM   808  C CB  . ALA A 1 100 ? 7.337   12.677  10.398  1.00 20.23 ? 132 ALA A CB  1 
ATOM   809  N N   A ASP A 1 101 ? 5.899   12.424  7.500   0.50 17.60 ? 133 ASP A N   1 
ATOM   810  N N   B ASP A 1 101 ? 5.871   12.425  7.502   0.50 18.40 ? 133 ASP A N   1 
ATOM   811  C CA  A ASP A 1 101 ? 6.288   12.279  6.119   0.50 19.25 ? 133 ASP A CA  1 
ATOM   812  C CA  B ASP A 1 101 ? 6.192   12.415  6.065   0.50 20.67 ? 133 ASP A CA  1 
ATOM   813  C C   A ASP A 1 101 ? 7.799   12.115  6.043   0.50 17.90 ? 133 ASP A C   1 
ATOM   814  C C   B ASP A 1 101 ? 7.728   12.324  5.853   0.50 19.43 ? 133 ASP A C   1 
ATOM   815  O O   A ASP A 1 101 ? 8.584   12.525  6.945   0.50 16.54 ? 133 ASP A O   1 
ATOM   816  O O   B ASP A 1 101 ? 8.458   13.137  6.416   0.50 20.98 ? 133 ASP A O   1 
ATOM   817  C CB  A ASP A 1 101 ? 5.804   13.415  5.228   0.50 18.50 ? 133 ASP A CB  1 
ATOM   818  C CB  B ASP A 1 101 ? 5.680   13.720  5.447   0.50 20.77 ? 133 ASP A CB  1 
ATOM   819  C CG  A ASP A 1 101 ? 4.292   13.420  5.074   0.50 19.28 ? 133 ASP A CG  1 
ATOM   820  C CG  B ASP A 1 101 ? 4.674   13.518  4.287   0.50 20.49 ? 133 ASP A CG  1 
ATOM   821  O OD1 A ASP A 1 101 ? 3.654   13.511  6.149   0.50 16.18 ? 133 ASP A OD1 1 
ATOM   822  O OD1 B ASP A 1 101 ? 3.920   12.520  4.234   0.50 19.15 ? 133 ASP A OD1 1 
ATOM   823  O OD2 A ASP A 1 101 ? 3.786   13.282  3.909   0.50 16.95 ? 133 ASP A OD2 1 
ATOM   824  O OD2 B ASP A 1 101 ? 4.569   14.423  3.468   0.50 20.21 ? 133 ASP A OD2 1 
ATOM   825  N N   . GLY A 1 102 ? 8.197   11.373  5.036   1.00 18.69 ? 134 GLY A N   1 
ATOM   826  C CA  . GLY A 1 102 ? 9.593   11.033  4.903   1.00 18.32 ? 134 GLY A CA  1 
ATOM   827  C C   . GLY A 1 102 ? 10.053  9.906   5.799   1.00 17.06 ? 134 GLY A C   1 
ATOM   828  O O   . GLY A 1 102 ? 11.183  9.448   5.630   1.00 18.96 ? 134 GLY A O   1 
ATOM   829  N N   . THR A 1 103 ? 9.199   9.411   6.732   1.00 16.46 ? 135 THR A N   1 
ATOM   830  C CA  . THR A 1 103 ? 9.561   8.274   7.519   1.00 16.43 ? 135 THR A CA  1 
ATOM   831  C C   . THR A 1 103 ? 9.578   7.068   6.623   1.00 15.08 ? 135 THR A C   1 
ATOM   832  O O   . THR A 1 103 ? 8.634   6.913   5.853   1.00 15.32 ? 135 THR A O   1 
ATOM   833  C CB  . THR A 1 103 ? 8.617   7.984   8.714   1.00 18.20 ? 135 THR A CB  1 
ATOM   834  O OG1 . THR A 1 103 ? 8.442   9.187   9.480   1.00 21.11 ? 135 THR A OG1 1 
ATOM   835  C CG2 . THR A 1 103 ? 9.248   6.864   9.570   1.00 20.56 ? 135 THR A CG2 1 
ATOM   836  N N   A ARG A 1 104 ? 10.654  6.294   6.662   0.50 14.49 ? 136 ARG A N   1 
ATOM   837  N N   B ARG A 1 104 ? 10.592  6.220   6.777   0.50 14.76 ? 136 ARG A N   1 
ATOM   838  C CA  A ARG A 1 104 ? 10.746  5.063   5.929   0.50 13.44 ? 136 ARG A CA  1 
ATOM   839  C CA  B ARG A 1 104 ? 10.786  5.026   5.990   0.50 13.85 ? 136 ARG A CA  1 
ATOM   840  C C   A ARG A 1 104 ? 10.160  3.979   6.810   0.50 13.93 ? 136 ARG A C   1 
ATOM   841  C C   B ARG A 1 104 ? 10.316  3.756   6.705   0.50 14.18 ? 136 ARG A C   1 
ATOM   842  O O   A ARG A 1 104 ? 10.543  3.851   7.965   0.50 11.99 ? 136 ARG A O   1 
ATOM   843  O O   B ARG A 1 104 ? 10.968  3.210   7.578   0.50 12.22 ? 136 ARG A O   1 
ATOM   844  C CB  A ARG A 1 104 ? 12.192  4.750   5.527   0.50 13.78 ? 136 ARG A CB  1 
ATOM   845  C CB  B ARG A 1 104 ? 12.247  4.932   5.577   0.50 14.64 ? 136 ARG A CB  1 
ATOM   846  C CG  A ARG A 1 104 ? 12.818  5.851   4.661   0.50 13.72 ? 136 ARG A CG  1 
ATOM   847  C CG  B ARG A 1 104 ? 12.717  6.305   5.117   0.50 14.65 ? 136 ARG A CG  1 
ATOM   848  C CD  A ARG A 1 104 ? 14.326  5.738   4.587   0.50 13.87 ? 136 ARG A CD  1 
ATOM   849  C CD  B ARG A 1 104 ? 14.135  6.365   4.573   0.50 14.98 ? 136 ARG A CD  1 
ATOM   850  N NE  A ARG A 1 104 ? 14.961  5.778   5.905   0.50 13.26 ? 136 ARG A NE  1 
ATOM   851  N NE  B ARG A 1 104 ? 15.019  5.254   4.937   0.50 14.66 ? 136 ARG A NE  1 
ATOM   852  C CZ  A ARG A 1 104 ? 16.166  5.247   6.135   0.50 14.05 ? 136 ARG A CZ  1 
ATOM   853  C CZ  B ARG A 1 104 ? 15.800  5.254   6.018   0.50 14.77 ? 136 ARG A CZ  1 
ATOM   854  N NH1 A ARG A 1 104 ? 16.839  4.653   5.147   0.50 14.21 ? 136 ARG A NH1 1 
ATOM   855  N NH1 B ARG A 1 104 ? 15.803  6.284   6.849   0.50 14.62 ? 136 ARG A NH1 1 
ATOM   856  N NH2 A ARG A 1 104 ? 16.688  5.285   7.348   0.50 14.48 ? 136 ARG A NH2 1 
ATOM   857  N NH2 B ARG A 1 104 ? 16.582  4.224   6.279   0.50 14.52 ? 136 ARG A NH2 1 
ATOM   858  N N   . ILE A 1 105 ? 9.178   3.263   6.244   1.00 13.88 ? 137 ILE A N   1 
ATOM   859  C CA  . ILE A 1 105 ? 8.482   2.146   6.883   1.00 13.39 ? 137 ILE A CA  1 
ATOM   860  C C   . ILE A 1 105 ? 8.716   0.841   6.145   1.00 13.48 ? 137 ILE A C   1 
ATOM   861  O O   . ILE A 1 105 ? 8.267   0.641   5.026   1.00 12.36 ? 137 ILE A O   1 
ATOM   862  C CB  . ILE A 1 105 ? 6.961   2.394   6.979   1.00 14.13 ? 137 ILE A CB  1 
ATOM   863  C CG1 . ILE A 1 105 ? 6.654   3.722   7.686   1.00 15.03 ? 137 ILE A CG1 1 
ATOM   864  C CG2 . ILE A 1 105 ? 6.299   1.242   7.738   1.00 14.34 ? 137 ILE A CG2 1 
ATOM   865  C CD1 . ILE A 1 105 ? 7.116   3.828   9.121   1.00 15.37 ? 137 ILE A CD1 1 
ATOM   866  N N   . LEU A 1 106 ? 9.381   -0.090  6.799   1.00 13.61 ? 138 LEU A N   1 
ATOM   867  C CA  . LEU A 1 106 ? 9.510   -1.428  6.327   1.00 13.08 ? 138 LEU A CA  1 
ATOM   868  C C   . LEU A 1 106 ? 8.162   -2.166  6.536   1.00 12.96 ? 138 LEU A C   1 
ATOM   869  O O   . LEU A 1 106 ? 7.630   -2.166  7.638   1.00 13.14 ? 138 LEU A O   1 
ATOM   870  C CB  . LEU A 1 106 ? 10.566  -2.194  7.167   1.00 15.18 ? 138 LEU A CB  1 
ATOM   871  C CG  . LEU A 1 106 ? 10.832  -3.551  6.588   1.00 15.58 ? 138 LEU A CG  1 
ATOM   872  C CD1 . LEU A 1 106 ? 11.326  -3.428  5.134   1.00 17.07 ? 138 LEU A CD1 1 
ATOM   873  C CD2 . LEU A 1 106 ? 11.785  -4.371  7.459   1.00 16.80 ? 138 LEU A CD2 1 
ATOM   874  N N   . PHE A 1 107 ? 7.624   -2.758  5.479   1.00 11.57 ? 139 PHE A N   1 
ATOM   875  C CA  . PHE A 1 107 ? 6.414   -3.588  5.620   1.00 12.25 ? 139 PHE A CA  1 
ATOM   876  C C   . PHE A 1 107 ? 6.830   -5.039  5.686   1.00 13.29 ? 139 PHE A C   1 
ATOM   877  O O   . PHE A 1 107 ? 7.603   -5.490  4.851   1.00 16.38 ? 139 PHE A O   1 
ATOM   878  C CB  . PHE A 1 107 ? 5.503   -3.417  4.413   1.00 11.38 ? 139 PHE A CB  1 
ATOM   879  C CG  . PHE A 1 107 ? 4.536   -2.294  4.544   1.00 10.95 ? 139 PHE A CG  1 
ATOM   880  C CD1 . PHE A 1 107 ? 4.945   -0.973  4.845   1.00 10.71 ? 139 PHE A CD1 1 
ATOM   881  C CD2 . PHE A 1 107 ? 3.170   -2.527  4.377   1.00 11.41 ? 139 PHE A CD2 1 
ATOM   882  C CE1 . PHE A 1 107 ? 4.008   0.060   4.956   1.00 11.72 ? 139 PHE A CE1 1 
ATOM   883  C CE2 . PHE A 1 107 ? 2.277   -1.538  4.430   1.00 11.52 ? 139 PHE A CE2 1 
ATOM   884  C CZ  . PHE A 1 107 ? 2.651   -0.234  4.755   1.00 11.14 ? 139 PHE A CZ  1 
ATOM   885  N N   . ILE A 1 108 ? 6.337   -5.732  6.711   1.00 13.26 ? 140 ILE A N   1 
ATOM   886  C CA  . ILE A 1 108 ? 6.471   -7.187  6.897   1.00 14.20 ? 140 ILE A CA  1 
ATOM   887  C C   . ILE A 1 108 ? 5.061   -7.768  6.965   1.00 14.34 ? 140 ILE A C   1 
ATOM   888  O O   . ILE A 1 108 ? 4.240   -7.308  7.793   1.00 13.33 ? 140 ILE A O   1 
ATOM   889  C CB  . ILE A 1 108 ? 7.269   -7.528  8.188   1.00 15.62 ? 140 ILE A CB  1 
ATOM   890  C CG1 . ILE A 1 108 ? 8.691   -6.956  8.026   1.00 15.22 ? 140 ILE A CG1 1 
ATOM   891  C CG2 . ILE A 1 108 ? 7.304   -9.047  8.376   1.00 16.72 ? 140 ILE A CG2 1 
ATOM   892  C CD1 . ILE A 1 108 ? 9.668   -7.368  9.094   1.00 15.30 ? 140 ILE A CD1 1 
ATOM   893  N N   . VAL A 1 109 ? 4.788   -8.769  6.128   1.00 14.31 ? 141 VAL A N   1 
ATOM   894  C CA  . VAL A 1 109 ? 3.440   -9.383  6.097   1.00 17.86 ? 141 VAL A CA  1 
ATOM   895  C C   . VAL A 1 109 ? 3.254   -10.503 7.130   1.00 20.88 ? 141 VAL A C   1 
ATOM   896  O O   . VAL A 1 109 ? 3.866   -11.541 7.025   1.00 22.11 ? 141 VAL A O   1 
ATOM   897  C CB  . VAL A 1 109 ? 3.047   -9.853  4.702   1.00 18.31 ? 141 VAL A CB  1 
ATOM   898  C CG1 . VAL A 1 109 ? 1.662   -10.447 4.749   1.00 19.30 ? 141 VAL A CG1 1 
ATOM   899  C CG2 . VAL A 1 109 ? 3.075   -8.643  3.769   1.00 18.68 ? 141 VAL A CG2 1 
ATOM   900  N N   . GLN A 1 110 ? 2.339   -10.268 8.064   1.00 25.05 ? 142 GLN A N   1 
ATOM   901  C CA  . GLN A 1 110 ? 2.117   -11.066 9.289   1.00 34.91 ? 142 GLN A CA  1 
ATOM   902  C C   . GLN A 1 110 ? 3.281   -11.087 10.296  1.00 38.85 ? 142 GLN A C   1 
ATOM   903  O O   . GLN A 1 110 ? 2.998   -11.053 11.487  1.00 44.10 ? 142 GLN A O   1 
ATOM   904  C CB  . GLN A 1 110 ? 1.589   -12.478 8.970   1.00 41.11 ? 142 GLN A CB  1 
ATOM   905  C CG  . GLN A 1 110 ? 0.066   -12.545 8.905   1.00 43.67 ? 142 GLN A CG  1 
ATOM   906  C CD  . GLN A 1 110 ? -0.621  -12.228 10.236  1.00 49.01 ? 142 GLN A CD  1 
ATOM   907  O OE1 . GLN A 1 110 ? -1.639  -11.528 10.289  1.00 52.49 ? 142 GLN A OE1 1 
ATOM   908  N NE2 . GLN A 1 110 ? -0.060  -12.751 11.321  1.00 52.38 ? 142 GLN A NE2 1 
ATOM   909  O OXT . GLN A 1 110 ? 4.484   -11.122 10.016  1.00 41.43 ? 142 GLN A OXT 1 
HETATM 910  S S   . SO4 B 2 .   ? -10.013 0.659   2.053   0.58 19.95 ? 201 SO4 A S   1 
HETATM 911  O O1  . SO4 B 2 .   ? -8.818  -0.044  1.480   0.58 22.12 ? 201 SO4 A O1  1 
HETATM 912  O O2  . SO4 B 2 .   ? -11.160 -0.210  1.684   0.58 18.03 ? 201 SO4 A O2  1 
HETATM 913  O O3  . SO4 B 2 .   ? -10.163 2.019   1.460   0.58 23.99 ? 201 SO4 A O3  1 
HETATM 914  O O4  . SO4 B 2 .   ? -10.020 0.736   3.533   0.58 18.61 ? 201 SO4 A O4  1 
HETATM 915  S S   A SO4 C 2 .   ? -11.115 0.730   -6.400  0.50 8.50  ? 202 SO4 A S   1 
HETATM 916  S S   B SO4 C 2 .   ? -10.629 1.563   -7.176  0.50 14.56 ? 202 SO4 A S   1 
HETATM 917  O O1  A SO4 C 2 .   ? -11.366 -0.189  -7.497  0.50 9.76  ? 202 SO4 A O1  1 
HETATM 918  O O1  B SO4 C 2 .   ? -10.925 0.530   -8.205  0.50 12.29 ? 202 SO4 A O1  1 
HETATM 919  O O2  A SO4 C 2 .   ? -10.251 0.078   -5.450  0.50 9.02  ? 202 SO4 A O2  1 
HETATM 920  O O2  B SO4 C 2 .   ? -9.668  1.006   -6.217  0.50 13.13 ? 202 SO4 A O2  1 
HETATM 921  O O3  A SO4 C 2 .   ? -12.337 1.144   -5.680  0.50 9.47  ? 202 SO4 A O3  1 
HETATM 922  O O3  B SO4 C 2 .   ? -11.859 1.878   -6.430  0.50 12.63 ? 202 SO4 A O3  1 
HETATM 923  O O4  A SO4 C 2 .   ? -10.313 1.890   -6.898  0.50 8.97  ? 202 SO4 A O4  1 
HETATM 924  O O4  B SO4 C 2 .   ? -10.087 2.806   -7.726  0.50 15.04 ? 202 SO4 A O4  1 
HETATM 925  S S   A SO4 D 2 .   ? -8.081  -2.700  15.916  0.50 28.12 ? 203 SO4 A S   1 
HETATM 926  S S   B SO4 D 2 .   ? -6.062  -2.937  15.514  0.50 34.38 ? 203 SO4 A S   1 
HETATM 927  O O1  A SO4 D 2 .   ? -7.542  -4.056  15.694  0.50 27.04 ? 203 SO4 A O1  1 
HETATM 928  O O1  B SO4 D 2 .   ? -5.112  -3.703  14.676  0.50 33.42 ? 203 SO4 A O1  1 
HETATM 929  O O2  A SO4 D 2 .   ? -8.632  -2.136  14.633  0.50 25.42 ? 203 SO4 A O2  1 
HETATM 930  O O2  B SO4 D 2 .   ? -6.776  -1.946  14.678  0.50 33.32 ? 203 SO4 A O2  1 
HETATM 931  O O3  A SO4 D 2 .   ? -9.164  -2.725  16.929  0.50 25.74 ? 203 SO4 A O3  1 
HETATM 932  O O3  B SO4 D 2 .   ? -7.024  -3.874  16.129  0.50 33.11 ? 203 SO4 A O3  1 
HETATM 933  O O4  A SO4 D 2 .   ? -6.968  -1.856  16.371  0.50 27.23 ? 203 SO4 A O4  1 
HETATM 934  O O4  B SO4 D 2 .   ? -5.312  -2.257  16.599  0.50 35.51 ? 203 SO4 A O4  1 
HETATM 935  O O   . HOH E 3 .   ? -8.814  -1.379  1.616   0.42 12.77 ? 301 HOH A O   1 
HETATM 936  O O   . HOH E 3 .   ? -17.074 4.001   2.008   0.50 28.06 ? 302 HOH A O   1 
HETATM 937  O O   . HOH E 3 .   ? -9.327  -10.639 -11.137 1.00 20.22 ? 303 HOH A O   1 
HETATM 938  O O   . HOH E 3 .   ? 4.509   -10.307 13.038  1.00 35.33 ? 304 HOH A O   1 
HETATM 939  O O   . HOH E 3 .   ? -5.271  -0.477  18.090  1.00 36.51 ? 305 HOH A O   1 
HETATM 940  O O   A HOH E 3 .   ? -13.217 -1.206  -4.757  0.50 15.65 ? 306 HOH A O   1 
HETATM 941  O O   B HOH E 3 .   ? -12.107 -0.482  -3.028  0.50 19.00 ? 306 HOH A O   1 
HETATM 942  O O   . HOH E 3 .   ? -3.872  -1.269  0.091   1.00 27.49 ? 307 HOH A O   1 
HETATM 943  O O   . HOH E 3 .   ? -6.209  7.252   12.310  1.00 36.18 ? 308 HOH A O   1 
HETATM 944  O O   . HOH E 3 .   ? -5.718  1.860   -4.753  1.00 25.51 ? 309 HOH A O   1 
HETATM 945  O O   . HOH E 3 .   ? -8.112  1.844   -4.490  1.00 37.95 ? 310 HOH A O   1 
HETATM 946  O O   . HOH E 3 .   ? 5.696   2.297   -8.144  1.00 25.73 ? 311 HOH A O   1 
HETATM 947  O O   . HOH E 3 .   ? 0.505   -6.673  -10.210 1.00 26.54 ? 312 HOH A O   1 
HETATM 948  O O   . HOH E 3 .   ? 0.244   -15.247 11.217  1.00 32.89 ? 313 HOH A O   1 
HETATM 949  O O   . HOH E 3 .   ? -8.948  -11.942 0.836   1.00 29.73 ? 314 HOH A O   1 
HETATM 950  O O   . HOH E 3 .   ? 17.381  -5.316  11.175  1.00 21.95 ? 315 HOH A O   1 
HETATM 951  O O   . HOH E 3 .   ? -1.144  7.798   7.458   1.00 20.44 ? 316 HOH A O   1 
HETATM 952  O O   . HOH E 3 .   ? -16.536 -1.784  -12.066 1.00 19.27 ? 317 HOH A O   1 
HETATM 953  O O   . HOH E 3 .   ? -13.541 -5.161  -14.798 1.00 40.90 ? 318 HOH A O   1 
HETATM 954  O O   . HOH E 3 .   ? 13.346  9.180   7.657   1.00 36.68 ? 319 HOH A O   1 
HETATM 955  O O   . HOH E 3 .   ? 9.550   -3.912  15.437  1.00 17.24 ? 320 HOH A O   1 
HETATM 956  O O   A HOH E 3 .   ? -13.737 -15.530 2.674   0.50 30.37 ? 321 HOH A O   1 
HETATM 957  O O   B HOH E 3 .   ? -13.252 -15.989 4.156   0.50 25.69 ? 321 HOH A O   1 
HETATM 958  O O   . HOH E 3 .   ? -3.004  -4.903  16.374  1.00 17.70 ? 322 HOH A O   1 
HETATM 959  O O   . HOH E 3 .   ? 4.223   7.676   -11.187 1.00 34.62 ? 323 HOH A O   1 
HETATM 960  O O   . HOH E 3 .   ? 13.010  10.233  3.963   1.00 23.51 ? 324 HOH A O   1 
HETATM 961  O O   . HOH E 3 .   ? 3.751   11.007  -9.180  1.00 28.17 ? 325 HOH A O   1 
HETATM 962  O O   A HOH E 3 .   ? 0.482   5.880   -15.626 0.50 12.71 ? 326 HOH A O   1 
HETATM 963  O O   B HOH E 3 .   ? 0.854   7.078   -15.621 0.50 11.89 ? 326 HOH A O   1 
HETATM 964  O O   . HOH E 3 .   ? 6.065   -12.683 -6.428  1.00 24.93 ? 327 HOH A O   1 
HETATM 965  O O   . HOH E 3 .   ? -5.205  0.769   12.110  1.00 23.49 ? 328 HOH A O   1 
HETATM 966  O O   . HOH E 3 .   ? -4.248  4.222   3.288   1.00 21.93 ? 329 HOH A O   1 
HETATM 967  O O   . HOH E 3 .   ? 17.908  2.320   9.681   1.00 38.54 ? 330 HOH A O   1 
HETATM 968  O O   . HOH E 3 .   ? 13.026  10.673  -0.010  1.00 28.46 ? 331 HOH A O   1 
HETATM 969  O O   . HOH E 3 .   ? -2.201  -13.762 12.514  1.00 32.44 ? 332 HOH A O   1 
HETATM 970  O O   A HOH E 3 .   ? -6.361  10.471  -14.129 0.50 10.61 ? 333 HOH A O   1 
HETATM 971  O O   B HOH E 3 .   ? -7.584  10.481  -13.550 0.50 14.96 ? 333 HOH A O   1 
HETATM 972  O O   . HOH E 3 .   ? -2.877  -13.846 2.815   1.00 21.64 ? 334 HOH A O   1 
HETATM 973  O O   . HOH E 3 .   ? 7.034   0.448   -1.238  1.00 23.26 ? 335 HOH A O   1 
HETATM 974  O O   . HOH E 3 .   ? 8.442   11.851  1.967   1.00 20.74 ? 336 HOH A O   1 
HETATM 975  O O   . HOH E 3 .   ? -8.465  4.347   -12.930 1.00 34.67 ? 337 HOH A O   1 
HETATM 976  O O   . HOH E 3 .   ? 4.643   18.207  -0.524  1.00 33.80 ? 338 HOH A O   1 
HETATM 977  O O   . HOH E 3 .   ? -10.298 -11.904 7.901   1.00 34.06 ? 339 HOH A O   1 
HETATM 978  O O   . HOH E 3 .   ? 7.403   5.659   -10.816 1.00 40.93 ? 340 HOH A O   1 
HETATM 979  O O   . HOH E 3 .   ? -11.361 -7.701  7.420   1.00 28.43 ? 341 HOH A O   1 
HETATM 980  O O   . HOH E 3 .   ? 14.953  2.638   1.901   1.00 28.14 ? 342 HOH A O   1 
HETATM 981  O O   . HOH E 3 .   ? 15.711  1.150   11.776  1.00 49.29 ? 343 HOH A O   1 
HETATM 982  O O   . HOH E 3 .   ? -14.273 -13.191 4.854   1.00 52.61 ? 344 HOH A O   1 
HETATM 983  O O   . HOH E 3 .   ? 2.338   1.977   13.829  1.00 29.15 ? 345 HOH A O   1 
HETATM 984  O O   . HOH E 3 .   ? 5.030   -1.736  14.422  1.00 31.39 ? 346 HOH A O   1 
HETATM 985  O O   . HOH E 3 .   ? 13.316  -2.773  -0.681  1.00 31.33 ? 347 HOH A O   1 
HETATM 986  O O   . HOH E 3 .   ? 5.033   -3.002  -12.578 1.00 24.22 ? 348 HOH A O   1 
HETATM 987  O O   . HOH E 3 .   ? 11.722  -6.458  -2.551  1.00 21.47 ? 349 HOH A O   1 
HETATM 988  O O   . HOH E 3 .   ? 9.241   -7.488  4.031   1.00 26.73 ? 350 HOH A O   1 
HETATM 989  O O   . HOH E 3 .   ? -0.790  -14.714 -3.043  1.00 27.72 ? 351 HOH A O   1 
HETATM 990  O O   . HOH E 3 .   ? -15.013 -3.593  5.597   1.00 15.46 ? 352 HOH A O   1 
HETATM 991  O O   . HOH E 3 .   ? -12.303 -2.221  -9.034  1.00 17.33 ? 353 HOH A O   1 
HETATM 992  O O   . HOH E 3 .   ? 3.017   -15.791 -5.105  1.00 37.65 ? 354 HOH A O   1 
HETATM 993  O O   . HOH E 3 .   ? -9.072  -2.959  -0.085  1.00 24.65 ? 355 HOH A O   1 
HETATM 994  O O   . HOH E 3 .   ? 3.877   16.073  -3.868  1.00 19.53 ? 356 HOH A O   1 
HETATM 995  O O   . HOH E 3 .   ? 6.558   -10.342 4.761   1.00 27.64 ? 357 HOH A O   1 
HETATM 996  O O   . HOH E 3 .   ? -6.579  -3.497  -0.783  1.00 44.85 ? 358 HOH A O   1 
HETATM 997  O O   . HOH E 3 .   ? 12.313  2.355   -0.970  1.00 24.92 ? 359 HOH A O   1 
HETATM 998  O O   . HOH E 3 .   ? 1.513   5.459   13.742  1.00 18.05 ? 360 HOH A O   1 
HETATM 999  O O   A HOH E 3 .   ? 7.934   -0.486  -7.560  0.50 15.71 ? 361 HOH A O   1 
HETATM 1000 O O   B HOH E 3 .   ? 9.437   -0.244  -6.369  0.50 21.34 ? 361 HOH A O   1 
HETATM 1001 O O   . HOH E 3 .   ? -12.867 -6.565  4.937   1.00 31.44 ? 362 HOH A O   1 
HETATM 1002 O O   . HOH E 3 .   ? -7.361  5.692   8.370   1.00 25.46 ? 363 HOH A O   1 
HETATM 1003 O O   . HOH E 3 .   ? -1.282  1.587   -15.068 1.00 23.27 ? 364 HOH A O   1 
HETATM 1004 O O   . HOH E 3 .   ? -6.167  6.779   -13.432 1.00 28.14 ? 365 HOH A O   1 
HETATM 1005 O O   . HOH E 3 .   ? 3.259   -14.469 -0.703  1.00 30.58 ? 366 HOH A O   1 
HETATM 1006 O O   . HOH E 3 .   ? 1.099   0.535   -12.263 1.00 19.50 ? 367 HOH A O   1 
HETATM 1007 O O   . HOH E 3 .   ? -5.457  -6.166  12.924  1.00 29.62 ? 368 HOH A O   1 
HETATM 1008 O O   . HOH E 3 .   ? 6.170   15.985  1.782   1.00 34.95 ? 369 HOH A O   1 
HETATM 1009 O O   . HOH E 3 .   ? 1.025   3.419   -6.136  1.00 13.29 ? 370 HOH A O   1 
HETATM 1010 O O   . HOH E 3 .   ? -1.978  0.896   -18.609 1.00 34.01 ? 371 HOH A O   1 
HETATM 1011 O O   . HOH E 3 .   ? -7.750  4.659   -16.934 1.00 21.55 ? 372 HOH A O   1 
HETATM 1012 O O   . HOH E 3 .   ? -6.461  9.805   -7.183  1.00 17.31 ? 373 HOH A O   1 
HETATM 1013 O O   . HOH E 3 .   ? -1.011  -2.813  -1.000  1.00 16.18 ? 374 HOH A O   1 
HETATM 1014 O O   . HOH E 3 .   ? 4.500   -6.114  -10.691 1.00 29.93 ? 375 HOH A O   1 
HETATM 1015 O O   . HOH E 3 .   ? -17.128 -3.615  -3.804  1.00 19.70 ? 376 HOH A O   1 
HETATM 1016 O O   . HOH E 3 .   ? -4.086  -11.140 -3.592  1.00 19.72 ? 377 HOH A O   1 
HETATM 1017 O O   . HOH E 3 .   ? 4.416   7.201   -18.027 1.00 33.46 ? 378 HOH A O   1 
HETATM 1018 O O   . HOH E 3 .   ? -9.712  2.357   -15.928 1.00 25.16 ? 379 HOH A O   1 
HETATM 1019 O O   A HOH E 3 .   ? -3.424  0.237   -2.395  0.50 12.78 ? 380 HOH A O   1 
HETATM 1020 O O   B HOH E 3 .   ? -2.503  0.325   -1.580  0.50 16.30 ? 380 HOH A O   1 
HETATM 1021 O O   . HOH E 3 .   ? -18.020 0.341   4.915   1.00 22.97 ? 381 HOH A O   1 
HETATM 1022 O O   . HOH E 3 .   ? -13.191 1.346   -15.132 1.00 23.04 ? 382 HOH A O   1 
HETATM 1023 O O   . HOH E 3 .   ? 11.649  12.112  2.160   1.00 28.43 ? 383 HOH A O   1 
HETATM 1024 O O   A HOH E 3 .   ? -5.045  10.414  10.135  0.50 24.81 ? 384 HOH A O   1 
HETATM 1025 O O   B HOH E 3 .   ? -5.059  10.755  12.251  0.50 9.77  ? 384 HOH A O   1 
HETATM 1026 O O   . HOH E 3 .   ? -2.621  2.969   -2.490  1.00 16.03 ? 385 HOH A O   1 
HETATM 1027 O O   . HOH E 3 .   ? 12.498  -7.702  5.650   1.00 28.59 ? 386 HOH A O   1 
HETATM 1028 O O   . HOH E 3 .   ? 2.931   2.422   -20.017 1.00 28.47 ? 387 HOH A O   1 
HETATM 1029 O O   . HOH E 3 .   ? -7.344  8.330   -9.135  1.00 30.86 ? 388 HOH A O   1 
HETATM 1030 O O   . HOH E 3 .   ? -16.344 -8.987  -2.753  1.00 24.84 ? 389 HOH A O   1 
HETATM 1031 O O   . HOH E 3 .   ? -17.017 -12.649 3.271   1.00 31.47 ? 390 HOH A O   1 
HETATM 1032 O O   . HOH E 3 .   ? -8.612  -0.440  18.701  1.00 38.86 ? 391 HOH A O   1 
HETATM 1033 O O   . HOH E 3 .   ? -16.118 -8.918  -11.290 1.00 31.71 ? 392 HOH A O   1 
HETATM 1034 O O   . HOH E 3 .   ? 4.531   0.921   -0.416  1.00 21.81 ? 393 HOH A O   1 
HETATM 1035 O O   . HOH E 3 .   ? 3.587   9.793   16.883  1.00 21.35 ? 394 HOH A O   1 
HETATM 1036 O O   . HOH E 3 .   ? -6.516  -11.370 -5.288  1.00 21.94 ? 395 HOH A O   1 
HETATM 1037 O O   A HOH E 3 .   ? 6.713   -12.245 7.539   0.50 23.42 ? 396 HOH A O   1 
HETATM 1038 O O   B HOH E 3 .   ? 6.860   -14.171 6.689   0.50 20.63 ? 396 HOH A O   1 
HETATM 1039 O O   . HOH E 3 .   ? 2.404   -2.926  12.900  1.00 24.74 ? 397 HOH A O   1 
HETATM 1040 O O   . HOH E 3 .   ? 6.936   9.950   -6.077  1.00 30.55 ? 398 HOH A O   1 
HETATM 1041 O O   . HOH E 3 .   ? -11.494 -10.722 6.067   1.00 30.94 ? 399 HOH A O   1 
HETATM 1042 O O   . HOH E 3 .   ? -2.876  13.635  -2.317  1.00 18.95 ? 400 HOH A O   1 
HETATM 1043 O O   . HOH E 3 .   ? 9.502   3.642   -7.227  1.00 29.21 ? 401 HOH A O   1 
HETATM 1044 O O   . HOH E 3 .   ? 0.737   -3.980  -12.163 1.00 23.73 ? 402 HOH A O   1 
HETATM 1045 O O   . HOH E 3 .   ? -2.194  4.897   -0.380  1.00 15.46 ? 403 HOH A O   1 
HETATM 1046 O O   . HOH E 3 .   ? -9.619  0.177   -2.355  1.00 29.13 ? 404 HOH A O   1 
HETATM 1047 O O   . HOH E 3 .   ? -4.294  7.982   -3.109  1.00 27.85 ? 405 HOH A O   1 
HETATM 1048 O O   . HOH E 3 .   ? 1.641   14.752  -15.671 1.00 40.03 ? 406 HOH A O   1 
HETATM 1049 O O   . HOH E 3 .   ? 8.333   5.624   15.999  1.00 44.84 ? 407 HOH A O   1 
HETATM 1050 O O   . HOH E 3 .   ? -9.104  -14.851 -2.938  1.00 37.68 ? 408 HOH A O   1 
HETATM 1051 O O   . HOH E 3 .   ? -5.135  4.541   -2.684  1.00 33.63 ? 409 HOH A O   1 
HETATM 1052 O O   . HOH E 3 .   ? -6.713  0.334   -2.570  1.00 30.24 ? 410 HOH A O   1 
HETATM 1053 O O   . HOH E 3 .   ? 0.099   -13.188 2.608   1.00 42.87 ? 411 HOH A O   1 
HETATM 1054 O O   . HOH E 3 .   ? -5.756  7.634   9.652   1.00 21.58 ? 412 HOH A O   1 
HETATM 1055 O O   . HOH E 3 .   ? -3.609  -14.811 5.054   1.00 26.62 ? 413 HOH A O   1 
HETATM 1056 O O   . HOH E 3 .   ? -2.678  -6.101  13.820  1.00 15.54 ? 414 HOH A O   1 
HETATM 1057 O O   . HOH E 3 .   ? -8.445  4.603   15.284  1.00 33.05 ? 415 HOH A O   1 
HETATM 1058 O O   . HOH E 3 .   ? 8.358   -13.470 -7.645  1.00 32.48 ? 416 HOH A O   1 
HETATM 1059 O O   . HOH E 3 .   ? -11.273 -14.253 5.123   1.00 40.37 ? 417 HOH A O   1 
HETATM 1060 O O   . HOH E 3 .   ? -18.502 -5.434  -2.966  1.00 33.54 ? 418 HOH A O   1 
HETATM 1061 O O   . HOH E 3 .   ? -3.996  11.506  0.137   1.00 36.11 ? 419 HOH A O   1 
HETATM 1062 O O   . HOH E 3 .   ? 12.890  -1.316  -5.970  1.00 45.91 ? 420 HOH A O   1 
HETATM 1063 O O   . HOH E 3 .   ? -9.232  6.673   7.221   1.00 30.35 ? 421 HOH A O   1 
HETATM 1064 O O   . HOH E 3 .   ? 4.543   0.507   -15.687 1.00 30.93 ? 422 HOH A O   1 
HETATM 1065 O O   . HOH E 3 .   ? -0.520  5.781   15.399  1.00 25.38 ? 423 HOH A O   1 
HETATM 1066 O O   . HOH E 3 .   ? -7.867  -1.845  -2.082  1.00 32.82 ? 424 HOH A O   1 
HETATM 1067 O O   . HOH E 3 .   ? -11.030 0.829   15.288  1.00 28.78 ? 425 HOH A O   1 
HETATM 1068 O O   . HOH E 3 .   ? -2.459  -15.563 7.593   1.00 46.67 ? 426 HOH A O   1 
HETATM 1069 O O   . HOH E 3 .   ? -9.972  -9.325  -14.255 1.00 27.78 ? 427 HOH A O   1 
HETATM 1070 O O   . HOH E 3 .   ? -20.501 -6.779  -5.368  1.00 31.90 ? 428 HOH A O   1 
HETATM 1071 O O   . HOH E 3 .   ? 4.473   -12.590 -8.318  1.00 38.36 ? 429 HOH A O   1 
HETATM 1072 O O   . HOH E 3 .   ? -6.238  -15.835 6.467   1.00 37.09 ? 430 HOH A O   1 
HETATM 1073 O O   . HOH E 3 .   ? 14.313  -9.835  -7.364  1.00 26.84 ? 431 HOH A O   1 
HETATM 1074 O O   . HOH E 3 .   ? -1.764  -1.951  1.433   0.64 13.62 ? 432 HOH A O   1 
HETATM 1075 O O   . HOH E 3 .   ? -1.757  -4.676  -14.142 1.00 34.15 ? 433 HOH A O   1 
HETATM 1076 O O   . HOH E 3 .   ? -3.822  7.137   -0.700  1.00 22.98 ? 434 HOH A O   1 
HETATM 1077 O O   . HOH E 3 .   ? -4.371  -5.303  -13.979 1.00 31.81 ? 435 HOH A O   1 
HETATM 1078 O O   . HOH E 3 .   ? -0.302  -2.472  -14.042 1.00 37.20 ? 436 HOH A O   1 
HETATM 1079 O O   . HOH E 3 .   ? -5.587  12.707  -1.134  1.00 34.71 ? 437 HOH A O   1 
HETATM 1080 O O   . HOH E 3 .   ? 11.290  2.113   -5.644  1.00 32.97 ? 438 HOH A O   1 
HETATM 1081 O O   . HOH E 3 .   ? -6.976  -16.481 4.055   1.00 38.48 ? 439 HOH A O   1 
# 
